data_3FRY
# 
_entry.id   3FRY 
# 
_audit_conform.dict_name       mmcif_pdbx.dic 
_audit_conform.dict_version    5.397 
_audit_conform.dict_location   http://mmcif.pdb.org/dictionaries/ascii/mmcif_pdbx.dic 
# 
loop_
_database_2.database_id 
_database_2.database_code 
_database_2.pdbx_database_accession 
_database_2.pdbx_DOI 
PDB   3FRY         pdb_00003fry 10.2210/pdb3fry/pdb 
RCSB  RCSB050967   ?            ?                   
WWPDB D_1000050967 ?            ?                   
# 
loop_
_pdbx_audit_revision_history.ordinal 
_pdbx_audit_revision_history.data_content_type 
_pdbx_audit_revision_history.major_revision 
_pdbx_audit_revision_history.minor_revision 
_pdbx_audit_revision_history.revision_date 
1 'Structure model' 1 0 2010-01-12 
2 'Structure model' 1 1 2011-07-13 
3 'Structure model' 1 2 2011-11-16 
4 'Structure model' 1 3 2023-09-06 
5 'Structure model' 1 4 2024-10-16 
# 
_pdbx_audit_revision_details.ordinal             1 
_pdbx_audit_revision_details.revision_ordinal    1 
_pdbx_audit_revision_details.data_content_type   'Structure model' 
_pdbx_audit_revision_details.provider            repository 
_pdbx_audit_revision_details.type                'Initial release' 
_pdbx_audit_revision_details.description         ? 
_pdbx_audit_revision_details.details             ? 
# 
loop_
_pdbx_audit_revision_group.ordinal 
_pdbx_audit_revision_group.revision_ordinal 
_pdbx_audit_revision_group.data_content_type 
_pdbx_audit_revision_group.group 
1 2 'Structure model' 'Version format compliance' 
2 3 'Structure model' 'Atomic model'              
3 4 'Structure model' 'Data collection'           
4 4 'Structure model' 'Database references'       
5 4 'Structure model' 'Refinement description'    
6 5 'Structure model' 'Structure summary'         
# 
loop_
_pdbx_audit_revision_category.ordinal 
_pdbx_audit_revision_category.revision_ordinal 
_pdbx_audit_revision_category.data_content_type 
_pdbx_audit_revision_category.category 
1 4 'Structure model' chem_comp_atom                
2 4 'Structure model' chem_comp_bond                
3 4 'Structure model' database_2                    
4 4 'Structure model' pdbx_initial_refinement_model 
5 4 'Structure model' struct_ref_seq_dif            
6 5 'Structure model' pdbx_entry_details            
7 5 'Structure model' pdbx_modification_feature     
# 
loop_
_pdbx_audit_revision_item.ordinal 
_pdbx_audit_revision_item.revision_ordinal 
_pdbx_audit_revision_item.data_content_type 
_pdbx_audit_revision_item.item 
1 4 'Structure model' '_database_2.pdbx_DOI'                
2 4 'Structure model' '_database_2.pdbx_database_accession' 
3 4 'Structure model' '_struct_ref_seq_dif.details'         
# 
_pdbx_database_status.status_code                     REL 
_pdbx_database_status.entry_id                        3FRY 
_pdbx_database_status.recvd_initial_deposition_date   2009-01-08 
_pdbx_database_status.deposit_site                    RCSB 
_pdbx_database_status.process_site                    RCSB 
_pdbx_database_status.status_code_sf                  REL 
_pdbx_database_status.status_code_mr                  ? 
_pdbx_database_status.SG_entry                        ? 
_pdbx_database_status.pdb_format_compatible           Y 
_pdbx_database_status.status_code_cs                  ? 
_pdbx_database_status.status_code_nmr_data            ? 
_pdbx_database_status.methods_development_category    ? 
# 
loop_
_audit_author.name 
_audit_author.pdbx_ordinal 
'Agarwal, S.'      1 
'Sazinsky, M.'     2 
'Arguello, J.'     3 
'Rosenzweig, A.C.' 4 
# 
_citation.id                        primary 
_citation.title                     
'Structure and interactions of the C-terminal metal binding domain of Archaeoglobus fulgidus CopA.' 
_citation.journal_abbrev            Proteins 
_citation.journal_volume            78 
_citation.page_first                2450 
_citation.page_last                 2458 
_citation.year                      2010 
_citation.journal_id_ASTM           PSFGEY 
_citation.country                   US 
_citation.journal_id_ISSN           0887-3585 
_citation.journal_id_CSD            0867 
_citation.book_publisher            ? 
_citation.pdbx_database_id_PubMed   20602459 
_citation.pdbx_database_id_DOI      10.1002/prot.22753 
# 
loop_
_citation_author.citation_id 
_citation_author.name 
_citation_author.ordinal 
_citation_author.identifier_ORCID 
primary 'Agarwal, S.'      1 ? 
primary 'Hong, D.'         2 ? 
primary 'Desai, N.K.'      3 ? 
primary 'Sazinsky, M.H.'   4 ? 
primary 'Arguello, J.M.'   5 ? 
primary 'Rosenzweig, A.C.' 6 ? 
# 
loop_
_entity.id 
_entity.type 
_entity.src_method 
_entity.pdbx_description 
_entity.formula_weight 
_entity.pdbx_number_of_molecules 
_entity.pdbx_ec 
_entity.pdbx_mutation 
_entity.pdbx_fragment 
_entity.details 
1 polymer     man 'Probable copper-exporting P-type ATPase A' 7825.902 2  3.6.3.- ? 'C-Terminal Domain' ? 
2 non-polymer syn 'CITRIC ACID'                               192.124  1  ?       ? ?                   ? 
3 water       nat water                                       18.015   44 ?       ? ?                   ? 
# 
_entity_poly.entity_id                      1 
_entity_poly.type                           'polypeptide(L)' 
_entity_poly.nstd_linkage                   no 
_entity_poly.nstd_monomer                   no 
_entity_poly.pdbx_seq_one_letter_code       GDSVEKIVLELSGLSCHHCVARVKKALEEAGAKVEKVDLNEAVVAGNKEDVDKYIKAVEAAGYQAKLRSSAWS 
_entity_poly.pdbx_seq_one_letter_code_can   GDSVEKIVLELSGLSCHHCVARVKKALEEAGAKVEKVDLNEAVVAGNKEDVDKYIKAVEAAGYQAKLRSSAWS 
_entity_poly.pdbx_strand_id                 A,B 
_entity_poly.pdbx_target_identifier         ? 
# 
loop_
_pdbx_entity_nonpoly.entity_id 
_pdbx_entity_nonpoly.name 
_pdbx_entity_nonpoly.comp_id 
2 'CITRIC ACID' CIT 
3 water         HOH 
# 
loop_
_entity_poly_seq.entity_id 
_entity_poly_seq.num 
_entity_poly_seq.mon_id 
_entity_poly_seq.hetero 
1 1  GLY n 
1 2  ASP n 
1 3  SER n 
1 4  VAL n 
1 5  GLU n 
1 6  LYS n 
1 7  ILE n 
1 8  VAL n 
1 9  LEU n 
1 10 GLU n 
1 11 LEU n 
1 12 SER n 
1 13 GLY n 
1 14 LEU n 
1 15 SER n 
1 16 CYS n 
1 17 HIS n 
1 18 HIS n 
1 19 CYS n 
1 20 VAL n 
1 21 ALA n 
1 22 ARG n 
1 23 VAL n 
1 24 LYS n 
1 25 LYS n 
1 26 ALA n 
1 27 LEU n 
1 28 GLU n 
1 29 GLU n 
1 30 ALA n 
1 31 GLY n 
1 32 ALA n 
1 33 LYS n 
1 34 VAL n 
1 35 GLU n 
1 36 LYS n 
1 37 VAL n 
1 38 ASP n 
1 39 LEU n 
1 40 ASN n 
1 41 GLU n 
1 42 ALA n 
1 43 VAL n 
1 44 VAL n 
1 45 ALA n 
1 46 GLY n 
1 47 ASN n 
1 48 LYS n 
1 49 GLU n 
1 50 ASP n 
1 51 VAL n 
1 52 ASP n 
1 53 LYS n 
1 54 TYR n 
1 55 ILE n 
1 56 LYS n 
1 57 ALA n 
1 58 VAL n 
1 59 GLU n 
1 60 ALA n 
1 61 ALA n 
1 62 GLY n 
1 63 TYR n 
1 64 GLN n 
1 65 ALA n 
1 66 LYS n 
1 67 LEU n 
1 68 ARG n 
1 69 SER n 
1 70 SER n 
1 71 ALA n 
1 72 TRP n 
1 73 SER n 
# 
_entity_src_gen.entity_id                          1 
_entity_src_gen.pdbx_src_id                        1 
_entity_src_gen.pdbx_alt_source_flag               sample 
_entity_src_gen.pdbx_seq_type                      ? 
_entity_src_gen.pdbx_beg_seq_num                   ? 
_entity_src_gen.pdbx_end_seq_num                   ? 
_entity_src_gen.gene_src_common_name               ? 
_entity_src_gen.gene_src_genus                     ? 
_entity_src_gen.pdbx_gene_src_gene                 'AF_0473, copA, pacS' 
_entity_src_gen.gene_src_species                   ? 
_entity_src_gen.gene_src_strain                    'DSM 4304' 
_entity_src_gen.gene_src_tissue                    ? 
_entity_src_gen.gene_src_tissue_fraction           ? 
_entity_src_gen.gene_src_details                   'Strep tagged protein' 
_entity_src_gen.pdbx_gene_src_fragment             ? 
_entity_src_gen.pdbx_gene_src_scientific_name      'Archaeoglobus fulgidus' 
_entity_src_gen.pdbx_gene_src_ncbi_taxonomy_id     2234 
_entity_src_gen.pdbx_gene_src_variant              ? 
_entity_src_gen.pdbx_gene_src_cell_line            ? 
_entity_src_gen.pdbx_gene_src_atcc                 ? 
_entity_src_gen.pdbx_gene_src_organ                ? 
_entity_src_gen.pdbx_gene_src_organelle            ? 
_entity_src_gen.pdbx_gene_src_cell                 ? 
_entity_src_gen.pdbx_gene_src_cellular_location    ? 
_entity_src_gen.host_org_common_name               ? 
_entity_src_gen.pdbx_host_org_scientific_name      'Escherichia coli' 
_entity_src_gen.pdbx_host_org_ncbi_taxonomy_id     562 
_entity_src_gen.host_org_genus                     ? 
_entity_src_gen.pdbx_host_org_gene                 ? 
_entity_src_gen.pdbx_host_org_organ                ? 
_entity_src_gen.host_org_species                   ? 
_entity_src_gen.pdbx_host_org_tissue               ? 
_entity_src_gen.pdbx_host_org_tissue_fraction      ? 
_entity_src_gen.pdbx_host_org_strain               BL21 
_entity_src_gen.pdbx_host_org_variant              ? 
_entity_src_gen.pdbx_host_org_cell_line            ? 
_entity_src_gen.pdbx_host_org_atcc                 ? 
_entity_src_gen.pdbx_host_org_culture_collection   ? 
_entity_src_gen.pdbx_host_org_cell                 ? 
_entity_src_gen.pdbx_host_org_organelle            ? 
_entity_src_gen.pdbx_host_org_cellular_location    ? 
_entity_src_gen.pdbx_host_org_vector_type          Plasmid 
_entity_src_gen.pdbx_host_org_vector               ? 
_entity_src_gen.host_org_details                   ? 
_entity_src_gen.expression_system_id               ? 
_entity_src_gen.plasmid_name                       pPR-IBA1 
_entity_src_gen.plasmid_details                    ? 
_entity_src_gen.pdbx_description                   ? 
# 
loop_
_chem_comp.id 
_chem_comp.type 
_chem_comp.mon_nstd_flag 
_chem_comp.name 
_chem_comp.pdbx_synonyms 
_chem_comp.formula 
_chem_comp.formula_weight 
ALA 'L-peptide linking' y ALANINE         ? 'C3 H7 N O2'     89.093  
ARG 'L-peptide linking' y ARGININE        ? 'C6 H15 N4 O2 1' 175.209 
ASN 'L-peptide linking' y ASPARAGINE      ? 'C4 H8 N2 O3'    132.118 
ASP 'L-peptide linking' y 'ASPARTIC ACID' ? 'C4 H7 N O4'     133.103 
CIT non-polymer         . 'CITRIC ACID'   ? 'C6 H8 O7'       192.124 
CYS 'L-peptide linking' y CYSTEINE        ? 'C3 H7 N O2 S'   121.158 
GLN 'L-peptide linking' y GLUTAMINE       ? 'C5 H10 N2 O3'   146.144 
GLU 'L-peptide linking' y 'GLUTAMIC ACID' ? 'C5 H9 N O4'     147.129 
GLY 'peptide linking'   y GLYCINE         ? 'C2 H5 N O2'     75.067  
HIS 'L-peptide linking' y HISTIDINE       ? 'C6 H10 N3 O2 1' 156.162 
HOH non-polymer         . WATER           ? 'H2 O'           18.015  
ILE 'L-peptide linking' y ISOLEUCINE      ? 'C6 H13 N O2'    131.173 
LEU 'L-peptide linking' y LEUCINE         ? 'C6 H13 N O2'    131.173 
LYS 'L-peptide linking' y LYSINE          ? 'C6 H15 N2 O2 1' 147.195 
SER 'L-peptide linking' y SERINE          ? 'C3 H7 N O3'     105.093 
TRP 'L-peptide linking' y TRYPTOPHAN      ? 'C11 H12 N2 O2'  204.225 
TYR 'L-peptide linking' y TYROSINE        ? 'C9 H11 N O3'    181.189 
VAL 'L-peptide linking' y VALINE          ? 'C5 H11 N O2'    117.146 
# 
loop_
_pdbx_poly_seq_scheme.asym_id 
_pdbx_poly_seq_scheme.entity_id 
_pdbx_poly_seq_scheme.seq_id 
_pdbx_poly_seq_scheme.mon_id 
_pdbx_poly_seq_scheme.ndb_seq_num 
_pdbx_poly_seq_scheme.pdb_seq_num 
_pdbx_poly_seq_scheme.auth_seq_num 
_pdbx_poly_seq_scheme.pdb_mon_id 
_pdbx_poly_seq_scheme.auth_mon_id 
_pdbx_poly_seq_scheme.pdb_strand_id 
_pdbx_poly_seq_scheme.pdb_ins_code 
_pdbx_poly_seq_scheme.hetero 
A 1 1  GLY 1  1  1  GLY GLY A . n 
A 1 2  ASP 2  2  2  ASP ASP A . n 
A 1 3  SER 3  3  3  SER SER A . n 
A 1 4  VAL 4  4  4  VAL VAL A . n 
A 1 5  GLU 5  5  5  GLU GLU A . n 
A 1 6  LYS 6  6  6  LYS LYS A . n 
A 1 7  ILE 7  7  7  ILE ILE A . n 
A 1 8  VAL 8  8  8  VAL VAL A . n 
A 1 9  LEU 9  9  9  LEU LEU A . n 
A 1 10 GLU 10 10 10 GLU GLU A . n 
A 1 11 LEU 11 11 11 LEU LEU A . n 
A 1 12 SER 12 12 12 SER SER A . n 
A 1 13 GLY 13 13 13 GLY GLY A . n 
A 1 14 LEU 14 14 14 LEU LEU A . n 
A 1 15 SER 15 15 15 SER SER A . n 
A 1 16 CYS 16 16 16 CYS CYS A . n 
A 1 17 HIS 17 17 17 HIS HIS A . n 
A 1 18 HIS 18 18 18 HIS HIS A . n 
A 1 19 CYS 19 19 19 CYS CYS A . n 
A 1 20 VAL 20 20 20 VAL VAL A . n 
A 1 21 ALA 21 21 21 ALA ALA A . n 
A 1 22 ARG 22 22 22 ARG ARG A . n 
A 1 23 VAL 23 23 23 VAL VAL A . n 
A 1 24 LYS 24 24 24 LYS LYS A . n 
A 1 25 LYS 25 25 25 LYS LYS A . n 
A 1 26 ALA 26 26 26 ALA ALA A . n 
A 1 27 LEU 27 27 27 LEU LEU A . n 
A 1 28 GLU 28 28 28 GLU GLU A . n 
A 1 29 GLU 29 29 29 GLU GLU A . n 
A 1 30 ALA 30 30 30 ALA ALA A . n 
A 1 31 GLY 31 31 31 GLY GLY A . n 
A 1 32 ALA 32 32 32 ALA ALA A . n 
A 1 33 LYS 33 33 33 LYS LYS A . n 
A 1 34 VAL 34 34 34 VAL VAL A . n 
A 1 35 GLU 35 35 35 GLU GLU A . n 
A 1 36 LYS 36 36 36 LYS LYS A . n 
A 1 37 VAL 37 37 37 VAL VAL A . n 
A 1 38 ASP 38 38 38 ASP ASP A . n 
A 1 39 LEU 39 39 39 LEU LEU A . n 
A 1 40 ASN 40 40 40 ASN ASN A . n 
A 1 41 GLU 41 41 41 GLU GLU A . n 
A 1 42 ALA 42 42 42 ALA ALA A . n 
A 1 43 VAL 43 43 43 VAL VAL A . n 
A 1 44 VAL 44 44 44 VAL VAL A . n 
A 1 45 ALA 45 45 45 ALA ALA A . n 
A 1 46 GLY 46 46 46 GLY GLY A . n 
A 1 47 ASN 47 47 47 ASN ASN A . n 
A 1 48 LYS 48 48 48 LYS LYS A . n 
A 1 49 GLU 49 49 49 GLU GLU A . n 
A 1 50 ASP 50 50 50 ASP ASP A . n 
A 1 51 VAL 51 51 51 VAL VAL A . n 
A 1 52 ASP 52 52 52 ASP ASP A . n 
A 1 53 LYS 53 53 53 LYS LYS A . n 
A 1 54 TYR 54 54 54 TYR TYR A . n 
A 1 55 ILE 55 55 55 ILE ILE A . n 
A 1 56 LYS 56 56 56 LYS LYS A . n 
A 1 57 ALA 57 57 57 ALA ALA A . n 
A 1 58 VAL 58 58 58 VAL VAL A . n 
A 1 59 GLU 59 59 59 GLU GLU A . n 
A 1 60 ALA 60 60 60 ALA ALA A . n 
A 1 61 ALA 61 61 61 ALA ALA A . n 
A 1 62 GLY 62 62 62 GLY GLY A . n 
A 1 63 TYR 63 63 63 TYR TYR A . n 
A 1 64 GLN 64 64 64 GLN GLN A . n 
A 1 65 ALA 65 65 65 ALA ALA A . n 
A 1 66 LYS 66 66 66 LYS LYS A . n 
A 1 67 LEU 67 67 67 LEU LEU A . n 
A 1 68 ARG 68 68 68 ARG ARG A . n 
A 1 69 SER 69 69 69 SER SER A . n 
A 1 70 SER 70 70 70 SER SER A . n 
A 1 71 ALA 71 71 71 ALA ALA A . n 
A 1 72 TRP 72 72 72 TRP TRP A . n 
A 1 73 SER 73 73 73 SER SER A . n 
B 1 1  GLY 1  1  ?  ?   ?   B . n 
B 1 2  ASP 2  2  2  ASP ASP B . n 
B 1 3  SER 3  3  3  SER SER B . n 
B 1 4  VAL 4  4  4  VAL VAL B . n 
B 1 5  GLU 5  5  5  GLU GLU B . n 
B 1 6  LYS 6  6  6  LYS LYS B . n 
B 1 7  ILE 7  7  7  ILE ILE B . n 
B 1 8  VAL 8  8  8  VAL VAL B . n 
B 1 9  LEU 9  9  9  LEU LEU B . n 
B 1 10 GLU 10 10 10 GLU GLU B . n 
B 1 11 LEU 11 11 11 LEU LEU B . n 
B 1 12 SER 12 12 12 SER SER B . n 
B 1 13 GLY 13 13 13 GLY GLY B . n 
B 1 14 LEU 14 14 14 LEU LEU B . n 
B 1 15 SER 15 15 15 SER SER B . n 
B 1 16 CYS 16 16 16 CYS CYS B . n 
B 1 17 HIS 17 17 17 HIS HIS B . n 
B 1 18 HIS 18 18 18 HIS HIS B . n 
B 1 19 CYS 19 19 19 CYS CYS B . n 
B 1 20 VAL 20 20 20 VAL VAL B . n 
B 1 21 ALA 21 21 21 ALA ALA B . n 
B 1 22 ARG 22 22 22 ARG ARG B . n 
B 1 23 VAL 23 23 23 VAL VAL B . n 
B 1 24 LYS 24 24 24 LYS LYS B . n 
B 1 25 LYS 25 25 25 LYS LYS B . n 
B 1 26 ALA 26 26 26 ALA ALA B . n 
B 1 27 LEU 27 27 27 LEU LEU B . n 
B 1 28 GLU 28 28 28 GLU GLU B . n 
B 1 29 GLU 29 29 29 GLU GLU B . n 
B 1 30 ALA 30 30 30 ALA ALA B . n 
B 1 31 GLY 31 31 31 GLY GLY B . n 
B 1 32 ALA 32 32 32 ALA ALA B . n 
B 1 33 LYS 33 33 33 LYS LYS B . n 
B 1 34 VAL 34 34 34 VAL VAL B . n 
B 1 35 GLU 35 35 35 GLU GLU B . n 
B 1 36 LYS 36 36 36 LYS LYS B . n 
B 1 37 VAL 37 37 37 VAL VAL B . n 
B 1 38 ASP 38 38 38 ASP ASP B . n 
B 1 39 LEU 39 39 39 LEU LEU B . n 
B 1 40 ASN 40 40 40 ASN ASN B . n 
B 1 41 GLU 41 41 41 GLU GLU B . n 
B 1 42 ALA 42 42 42 ALA ALA B . n 
B 1 43 VAL 43 43 43 VAL VAL B . n 
B 1 44 VAL 44 44 44 VAL VAL B . n 
B 1 45 ALA 45 45 45 ALA ALA B . n 
B 1 46 GLY 46 46 46 GLY GLY B . n 
B 1 47 ASN 47 47 47 ASN ASN B . n 
B 1 48 LYS 48 48 48 LYS LYS B . n 
B 1 49 GLU 49 49 49 GLU GLU B . n 
B 1 50 ASP 50 50 50 ASP ASP B . n 
B 1 51 VAL 51 51 51 VAL VAL B . n 
B 1 52 ASP 52 52 52 ASP ASP B . n 
B 1 53 LYS 53 53 53 LYS LYS B . n 
B 1 54 TYR 54 54 54 TYR TYR B . n 
B 1 55 ILE 55 55 55 ILE ILE B . n 
B 1 56 LYS 56 56 56 LYS LYS B . n 
B 1 57 ALA 57 57 57 ALA ALA B . n 
B 1 58 VAL 58 58 58 VAL VAL B . n 
B 1 59 GLU 59 59 59 GLU GLU B . n 
B 1 60 ALA 60 60 60 ALA ALA B . n 
B 1 61 ALA 61 61 61 ALA ALA B . n 
B 1 62 GLY 62 62 62 GLY GLY B . n 
B 1 63 TYR 63 63 63 TYR TYR B . n 
B 1 64 GLN 64 64 64 GLN GLN B . n 
B 1 65 ALA 65 65 65 ALA ALA B . n 
B 1 66 LYS 66 66 66 LYS LYS B . n 
B 1 67 LEU 67 67 67 LEU LEU B . n 
B 1 68 ARG 68 68 68 ARG ARG B . n 
B 1 69 SER 69 69 69 SER SER B . n 
B 1 70 SER 70 70 70 SER SER B . n 
B 1 71 ALA 71 71 71 ALA ALA B . n 
B 1 72 TRP 72 72 72 TRP TRP B . n 
B 1 73 SER 73 73 73 SER SER B . n 
# 
loop_
_pdbx_nonpoly_scheme.asym_id 
_pdbx_nonpoly_scheme.entity_id 
_pdbx_nonpoly_scheme.mon_id 
_pdbx_nonpoly_scheme.ndb_seq_num 
_pdbx_nonpoly_scheme.pdb_seq_num 
_pdbx_nonpoly_scheme.auth_seq_num 
_pdbx_nonpoly_scheme.pdb_mon_id 
_pdbx_nonpoly_scheme.auth_mon_id 
_pdbx_nonpoly_scheme.pdb_strand_id 
_pdbx_nonpoly_scheme.pdb_ins_code 
C 2 CIT 1  2324 2324 CIT CIT A . 
D 3 HOH 1  74   4    HOH HOH A . 
D 3 HOH 2  75   5    HOH HOH A . 
D 3 HOH 3  76   7    HOH HOH A . 
D 3 HOH 4  77   8    HOH HOH A . 
D 3 HOH 5  78   9    HOH HOH A . 
D 3 HOH 6  79   11   HOH HOH A . 
D 3 HOH 7  80   12   HOH HOH A . 
D 3 HOH 8  81   14   HOH HOH A . 
D 3 HOH 9  82   15   HOH HOH A . 
D 3 HOH 10 83   17   HOH HOH A . 
D 3 HOH 11 84   19   HOH HOH A . 
D 3 HOH 12 85   20   HOH HOH A . 
D 3 HOH 13 86   21   HOH HOH A . 
D 3 HOH 14 87   22   HOH HOH A . 
D 3 HOH 15 88   23   HOH HOH A . 
D 3 HOH 16 89   25   HOH HOH A . 
D 3 HOH 17 90   26   HOH HOH A . 
D 3 HOH 18 91   27   HOH HOH A . 
D 3 HOH 19 92   28   HOH HOH A . 
D 3 HOH 20 93   29   HOH HOH A . 
D 3 HOH 21 94   31   HOH HOH A . 
D 3 HOH 22 95   32   HOH HOH A . 
D 3 HOH 23 96   34   HOH HOH A . 
D 3 HOH 24 97   35   HOH HOH A . 
D 3 HOH 25 98   36   HOH HOH A . 
D 3 HOH 26 99   37   HOH HOH A . 
D 3 HOH 27 100  39   HOH HOH A . 
D 3 HOH 28 101  40   HOH HOH A . 
D 3 HOH 29 102  41   HOH HOH A . 
D 3 HOH 30 103  43   HOH HOH A . 
D 3 HOH 31 104  45   HOH HOH A . 
E 3 HOH 1  74   1    HOH HOH B . 
E 3 HOH 2  75   2    HOH HOH B . 
E 3 HOH 3  76   3    HOH HOH B . 
E 3 HOH 4  77   6    HOH HOH B . 
E 3 HOH 5  78   10   HOH HOH B . 
E 3 HOH 6  79   13   HOH HOH B . 
E 3 HOH 7  80   16   HOH HOH B . 
E 3 HOH 8  81   18   HOH HOH B . 
E 3 HOH 9  82   24   HOH HOH B . 
E 3 HOH 10 83   30   HOH HOH B . 
E 3 HOH 11 84   38   HOH HOH B . 
E 3 HOH 12 85   42   HOH HOH B . 
E 3 HOH 13 86   44   HOH HOH B . 
# 
loop_
_software.name 
_software.classification 
_software.version 
_software.citation_id 
_software.pdbx_ordinal 
CNS      refinement       . ? 1 
HKL-2000 'data reduction' . ? 2 
HKL-2000 'data scaling'   . ? 3 
# 
_cell.entry_id           3FRY 
_cell.length_a           40.131 
_cell.length_b           35.989 
_cell.length_c           51.262 
_cell.angle_alpha        90.00 
_cell.angle_beta         104.89 
_cell.angle_gamma        90.00 
_cell.Z_PDB              4 
_cell.pdbx_unique_axis   ? 
_cell.length_a_esd       ? 
_cell.length_b_esd       ? 
_cell.length_c_esd       ? 
_cell.angle_alpha_esd    ? 
_cell.angle_beta_esd     ? 
_cell.angle_gamma_esd    ? 
# 
_symmetry.entry_id                         3FRY 
_symmetry.space_group_name_H-M             'P 1 2 1' 
_symmetry.pdbx_full_space_group_name_H-M   ? 
_symmetry.cell_setting                     ? 
_symmetry.Int_Tables_number                3 
_symmetry.space_group_name_Hall            ? 
# 
_exptl.entry_id          3FRY 
_exptl.method            'X-RAY DIFFRACTION' 
_exptl.crystals_number   1 
# 
_exptl_crystal.id                    1 
_exptl_crystal.density_meas          ? 
_exptl_crystal.density_Matthews      2.29 
_exptl_crystal.density_percent_sol   46.19 
_exptl_crystal.description           ? 
_exptl_crystal.F_000                 ? 
_exptl_crystal.preparation           ? 
# 
_exptl_crystal_grow.crystal_id      1 
_exptl_crystal_grow.method          ? 
_exptl_crystal_grow.temp            298.0 
_exptl_crystal_grow.temp_details    ? 
_exptl_crystal_grow.pH              4.5 
_exptl_crystal_grow.pdbx_pH_range   ? 
_exptl_crystal_grow.pdbx_details    '0.1M citrate, 30% PEG-6000, pH 4.5, VAPOR DIFFUSION, SITTING DROP, temperature 298.0K' 
# 
_diffrn.id                     1 
_diffrn.ambient_temp           298.0 
_diffrn.ambient_temp_details   ? 
_diffrn.crystal_id             1 
# 
_diffrn_detector.diffrn_id              1 
_diffrn_detector.detector               CCD 
_diffrn_detector.type                   'MARMOSAIC 225 mm CCD' 
_diffrn_detector.pdbx_collection_date   2007-10-12 
_diffrn_detector.details                ? 
# 
_diffrn_radiation.diffrn_id                        1 
_diffrn_radiation.wavelength_id                    1 
_diffrn_radiation.pdbx_monochromatic_or_laue_m_l   M 
_diffrn_radiation.monochromator                    ? 
_diffrn_radiation.pdbx_diffrn_protocol             'SINGLE WAVELENGTH' 
_diffrn_radiation.pdbx_scattering_type             x-ray 
# 
_diffrn_radiation_wavelength.id           1 
_diffrn_radiation_wavelength.wavelength   1.37757 
_diffrn_radiation_wavelength.wt           1.0 
# 
_diffrn_source.diffrn_id                   1 
_diffrn_source.source                      SYNCHROTRON 
_diffrn_source.type                        'APS BEAMLINE 23-ID-D' 
_diffrn_source.pdbx_synchrotron_site       APS 
_diffrn_source.pdbx_synchrotron_beamline   23-ID-D 
_diffrn_source.pdbx_wavelength             1.37757 
_diffrn_source.pdbx_wavelength_list        ? 
# 
_reflns.entry_id                     3FRY 
_reflns.observed_criterion_sigma_I   ? 
_reflns.observed_criterion_sigma_F   ? 
_reflns.d_resolution_low             30.000 
_reflns.d_resolution_high            2.000 
_reflns.number_obs                   9568 
_reflns.number_all                   ? 
_reflns.percent_possible_obs         97.3 
_reflns.pdbx_Rmerge_I_obs            ? 
_reflns.pdbx_Rsym_value              0.07600 
_reflns.pdbx_netI_over_sigmaI        ? 
_reflns.B_iso_Wilson_estimate        ? 
_reflns.pdbx_redundancy              6.500 
_reflns.R_free_details               ? 
_reflns.limit_h_max                  ? 
_reflns.limit_h_min                  ? 
_reflns.limit_k_max                  ? 
_reflns.limit_k_min                  ? 
_reflns.limit_l_max                  ? 
_reflns.limit_l_min                  ? 
_reflns.observed_criterion_F_max     ? 
_reflns.observed_criterion_F_min     ? 
_reflns.pdbx_chi_squared             ? 
_reflns.pdbx_scaling_rejects         ? 
_reflns.pdbx_diffrn_id               1 
_reflns.pdbx_ordinal                 1 
# 
_refine.entry_id                                 3FRY 
_refine.ls_number_reflns_obs                     9568 
_refine.ls_number_reflns_all                     ? 
_refine.pdbx_ls_sigma_I                          ? 
_refine.pdbx_ls_sigma_F                          ? 
_refine.pdbx_data_cutoff_high_absF               ? 
_refine.pdbx_data_cutoff_low_absF                ? 
_refine.pdbx_data_cutoff_high_rms_absF           ? 
_refine.ls_d_res_low                             27.32 
_refine.ls_d_res_high                            2.00 
_refine.ls_percent_reflns_obs                    97.3 
_refine.ls_R_factor_obs                          0.222 
_refine.ls_R_factor_all                          ? 
_refine.ls_R_factor_R_work                       0.222 
_refine.ls_R_factor_R_free                       0.238 
_refine.ls_R_factor_R_free_error                 ? 
_refine.ls_R_factor_R_free_error_details         ? 
_refine.ls_percent_reflns_R_free                 ? 
_refine.ls_number_reflns_R_free                  ? 
_refine.ls_number_parameters                     ? 
_refine.ls_number_restraints                     ? 
_refine.occupancy_min                            ? 
_refine.occupancy_max                            ? 
_refine.correlation_coeff_Fo_to_Fc               ? 
_refine.correlation_coeff_Fo_to_Fc_free          ? 
_refine.B_iso_mean                               27.90 
_refine.aniso_B[1][1]                            4.486 
_refine.aniso_B[2][2]                            -1.306 
_refine.aniso_B[3][3]                            -3.180 
_refine.aniso_B[1][2]                            0.00 
_refine.aniso_B[1][3]                            -0.498 
_refine.aniso_B[2][3]                            0.000 
_refine.solvent_model_details                    ? 
_refine.solvent_model_param_ksol                 ? 
_refine.solvent_model_param_bsol                 ? 
_refine.pdbx_solvent_vdw_probe_radii             ? 
_refine.pdbx_solvent_ion_probe_radii             ? 
_refine.pdbx_solvent_shrinkage_radii             ? 
_refine.pdbx_ls_cross_valid_method               ? 
_refine.details                                  ? 
_refine.pdbx_starting_model                      'PDB ENTRY 1OSD' 
_refine.pdbx_method_to_determine_struct          'MOLECULAR REPLACEMENT' 
_refine.pdbx_isotropic_thermal_model             ? 
_refine.pdbx_stereochemistry_target_values       ? 
_refine.pdbx_stereochem_target_val_spec_case     ? 
_refine.pdbx_R_Free_selection_details            RANDOM 
_refine.pdbx_overall_ESU_R_Free                  ? 
_refine.overall_SU_ML                            ? 
_refine.pdbx_overall_phase_error                 ? 
_refine.overall_SU_B                             ? 
_refine.pdbx_refine_id                           'X-RAY DIFFRACTION' 
_refine.ls_redundancy_reflns_obs                 ? 
_refine.B_iso_min                                ? 
_refine.B_iso_max                                ? 
_refine.overall_SU_R_Cruickshank_DPI             ? 
_refine.overall_SU_R_free                        ? 
_refine.ls_wR_factor_R_free                      ? 
_refine.ls_wR_factor_R_work                      ? 
_refine.overall_FOM_free_R_set                   ? 
_refine.overall_FOM_work_R_set                   ? 
_refine.pdbx_overall_ESU_R                       ? 
_refine.pdbx_diffrn_id                           1 
_refine.pdbx_TLS_residual_ADP_flag               ? 
_refine.pdbx_overall_SU_R_free_Cruickshank_DPI   ? 
_refine.pdbx_overall_SU_R_Blow_DPI               ? 
_refine.pdbx_overall_SU_R_free_Blow_DPI          ? 
# 
_refine_hist.pdbx_refine_id                   'X-RAY DIFFRACTION' 
_refine_hist.cycle_id                         LAST 
_refine_hist.pdbx_number_atoms_protein        1092 
_refine_hist.pdbx_number_atoms_nucleic_acid   0 
_refine_hist.pdbx_number_atoms_ligand         13 
_refine_hist.number_atoms_solvent             44 
_refine_hist.number_atoms_total               1149 
_refine_hist.d_res_high                       2.00 
_refine_hist.d_res_low                        27.32 
# 
loop_
_refine_ls_restr.type 
_refine_ls_restr.dev_ideal 
_refine_ls_restr.dev_ideal_target 
_refine_ls_restr.weight 
_refine_ls_restr.number 
_refine_ls_restr.pdbx_refine_id 
_refine_ls_restr.pdbx_restraint_function 
c_bond_d                ?     ?   ? ? 'X-RAY DIFFRACTION' ? 
c_bond_d_na             ?     ?   ? ? 'X-RAY DIFFRACTION' ? 
c_bond_d_prot           ?     ?   ? ? 'X-RAY DIFFRACTION' ? 
c_angle_d               ?     ?   ? ? 'X-RAY DIFFRACTION' ? 
c_angle_d_na            ?     ?   ? ? 'X-RAY DIFFRACTION' ? 
c_angle_d_prot          ?     ?   ? ? 'X-RAY DIFFRACTION' ? 
c_angle_deg             ?     ?   ? ? 'X-RAY DIFFRACTION' ? 
c_angle_deg_na          ?     ?   ? ? 'X-RAY DIFFRACTION' ? 
c_angle_deg_prot        ?     ?   ? ? 'X-RAY DIFFRACTION' ? 
c_dihedral_angle_d      ?     ?   ? ? 'X-RAY DIFFRACTION' ? 
c_dihedral_angle_d_na   ?     ?   ? ? 'X-RAY DIFFRACTION' ? 
c_dihedral_angle_d_prot ?     ?   ? ? 'X-RAY DIFFRACTION' ? 
c_improper_angle_d      ?     ?   ? ? 'X-RAY DIFFRACTION' ? 
c_improper_angle_d_na   ?     ?   ? ? 'X-RAY DIFFRACTION' ? 
c_improper_angle_d_prot ?     ?   ? ? 'X-RAY DIFFRACTION' ? 
c_mcbond_it             1.487 1.5 ? ? 'X-RAY DIFFRACTION' ? 
c_mcangle_it            2.250 2.0 ? ? 'X-RAY DIFFRACTION' ? 
c_scbond_it             2.532 2.0 ? ? 'X-RAY DIFFRACTION' ? 
c_scangle_it            3.981 2.5 ? ? 'X-RAY DIFFRACTION' ? 
# 
_refine_ls_shell.pdbx_total_number_of_bins_used   ? 
_refine_ls_shell.d_res_high                       2.00 
_refine_ls_shell.d_res_low                        2.07 
_refine_ls_shell.number_reflns_R_work             ? 
_refine_ls_shell.R_factor_R_work                  ? 
_refine_ls_shell.percent_reflns_obs               81.70 
_refine_ls_shell.R_factor_R_free                  ? 
_refine_ls_shell.R_factor_R_free_error            ? 
_refine_ls_shell.percent_reflns_R_free            ? 
_refine_ls_shell.number_reflns_R_free             ? 
_refine_ls_shell.number_reflns_all                ? 
_refine_ls_shell.R_factor_all                     ? 
_refine_ls_shell.pdbx_refine_id                   'X-RAY DIFFRACTION' 
_refine_ls_shell.redundancy_reflns_obs            ? 
_refine_ls_shell.number_reflns_obs                ? 
# 
_pdbx_xplor_file.serial_no        1 
_pdbx_xplor_file.param_file       cit.param 
_pdbx_xplor_file.topol_file       ? 
_pdbx_xplor_file.pdbx_refine_id   'X-RAY DIFFRACTION' 
# 
_struct.entry_id                  3FRY 
_struct.title                     'Crystal structure of the CopA C-terminal metal binding domain' 
_struct.pdbx_model_details        ? 
_struct.pdbx_CASP_flag            N 
_struct.pdbx_model_type_details   ? 
# 
_struct_keywords.entry_id        3FRY 
_struct_keywords.pdbx_keywords   HYDROLASE 
_struct_keywords.text            
;TRANSPORT PROTEIN, METAL BINDING DOMAIN, DOMAIN SWAP, ATP-binding, Cell membrane, Copper transport, Hydrolase, Ion transport, Magnesium, Membrane, Metal-binding, Nucleotide-binding, Phosphoprotein, Transmembrane, Transport
;
# 
loop_
_struct_asym.id 
_struct_asym.pdbx_blank_PDB_chainid_flag 
_struct_asym.pdbx_modified 
_struct_asym.entity_id 
_struct_asym.details 
A N N 1 ? 
B N N 1 ? 
C N N 2 ? 
D N N 3 ? 
E N N 3 ? 
# 
_struct_ref.id                         1 
_struct_ref.db_name                    UNP 
_struct_ref.db_code                    COPA_ARCFU 
_struct_ref.pdbx_db_accession          O29777 
_struct_ref.entity_id                  1 
_struct_ref.pdbx_seq_one_letter_code   GDSVEKIVLELSGLSCHHCVARVKKALEEAGAKVEKVDLNEAVVAGNKEDVDKYIKAVEAAGYQAKLRS 
_struct_ref.pdbx_align_begin           736 
_struct_ref.pdbx_db_isoform            ? 
# 
loop_
_struct_ref_seq.align_id 
_struct_ref_seq.ref_id 
_struct_ref_seq.pdbx_PDB_id_code 
_struct_ref_seq.pdbx_strand_id 
_struct_ref_seq.seq_align_beg 
_struct_ref_seq.pdbx_seq_align_beg_ins_code 
_struct_ref_seq.seq_align_end 
_struct_ref_seq.pdbx_seq_align_end_ins_code 
_struct_ref_seq.pdbx_db_accession 
_struct_ref_seq.db_align_beg 
_struct_ref_seq.pdbx_db_align_beg_ins_code 
_struct_ref_seq.db_align_end 
_struct_ref_seq.pdbx_db_align_end_ins_code 
_struct_ref_seq.pdbx_auth_seq_align_beg 
_struct_ref_seq.pdbx_auth_seq_align_end 
1 1 3FRY A 1 ? 69 ? O29777 736 ? 804 ? 1 69 
2 1 3FRY B 1 ? 69 ? O29777 736 ? 804 ? 1 69 
# 
loop_
_struct_ref_seq_dif.align_id 
_struct_ref_seq_dif.pdbx_pdb_id_code 
_struct_ref_seq_dif.mon_id 
_struct_ref_seq_dif.pdbx_pdb_strand_id 
_struct_ref_seq_dif.seq_num 
_struct_ref_seq_dif.pdbx_pdb_ins_code 
_struct_ref_seq_dif.pdbx_seq_db_name 
_struct_ref_seq_dif.pdbx_seq_db_accession_code 
_struct_ref_seq_dif.db_mon_id 
_struct_ref_seq_dif.pdbx_seq_db_seq_num 
_struct_ref_seq_dif.details 
_struct_ref_seq_dif.pdbx_auth_seq_num 
_struct_ref_seq_dif.pdbx_ordinal 
1 3FRY SER A 70 ? UNP O29777 ? ? 'expression tag' 70 1 
1 3FRY ALA A 71 ? UNP O29777 ? ? 'expression tag' 71 2 
1 3FRY TRP A 72 ? UNP O29777 ? ? 'expression tag' 72 3 
1 3FRY SER A 73 ? UNP O29777 ? ? 'expression tag' 73 4 
2 3FRY SER B 70 ? UNP O29777 ? ? 'expression tag' 70 5 
2 3FRY ALA B 71 ? UNP O29777 ? ? 'expression tag' 71 6 
2 3FRY TRP B 72 ? UNP O29777 ? ? 'expression tag' 72 7 
2 3FRY SER B 73 ? UNP O29777 ? ? 'expression tag' 73 8 
# 
_pdbx_struct_assembly.id                   1 
_pdbx_struct_assembly.details              author_and_software_defined_assembly 
_pdbx_struct_assembly.method_details       PISA 
_pdbx_struct_assembly.oligomeric_details   dimeric 
_pdbx_struct_assembly.oligomeric_count     2 
# 
loop_
_pdbx_struct_assembly_prop.biol_id 
_pdbx_struct_assembly_prop.type 
_pdbx_struct_assembly_prop.value 
_pdbx_struct_assembly_prop.details 
1 'ABSA (A^2)' 3920 ? 
1 MORE         -20  ? 
1 'SSA (A^2)'  9320 ? 
# 
_pdbx_struct_assembly_gen.assembly_id       1 
_pdbx_struct_assembly_gen.oper_expression   1 
_pdbx_struct_assembly_gen.asym_id_list      A,B,C,D,E 
# 
_pdbx_struct_oper_list.id                   1 
_pdbx_struct_oper_list.type                 'identity operation' 
_pdbx_struct_oper_list.name                 1_555 
_pdbx_struct_oper_list.symmetry_operation   x,y,z 
_pdbx_struct_oper_list.matrix[1][1]         1.0000000000 
_pdbx_struct_oper_list.matrix[1][2]         0.0000000000 
_pdbx_struct_oper_list.matrix[1][3]         0.0000000000 
_pdbx_struct_oper_list.vector[1]            0.0000000000 
_pdbx_struct_oper_list.matrix[2][1]         0.0000000000 
_pdbx_struct_oper_list.matrix[2][2]         1.0000000000 
_pdbx_struct_oper_list.matrix[2][3]         0.0000000000 
_pdbx_struct_oper_list.vector[2]            0.0000000000 
_pdbx_struct_oper_list.matrix[3][1]         0.0000000000 
_pdbx_struct_oper_list.matrix[3][2]         0.0000000000 
_pdbx_struct_oper_list.matrix[3][3]         1.0000000000 
_pdbx_struct_oper_list.vector[3]            0.0000000000 
# 
_struct_biol.id        1 
_struct_biol.details   ? 
# 
loop_
_struct_conf.conf_type_id 
_struct_conf.id 
_struct_conf.pdbx_PDB_helix_id 
_struct_conf.beg_label_comp_id 
_struct_conf.beg_label_asym_id 
_struct_conf.beg_label_seq_id 
_struct_conf.pdbx_beg_PDB_ins_code 
_struct_conf.end_label_comp_id 
_struct_conf.end_label_asym_id 
_struct_conf.end_label_seq_id 
_struct_conf.pdbx_end_PDB_ins_code 
_struct_conf.beg_auth_comp_id 
_struct_conf.beg_auth_asym_id 
_struct_conf.beg_auth_seq_id 
_struct_conf.end_auth_comp_id 
_struct_conf.end_auth_asym_id 
_struct_conf.end_auth_seq_id 
_struct_conf.pdbx_PDB_helix_class 
_struct_conf.details 
_struct_conf.pdbx_PDB_helix_length 
HELX_P HELX_P1 1 CYS A 16 ? HIS A 18 ? CYS A 16 HIS A 18 5 ? 3  
HELX_P HELX_P2 2 CYS A 19 ? ALA A 30 ? CYS A 19 ALA A 30 1 ? 12 
HELX_P HELX_P3 3 ASP A 50 ? ALA A 61 ? ASP A 50 ALA A 61 1 ? 12 
HELX_P HELX_P4 4 HIS B 17 ? ALA B 30 ? HIS B 17 ALA B 30 1 ? 14 
HELX_P HELX_P5 5 ASN B 47 ? GLU B 49 ? ASN B 47 GLU B 49 5 ? 3  
HELX_P HELX_P6 6 ASP B 50 ? ALA B 61 ? ASP B 50 ALA B 61 1 ? 12 
# 
_struct_conf_type.id          HELX_P 
_struct_conf_type.criteria    ? 
_struct_conf_type.reference   ? 
# 
loop_
_struct_conn.id 
_struct_conn.conn_type_id 
_struct_conn.pdbx_leaving_atom_flag 
_struct_conn.pdbx_PDB_id 
_struct_conn.ptnr1_label_asym_id 
_struct_conn.ptnr1_label_comp_id 
_struct_conn.ptnr1_label_seq_id 
_struct_conn.ptnr1_label_atom_id 
_struct_conn.pdbx_ptnr1_label_alt_id 
_struct_conn.pdbx_ptnr1_PDB_ins_code 
_struct_conn.pdbx_ptnr1_standard_comp_id 
_struct_conn.ptnr1_symmetry 
_struct_conn.ptnr2_label_asym_id 
_struct_conn.ptnr2_label_comp_id 
_struct_conn.ptnr2_label_seq_id 
_struct_conn.ptnr2_label_atom_id 
_struct_conn.pdbx_ptnr2_label_alt_id 
_struct_conn.pdbx_ptnr2_PDB_ins_code 
_struct_conn.ptnr1_auth_asym_id 
_struct_conn.ptnr1_auth_comp_id 
_struct_conn.ptnr1_auth_seq_id 
_struct_conn.ptnr2_auth_asym_id 
_struct_conn.ptnr2_auth_comp_id 
_struct_conn.ptnr2_auth_seq_id 
_struct_conn.ptnr2_symmetry 
_struct_conn.pdbx_ptnr3_label_atom_id 
_struct_conn.pdbx_ptnr3_label_seq_id 
_struct_conn.pdbx_ptnr3_label_comp_id 
_struct_conn.pdbx_ptnr3_label_asym_id 
_struct_conn.pdbx_ptnr3_label_alt_id 
_struct_conn.pdbx_ptnr3_PDB_ins_code 
_struct_conn.details 
_struct_conn.pdbx_dist_value 
_struct_conn.pdbx_value_order 
_struct_conn.pdbx_role 
disulf1 disulf ? ? A CYS 16 SG ? ? ? 1_555 A CYS 19 SG ? ? A CYS 16 A CYS 19 1_555 ? ? ? ? ? ? ? 2.031 ? ? 
disulf2 disulf ? ? B CYS 16 SG ? ? ? 1_555 B CYS 19 SG ? ? B CYS 16 B CYS 19 1_555 ? ? ? ? ? ? ? 2.042 ? ? 
# 
_struct_conn_type.id          disulf 
_struct_conn_type.criteria    ? 
_struct_conn_type.reference   ? 
# 
loop_
_pdbx_modification_feature.ordinal 
_pdbx_modification_feature.label_comp_id 
_pdbx_modification_feature.label_asym_id 
_pdbx_modification_feature.label_seq_id 
_pdbx_modification_feature.label_alt_id 
_pdbx_modification_feature.modified_residue_label_comp_id 
_pdbx_modification_feature.modified_residue_label_asym_id 
_pdbx_modification_feature.modified_residue_label_seq_id 
_pdbx_modification_feature.modified_residue_label_alt_id 
_pdbx_modification_feature.auth_comp_id 
_pdbx_modification_feature.auth_asym_id 
_pdbx_modification_feature.auth_seq_id 
_pdbx_modification_feature.PDB_ins_code 
_pdbx_modification_feature.symmetry 
_pdbx_modification_feature.modified_residue_auth_comp_id 
_pdbx_modification_feature.modified_residue_auth_asym_id 
_pdbx_modification_feature.modified_residue_auth_seq_id 
_pdbx_modification_feature.modified_residue_PDB_ins_code 
_pdbx_modification_feature.modified_residue_symmetry 
_pdbx_modification_feature.comp_id_linking_atom 
_pdbx_modification_feature.modified_residue_id_linking_atom 
_pdbx_modification_feature.modified_residue_id 
_pdbx_modification_feature.ref_pcm_id 
_pdbx_modification_feature.ref_comp_id 
_pdbx_modification_feature.type 
_pdbx_modification_feature.category 
1 CYS A 16 ? CYS A 19 ? CYS A 16 ? 1_555 CYS A 19 ? 1_555 SG SG . . . None 'Disulfide bridge' 
2 CYS B 16 ? CYS B 19 ? CYS B 16 ? 1_555 CYS B 19 ? 1_555 SG SG . . . None 'Disulfide bridge' 
# 
loop_
_struct_sheet.id 
_struct_sheet.type 
_struct_sheet.number_strands 
_struct_sheet.details 
A ? 4 ? 
B ? 4 ? 
# 
loop_
_struct_sheet_order.sheet_id 
_struct_sheet_order.range_id_1 
_struct_sheet_order.range_id_2 
_struct_sheet_order.offset 
_struct_sheet_order.sense 
A 1 2 ? anti-parallel 
A 2 3 ? anti-parallel 
A 3 4 ? anti-parallel 
B 1 2 ? anti-parallel 
B 2 3 ? anti-parallel 
B 3 4 ? anti-parallel 
# 
loop_
_struct_sheet_range.sheet_id 
_struct_sheet_range.id 
_struct_sheet_range.beg_label_comp_id 
_struct_sheet_range.beg_label_asym_id 
_struct_sheet_range.beg_label_seq_id 
_struct_sheet_range.pdbx_beg_PDB_ins_code 
_struct_sheet_range.end_label_comp_id 
_struct_sheet_range.end_label_asym_id 
_struct_sheet_range.end_label_seq_id 
_struct_sheet_range.pdbx_end_PDB_ins_code 
_struct_sheet_range.beg_auth_comp_id 
_struct_sheet_range.beg_auth_asym_id 
_struct_sheet_range.beg_auth_seq_id 
_struct_sheet_range.end_auth_comp_id 
_struct_sheet_range.end_auth_asym_id 
_struct_sheet_range.end_auth_seq_id 
A 1 LYS B 33 ? VAL B 37 ? LYS B 33 VAL B 37 
A 2 GLU B 41 ? GLY B 46 ? GLU B 41 GLY B 46 
A 3 GLU A 5  ? SER A 12 ? GLU A 5  SER A 12 
A 4 GLN B 64 ? LEU B 67 ? GLN B 64 LEU B 67 
B 1 LYS A 33 ? VAL A 37 ? LYS A 33 VAL A 37 
B 2 GLU A 41 ? ASN A 47 ? GLU A 41 ASN A 47 
B 3 VAL B 4  ? SER B 12 ? VAL B 4  SER B 12 
B 4 GLN A 64 ? LEU A 67 ? GLN A 64 LEU A 67 
# 
loop_
_pdbx_struct_sheet_hbond.sheet_id 
_pdbx_struct_sheet_hbond.range_id_1 
_pdbx_struct_sheet_hbond.range_id_2 
_pdbx_struct_sheet_hbond.range_1_label_atom_id 
_pdbx_struct_sheet_hbond.range_1_label_comp_id 
_pdbx_struct_sheet_hbond.range_1_label_asym_id 
_pdbx_struct_sheet_hbond.range_1_label_seq_id 
_pdbx_struct_sheet_hbond.range_1_PDB_ins_code 
_pdbx_struct_sheet_hbond.range_1_auth_atom_id 
_pdbx_struct_sheet_hbond.range_1_auth_comp_id 
_pdbx_struct_sheet_hbond.range_1_auth_asym_id 
_pdbx_struct_sheet_hbond.range_1_auth_seq_id 
_pdbx_struct_sheet_hbond.range_2_label_atom_id 
_pdbx_struct_sheet_hbond.range_2_label_comp_id 
_pdbx_struct_sheet_hbond.range_2_label_asym_id 
_pdbx_struct_sheet_hbond.range_2_label_seq_id 
_pdbx_struct_sheet_hbond.range_2_PDB_ins_code 
_pdbx_struct_sheet_hbond.range_2_auth_atom_id 
_pdbx_struct_sheet_hbond.range_2_auth_comp_id 
_pdbx_struct_sheet_hbond.range_2_auth_asym_id 
_pdbx_struct_sheet_hbond.range_2_auth_seq_id 
A 1 2 N LYS B 36 ? N LYS B 36 O VAL B 43 ? O VAL B 43 
A 2 3 O VAL B 44 ? O VAL B 44 N ILE A 7  ? N ILE A 7  
A 3 4 N GLU A 10 ? N GLU A 10 O LYS B 66 ? O LYS B 66 
B 1 2 N LYS A 36 ? N LYS A 36 O VAL A 43 ? O VAL A 43 
B 2 3 N ALA A 42 ? N ALA A 42 O LEU B 9  ? O LEU B 9  
B 3 4 O GLU B 10 ? O GLU B 10 N LYS A 66 ? N LYS A 66 
# 
_struct_site.id                   AC1 
_struct_site.pdbx_evidence_code   Software 
_struct_site.pdbx_auth_asym_id    ? 
_struct_site.pdbx_auth_comp_id    ? 
_struct_site.pdbx_auth_seq_id     ? 
_struct_site.pdbx_auth_ins_code   ? 
_struct_site.pdbx_num_residues    7 
_struct_site.details              'BINDING SITE FOR RESIDUE CIT A2324' 
# 
loop_
_struct_site_gen.id 
_struct_site_gen.site_id 
_struct_site_gen.pdbx_num_res 
_struct_site_gen.label_comp_id 
_struct_site_gen.label_asym_id 
_struct_site_gen.label_seq_id 
_struct_site_gen.pdbx_auth_ins_code 
_struct_site_gen.auth_comp_id 
_struct_site_gen.auth_asym_id 
_struct_site_gen.auth_seq_id 
_struct_site_gen.label_atom_id 
_struct_site_gen.label_alt_id 
_struct_site_gen.symmetry 
_struct_site_gen.details 
1 AC1 7 SER A 12 ? SER A 12 . ? 1_555 ? 
2 AC1 7 SER A 15 ? SER A 15 . ? 1_555 ? 
3 AC1 7 CYS A 16 ? CYS A 16 . ? 1_555 ? 
4 AC1 7 HIS A 17 ? HIS A 17 . ? 1_555 ? 
5 AC1 7 HIS A 18 ? HIS A 18 . ? 1_555 ? 
6 AC1 7 HOH D .  ? HOH A 74 . ? 1_555 ? 
7 AC1 7 HOH D .  ? HOH A 99 . ? 1_555 ? 
# 
_pdbx_entry_details.entry_id                   3FRY 
_pdbx_entry_details.compound_details           ? 
_pdbx_entry_details.source_details             ? 
_pdbx_entry_details.nonpolymer_details         ? 
_pdbx_entry_details.sequence_details           ? 
_pdbx_entry_details.has_ligand_of_interest     ? 
_pdbx_entry_details.has_protein_modification   Y 
# 
loop_
_pdbx_validate_rmsd_bond.id 
_pdbx_validate_rmsd_bond.PDB_model_num 
_pdbx_validate_rmsd_bond.auth_atom_id_1 
_pdbx_validate_rmsd_bond.auth_asym_id_1 
_pdbx_validate_rmsd_bond.auth_comp_id_1 
_pdbx_validate_rmsd_bond.auth_seq_id_1 
_pdbx_validate_rmsd_bond.PDB_ins_code_1 
_pdbx_validate_rmsd_bond.label_alt_id_1 
_pdbx_validate_rmsd_bond.auth_atom_id_2 
_pdbx_validate_rmsd_bond.auth_asym_id_2 
_pdbx_validate_rmsd_bond.auth_comp_id_2 
_pdbx_validate_rmsd_bond.auth_seq_id_2 
_pdbx_validate_rmsd_bond.PDB_ins_code_2 
_pdbx_validate_rmsd_bond.label_alt_id_2 
_pdbx_validate_rmsd_bond.bond_value 
_pdbx_validate_rmsd_bond.bond_target_value 
_pdbx_validate_rmsd_bond.bond_deviation 
_pdbx_validate_rmsd_bond.bond_standard_deviation 
_pdbx_validate_rmsd_bond.linker_flag 
1 1 CA A GLY 1  ? ? C   A GLY 1  ? ? 1.610 1.514 0.096  0.016 N 
2 1 CB A SER 3  ? ? OG  A SER 3  ? ? 1.300 1.418 -0.118 0.013 N 
3 1 C  A SER 3  ? ? O   A SER 3  ? ? 1.087 1.229 -0.142 0.019 N 
4 1 CB A VAL 4  ? ? CG1 A VAL 4  ? ? 1.299 1.524 -0.225 0.021 N 
5 1 CB A VAL 4  ? ? CG2 A VAL 4  ? ? 1.372 1.524 -0.152 0.021 N 
6 1 CA A SER 70 ? ? CB  A SER 70 ? ? 1.428 1.525 -0.097 0.015 N 
7 1 CB A SER 70 ? ? OG  A SER 70 ? ? 1.313 1.418 -0.105 0.013 N 
8 1 C  B SER 3  ? ? O   B SER 3  ? ? 1.064 1.229 -0.165 0.019 N 
# 
loop_
_pdbx_validate_rmsd_angle.id 
_pdbx_validate_rmsd_angle.PDB_model_num 
_pdbx_validate_rmsd_angle.auth_atom_id_1 
_pdbx_validate_rmsd_angle.auth_asym_id_1 
_pdbx_validate_rmsd_angle.auth_comp_id_1 
_pdbx_validate_rmsd_angle.auth_seq_id_1 
_pdbx_validate_rmsd_angle.PDB_ins_code_1 
_pdbx_validate_rmsd_angle.label_alt_id_1 
_pdbx_validate_rmsd_angle.auth_atom_id_2 
_pdbx_validate_rmsd_angle.auth_asym_id_2 
_pdbx_validate_rmsd_angle.auth_comp_id_2 
_pdbx_validate_rmsd_angle.auth_seq_id_2 
_pdbx_validate_rmsd_angle.PDB_ins_code_2 
_pdbx_validate_rmsd_angle.label_alt_id_2 
_pdbx_validate_rmsd_angle.auth_atom_id_3 
_pdbx_validate_rmsd_angle.auth_asym_id_3 
_pdbx_validate_rmsd_angle.auth_comp_id_3 
_pdbx_validate_rmsd_angle.auth_seq_id_3 
_pdbx_validate_rmsd_angle.PDB_ins_code_3 
_pdbx_validate_rmsd_angle.label_alt_id_3 
_pdbx_validate_rmsd_angle.angle_value 
_pdbx_validate_rmsd_angle.angle_target_value 
_pdbx_validate_rmsd_angle.angle_deviation 
_pdbx_validate_rmsd_angle.angle_standard_deviation 
_pdbx_validate_rmsd_angle.linker_flag 
1 1 CB A ASP 2 ? ? CG A ASP 2 ? ? OD2 A ASP 2 ? ? 123.76 118.30 5.46  0.90 N 
2 1 N  A SER 3 ? ? CA A SER 3 ? ? CB  A SER 3 ? ? 101.42 110.50 -9.08 1.50 N 
# 
_pdbx_validate_torsion.id              1 
_pdbx_validate_torsion.PDB_model_num   1 
_pdbx_validate_torsion.auth_comp_id    TYR 
_pdbx_validate_torsion.auth_asym_id    A 
_pdbx_validate_torsion.auth_seq_id     63 
_pdbx_validate_torsion.PDB_ins_code    ? 
_pdbx_validate_torsion.label_alt_id    ? 
_pdbx_validate_torsion.phi             -129.20 
_pdbx_validate_torsion.psi             -168.47 
# 
loop_
_pdbx_struct_special_symmetry.id 
_pdbx_struct_special_symmetry.PDB_model_num 
_pdbx_struct_special_symmetry.auth_asym_id 
_pdbx_struct_special_symmetry.auth_comp_id 
_pdbx_struct_special_symmetry.auth_seq_id 
_pdbx_struct_special_symmetry.PDB_ins_code 
_pdbx_struct_special_symmetry.label_asym_id 
_pdbx_struct_special_symmetry.label_comp_id 
_pdbx_struct_special_symmetry.label_seq_id 
1 1 A HOH 75  ? D HOH . 
2 1 A HOH 100 ? D HOH . 
# 
_pdbx_unobs_or_zero_occ_residues.id               1 
_pdbx_unobs_or_zero_occ_residues.PDB_model_num    1 
_pdbx_unobs_or_zero_occ_residues.polymer_flag     Y 
_pdbx_unobs_or_zero_occ_residues.occupancy_flag   1 
_pdbx_unobs_or_zero_occ_residues.auth_asym_id     B 
_pdbx_unobs_or_zero_occ_residues.auth_comp_id     GLY 
_pdbx_unobs_or_zero_occ_residues.auth_seq_id      1 
_pdbx_unobs_or_zero_occ_residues.PDB_ins_code     ? 
_pdbx_unobs_or_zero_occ_residues.label_asym_id    B 
_pdbx_unobs_or_zero_occ_residues.label_comp_id    GLY 
_pdbx_unobs_or_zero_occ_residues.label_seq_id     1 
# 
loop_
_chem_comp_atom.comp_id 
_chem_comp_atom.atom_id 
_chem_comp_atom.type_symbol 
_chem_comp_atom.pdbx_aromatic_flag 
_chem_comp_atom.pdbx_stereo_config 
_chem_comp_atom.pdbx_ordinal 
ALA N    N N N 1   
ALA CA   C N S 2   
ALA C    C N N 3   
ALA O    O N N 4   
ALA CB   C N N 5   
ALA OXT  O N N 6   
ALA H    H N N 7   
ALA H2   H N N 8   
ALA HA   H N N 9   
ALA HB1  H N N 10  
ALA HB2  H N N 11  
ALA HB3  H N N 12  
ALA HXT  H N N 13  
ARG N    N N N 14  
ARG CA   C N S 15  
ARG C    C N N 16  
ARG O    O N N 17  
ARG CB   C N N 18  
ARG CG   C N N 19  
ARG CD   C N N 20  
ARG NE   N N N 21  
ARG CZ   C N N 22  
ARG NH1  N N N 23  
ARG NH2  N N N 24  
ARG OXT  O N N 25  
ARG H    H N N 26  
ARG H2   H N N 27  
ARG HA   H N N 28  
ARG HB2  H N N 29  
ARG HB3  H N N 30  
ARG HG2  H N N 31  
ARG HG3  H N N 32  
ARG HD2  H N N 33  
ARG HD3  H N N 34  
ARG HE   H N N 35  
ARG HH11 H N N 36  
ARG HH12 H N N 37  
ARG HH21 H N N 38  
ARG HH22 H N N 39  
ARG HXT  H N N 40  
ASN N    N N N 41  
ASN CA   C N S 42  
ASN C    C N N 43  
ASN O    O N N 44  
ASN CB   C N N 45  
ASN CG   C N N 46  
ASN OD1  O N N 47  
ASN ND2  N N N 48  
ASN OXT  O N N 49  
ASN H    H N N 50  
ASN H2   H N N 51  
ASN HA   H N N 52  
ASN HB2  H N N 53  
ASN HB3  H N N 54  
ASN HD21 H N N 55  
ASN HD22 H N N 56  
ASN HXT  H N N 57  
ASP N    N N N 58  
ASP CA   C N S 59  
ASP C    C N N 60  
ASP O    O N N 61  
ASP CB   C N N 62  
ASP CG   C N N 63  
ASP OD1  O N N 64  
ASP OD2  O N N 65  
ASP OXT  O N N 66  
ASP H    H N N 67  
ASP H2   H N N 68  
ASP HA   H N N 69  
ASP HB2  H N N 70  
ASP HB3  H N N 71  
ASP HD2  H N N 72  
ASP HXT  H N N 73  
CIT C1   C N N 74  
CIT O1   O N N 75  
CIT O2   O N N 76  
CIT C2   C N N 77  
CIT C3   C N N 78  
CIT O7   O N N 79  
CIT C4   C N N 80  
CIT C5   C N N 81  
CIT O3   O N N 82  
CIT O4   O N N 83  
CIT C6   C N N 84  
CIT O5   O N N 85  
CIT O6   O N N 86  
CIT HO2  H N N 87  
CIT H21  H N N 88  
CIT H22  H N N 89  
CIT HO7  H N N 90  
CIT H41  H N N 91  
CIT H42  H N N 92  
CIT HO4  H N N 93  
CIT HO6  H N N 94  
CYS N    N N N 95  
CYS CA   C N R 96  
CYS C    C N N 97  
CYS O    O N N 98  
CYS CB   C N N 99  
CYS SG   S N N 100 
CYS OXT  O N N 101 
CYS H    H N N 102 
CYS H2   H N N 103 
CYS HA   H N N 104 
CYS HB2  H N N 105 
CYS HB3  H N N 106 
CYS HG   H N N 107 
CYS HXT  H N N 108 
GLN N    N N N 109 
GLN CA   C N S 110 
GLN C    C N N 111 
GLN O    O N N 112 
GLN CB   C N N 113 
GLN CG   C N N 114 
GLN CD   C N N 115 
GLN OE1  O N N 116 
GLN NE2  N N N 117 
GLN OXT  O N N 118 
GLN H    H N N 119 
GLN H2   H N N 120 
GLN HA   H N N 121 
GLN HB2  H N N 122 
GLN HB3  H N N 123 
GLN HG2  H N N 124 
GLN HG3  H N N 125 
GLN HE21 H N N 126 
GLN HE22 H N N 127 
GLN HXT  H N N 128 
GLU N    N N N 129 
GLU CA   C N S 130 
GLU C    C N N 131 
GLU O    O N N 132 
GLU CB   C N N 133 
GLU CG   C N N 134 
GLU CD   C N N 135 
GLU OE1  O N N 136 
GLU OE2  O N N 137 
GLU OXT  O N N 138 
GLU H    H N N 139 
GLU H2   H N N 140 
GLU HA   H N N 141 
GLU HB2  H N N 142 
GLU HB3  H N N 143 
GLU HG2  H N N 144 
GLU HG3  H N N 145 
GLU HE2  H N N 146 
GLU HXT  H N N 147 
GLY N    N N N 148 
GLY CA   C N N 149 
GLY C    C N N 150 
GLY O    O N N 151 
GLY OXT  O N N 152 
GLY H    H N N 153 
GLY H2   H N N 154 
GLY HA2  H N N 155 
GLY HA3  H N N 156 
GLY HXT  H N N 157 
HIS N    N N N 158 
HIS CA   C N S 159 
HIS C    C N N 160 
HIS O    O N N 161 
HIS CB   C N N 162 
HIS CG   C Y N 163 
HIS ND1  N Y N 164 
HIS CD2  C Y N 165 
HIS CE1  C Y N 166 
HIS NE2  N Y N 167 
HIS OXT  O N N 168 
HIS H    H N N 169 
HIS H2   H N N 170 
HIS HA   H N N 171 
HIS HB2  H N N 172 
HIS HB3  H N N 173 
HIS HD1  H N N 174 
HIS HD2  H N N 175 
HIS HE1  H N N 176 
HIS HE2  H N N 177 
HIS HXT  H N N 178 
HOH O    O N N 179 
HOH H1   H N N 180 
HOH H2   H N N 181 
ILE N    N N N 182 
ILE CA   C N S 183 
ILE C    C N N 184 
ILE O    O N N 185 
ILE CB   C N S 186 
ILE CG1  C N N 187 
ILE CG2  C N N 188 
ILE CD1  C N N 189 
ILE OXT  O N N 190 
ILE H    H N N 191 
ILE H2   H N N 192 
ILE HA   H N N 193 
ILE HB   H N N 194 
ILE HG12 H N N 195 
ILE HG13 H N N 196 
ILE HG21 H N N 197 
ILE HG22 H N N 198 
ILE HG23 H N N 199 
ILE HD11 H N N 200 
ILE HD12 H N N 201 
ILE HD13 H N N 202 
ILE HXT  H N N 203 
LEU N    N N N 204 
LEU CA   C N S 205 
LEU C    C N N 206 
LEU O    O N N 207 
LEU CB   C N N 208 
LEU CG   C N N 209 
LEU CD1  C N N 210 
LEU CD2  C N N 211 
LEU OXT  O N N 212 
LEU H    H N N 213 
LEU H2   H N N 214 
LEU HA   H N N 215 
LEU HB2  H N N 216 
LEU HB3  H N N 217 
LEU HG   H N N 218 
LEU HD11 H N N 219 
LEU HD12 H N N 220 
LEU HD13 H N N 221 
LEU HD21 H N N 222 
LEU HD22 H N N 223 
LEU HD23 H N N 224 
LEU HXT  H N N 225 
LYS N    N N N 226 
LYS CA   C N S 227 
LYS C    C N N 228 
LYS O    O N N 229 
LYS CB   C N N 230 
LYS CG   C N N 231 
LYS CD   C N N 232 
LYS CE   C N N 233 
LYS NZ   N N N 234 
LYS OXT  O N N 235 
LYS H    H N N 236 
LYS H2   H N N 237 
LYS HA   H N N 238 
LYS HB2  H N N 239 
LYS HB3  H N N 240 
LYS HG2  H N N 241 
LYS HG3  H N N 242 
LYS HD2  H N N 243 
LYS HD3  H N N 244 
LYS HE2  H N N 245 
LYS HE3  H N N 246 
LYS HZ1  H N N 247 
LYS HZ2  H N N 248 
LYS HZ3  H N N 249 
LYS HXT  H N N 250 
SER N    N N N 251 
SER CA   C N S 252 
SER C    C N N 253 
SER O    O N N 254 
SER CB   C N N 255 
SER OG   O N N 256 
SER OXT  O N N 257 
SER H    H N N 258 
SER H2   H N N 259 
SER HA   H N N 260 
SER HB2  H N N 261 
SER HB3  H N N 262 
SER HG   H N N 263 
SER HXT  H N N 264 
TRP N    N N N 265 
TRP CA   C N S 266 
TRP C    C N N 267 
TRP O    O N N 268 
TRP CB   C N N 269 
TRP CG   C Y N 270 
TRP CD1  C Y N 271 
TRP CD2  C Y N 272 
TRP NE1  N Y N 273 
TRP CE2  C Y N 274 
TRP CE3  C Y N 275 
TRP CZ2  C Y N 276 
TRP CZ3  C Y N 277 
TRP CH2  C Y N 278 
TRP OXT  O N N 279 
TRP H    H N N 280 
TRP H2   H N N 281 
TRP HA   H N N 282 
TRP HB2  H N N 283 
TRP HB3  H N N 284 
TRP HD1  H N N 285 
TRP HE1  H N N 286 
TRP HE3  H N N 287 
TRP HZ2  H N N 288 
TRP HZ3  H N N 289 
TRP HH2  H N N 290 
TRP HXT  H N N 291 
TYR N    N N N 292 
TYR CA   C N S 293 
TYR C    C N N 294 
TYR O    O N N 295 
TYR CB   C N N 296 
TYR CG   C Y N 297 
TYR CD1  C Y N 298 
TYR CD2  C Y N 299 
TYR CE1  C Y N 300 
TYR CE2  C Y N 301 
TYR CZ   C Y N 302 
TYR OH   O N N 303 
TYR OXT  O N N 304 
TYR H    H N N 305 
TYR H2   H N N 306 
TYR HA   H N N 307 
TYR HB2  H N N 308 
TYR HB3  H N N 309 
TYR HD1  H N N 310 
TYR HD2  H N N 311 
TYR HE1  H N N 312 
TYR HE2  H N N 313 
TYR HH   H N N 314 
TYR HXT  H N N 315 
VAL N    N N N 316 
VAL CA   C N S 317 
VAL C    C N N 318 
VAL O    O N N 319 
VAL CB   C N N 320 
VAL CG1  C N N 321 
VAL CG2  C N N 322 
VAL OXT  O N N 323 
VAL H    H N N 324 
VAL H2   H N N 325 
VAL HA   H N N 326 
VAL HB   H N N 327 
VAL HG11 H N N 328 
VAL HG12 H N N 329 
VAL HG13 H N N 330 
VAL HG21 H N N 331 
VAL HG22 H N N 332 
VAL HG23 H N N 333 
VAL HXT  H N N 334 
# 
loop_
_chem_comp_bond.comp_id 
_chem_comp_bond.atom_id_1 
_chem_comp_bond.atom_id_2 
_chem_comp_bond.value_order 
_chem_comp_bond.pdbx_aromatic_flag 
_chem_comp_bond.pdbx_stereo_config 
_chem_comp_bond.pdbx_ordinal 
ALA N   CA   sing N N 1   
ALA N   H    sing N N 2   
ALA N   H2   sing N N 3   
ALA CA  C    sing N N 4   
ALA CA  CB   sing N N 5   
ALA CA  HA   sing N N 6   
ALA C   O    doub N N 7   
ALA C   OXT  sing N N 8   
ALA CB  HB1  sing N N 9   
ALA CB  HB2  sing N N 10  
ALA CB  HB3  sing N N 11  
ALA OXT HXT  sing N N 12  
ARG N   CA   sing N N 13  
ARG N   H    sing N N 14  
ARG N   H2   sing N N 15  
ARG CA  C    sing N N 16  
ARG CA  CB   sing N N 17  
ARG CA  HA   sing N N 18  
ARG C   O    doub N N 19  
ARG C   OXT  sing N N 20  
ARG CB  CG   sing N N 21  
ARG CB  HB2  sing N N 22  
ARG CB  HB3  sing N N 23  
ARG CG  CD   sing N N 24  
ARG CG  HG2  sing N N 25  
ARG CG  HG3  sing N N 26  
ARG CD  NE   sing N N 27  
ARG CD  HD2  sing N N 28  
ARG CD  HD3  sing N N 29  
ARG NE  CZ   sing N N 30  
ARG NE  HE   sing N N 31  
ARG CZ  NH1  sing N N 32  
ARG CZ  NH2  doub N N 33  
ARG NH1 HH11 sing N N 34  
ARG NH1 HH12 sing N N 35  
ARG NH2 HH21 sing N N 36  
ARG NH2 HH22 sing N N 37  
ARG OXT HXT  sing N N 38  
ASN N   CA   sing N N 39  
ASN N   H    sing N N 40  
ASN N   H2   sing N N 41  
ASN CA  C    sing N N 42  
ASN CA  CB   sing N N 43  
ASN CA  HA   sing N N 44  
ASN C   O    doub N N 45  
ASN C   OXT  sing N N 46  
ASN CB  CG   sing N N 47  
ASN CB  HB2  sing N N 48  
ASN CB  HB3  sing N N 49  
ASN CG  OD1  doub N N 50  
ASN CG  ND2  sing N N 51  
ASN ND2 HD21 sing N N 52  
ASN ND2 HD22 sing N N 53  
ASN OXT HXT  sing N N 54  
ASP N   CA   sing N N 55  
ASP N   H    sing N N 56  
ASP N   H2   sing N N 57  
ASP CA  C    sing N N 58  
ASP CA  CB   sing N N 59  
ASP CA  HA   sing N N 60  
ASP C   O    doub N N 61  
ASP C   OXT  sing N N 62  
ASP CB  CG   sing N N 63  
ASP CB  HB2  sing N N 64  
ASP CB  HB3  sing N N 65  
ASP CG  OD1  doub N N 66  
ASP CG  OD2  sing N N 67  
ASP OD2 HD2  sing N N 68  
ASP OXT HXT  sing N N 69  
CIT C1  O1   doub N N 70  
CIT C1  O2   sing N N 71  
CIT C1  C2   sing N N 72  
CIT O2  HO2  sing N N 73  
CIT C2  C3   sing N N 74  
CIT C2  H21  sing N N 75  
CIT C2  H22  sing N N 76  
CIT C3  O7   sing N N 77  
CIT C3  C4   sing N N 78  
CIT C3  C6   sing N N 79  
CIT O7  HO7  sing N N 80  
CIT C4  C5   sing N N 81  
CIT C4  H41  sing N N 82  
CIT C4  H42  sing N N 83  
CIT C5  O3   doub N N 84  
CIT C5  O4   sing N N 85  
CIT O4  HO4  sing N N 86  
CIT C6  O5   doub N N 87  
CIT C6  O6   sing N N 88  
CIT O6  HO6  sing N N 89  
CYS N   CA   sing N N 90  
CYS N   H    sing N N 91  
CYS N   H2   sing N N 92  
CYS CA  C    sing N N 93  
CYS CA  CB   sing N N 94  
CYS CA  HA   sing N N 95  
CYS C   O    doub N N 96  
CYS C   OXT  sing N N 97  
CYS CB  SG   sing N N 98  
CYS CB  HB2  sing N N 99  
CYS CB  HB3  sing N N 100 
CYS SG  HG   sing N N 101 
CYS OXT HXT  sing N N 102 
GLN N   CA   sing N N 103 
GLN N   H    sing N N 104 
GLN N   H2   sing N N 105 
GLN CA  C    sing N N 106 
GLN CA  CB   sing N N 107 
GLN CA  HA   sing N N 108 
GLN C   O    doub N N 109 
GLN C   OXT  sing N N 110 
GLN CB  CG   sing N N 111 
GLN CB  HB2  sing N N 112 
GLN CB  HB3  sing N N 113 
GLN CG  CD   sing N N 114 
GLN CG  HG2  sing N N 115 
GLN CG  HG3  sing N N 116 
GLN CD  OE1  doub N N 117 
GLN CD  NE2  sing N N 118 
GLN NE2 HE21 sing N N 119 
GLN NE2 HE22 sing N N 120 
GLN OXT HXT  sing N N 121 
GLU N   CA   sing N N 122 
GLU N   H    sing N N 123 
GLU N   H2   sing N N 124 
GLU CA  C    sing N N 125 
GLU CA  CB   sing N N 126 
GLU CA  HA   sing N N 127 
GLU C   O    doub N N 128 
GLU C   OXT  sing N N 129 
GLU CB  CG   sing N N 130 
GLU CB  HB2  sing N N 131 
GLU CB  HB3  sing N N 132 
GLU CG  CD   sing N N 133 
GLU CG  HG2  sing N N 134 
GLU CG  HG3  sing N N 135 
GLU CD  OE1  doub N N 136 
GLU CD  OE2  sing N N 137 
GLU OE2 HE2  sing N N 138 
GLU OXT HXT  sing N N 139 
GLY N   CA   sing N N 140 
GLY N   H    sing N N 141 
GLY N   H2   sing N N 142 
GLY CA  C    sing N N 143 
GLY CA  HA2  sing N N 144 
GLY CA  HA3  sing N N 145 
GLY C   O    doub N N 146 
GLY C   OXT  sing N N 147 
GLY OXT HXT  sing N N 148 
HIS N   CA   sing N N 149 
HIS N   H    sing N N 150 
HIS N   H2   sing N N 151 
HIS CA  C    sing N N 152 
HIS CA  CB   sing N N 153 
HIS CA  HA   sing N N 154 
HIS C   O    doub N N 155 
HIS C   OXT  sing N N 156 
HIS CB  CG   sing N N 157 
HIS CB  HB2  sing N N 158 
HIS CB  HB3  sing N N 159 
HIS CG  ND1  sing Y N 160 
HIS CG  CD2  doub Y N 161 
HIS ND1 CE1  doub Y N 162 
HIS ND1 HD1  sing N N 163 
HIS CD2 NE2  sing Y N 164 
HIS CD2 HD2  sing N N 165 
HIS CE1 NE2  sing Y N 166 
HIS CE1 HE1  sing N N 167 
HIS NE2 HE2  sing N N 168 
HIS OXT HXT  sing N N 169 
HOH O   H1   sing N N 170 
HOH O   H2   sing N N 171 
ILE N   CA   sing N N 172 
ILE N   H    sing N N 173 
ILE N   H2   sing N N 174 
ILE CA  C    sing N N 175 
ILE CA  CB   sing N N 176 
ILE CA  HA   sing N N 177 
ILE C   O    doub N N 178 
ILE C   OXT  sing N N 179 
ILE CB  CG1  sing N N 180 
ILE CB  CG2  sing N N 181 
ILE CB  HB   sing N N 182 
ILE CG1 CD1  sing N N 183 
ILE CG1 HG12 sing N N 184 
ILE CG1 HG13 sing N N 185 
ILE CG2 HG21 sing N N 186 
ILE CG2 HG22 sing N N 187 
ILE CG2 HG23 sing N N 188 
ILE CD1 HD11 sing N N 189 
ILE CD1 HD12 sing N N 190 
ILE CD1 HD13 sing N N 191 
ILE OXT HXT  sing N N 192 
LEU N   CA   sing N N 193 
LEU N   H    sing N N 194 
LEU N   H2   sing N N 195 
LEU CA  C    sing N N 196 
LEU CA  CB   sing N N 197 
LEU CA  HA   sing N N 198 
LEU C   O    doub N N 199 
LEU C   OXT  sing N N 200 
LEU CB  CG   sing N N 201 
LEU CB  HB2  sing N N 202 
LEU CB  HB3  sing N N 203 
LEU CG  CD1  sing N N 204 
LEU CG  CD2  sing N N 205 
LEU CG  HG   sing N N 206 
LEU CD1 HD11 sing N N 207 
LEU CD1 HD12 sing N N 208 
LEU CD1 HD13 sing N N 209 
LEU CD2 HD21 sing N N 210 
LEU CD2 HD22 sing N N 211 
LEU CD2 HD23 sing N N 212 
LEU OXT HXT  sing N N 213 
LYS N   CA   sing N N 214 
LYS N   H    sing N N 215 
LYS N   H2   sing N N 216 
LYS CA  C    sing N N 217 
LYS CA  CB   sing N N 218 
LYS CA  HA   sing N N 219 
LYS C   O    doub N N 220 
LYS C   OXT  sing N N 221 
LYS CB  CG   sing N N 222 
LYS CB  HB2  sing N N 223 
LYS CB  HB3  sing N N 224 
LYS CG  CD   sing N N 225 
LYS CG  HG2  sing N N 226 
LYS CG  HG3  sing N N 227 
LYS CD  CE   sing N N 228 
LYS CD  HD2  sing N N 229 
LYS CD  HD3  sing N N 230 
LYS CE  NZ   sing N N 231 
LYS CE  HE2  sing N N 232 
LYS CE  HE3  sing N N 233 
LYS NZ  HZ1  sing N N 234 
LYS NZ  HZ2  sing N N 235 
LYS NZ  HZ3  sing N N 236 
LYS OXT HXT  sing N N 237 
SER N   CA   sing N N 238 
SER N   H    sing N N 239 
SER N   H2   sing N N 240 
SER CA  C    sing N N 241 
SER CA  CB   sing N N 242 
SER CA  HA   sing N N 243 
SER C   O    doub N N 244 
SER C   OXT  sing N N 245 
SER CB  OG   sing N N 246 
SER CB  HB2  sing N N 247 
SER CB  HB3  sing N N 248 
SER OG  HG   sing N N 249 
SER OXT HXT  sing N N 250 
TRP N   CA   sing N N 251 
TRP N   H    sing N N 252 
TRP N   H2   sing N N 253 
TRP CA  C    sing N N 254 
TRP CA  CB   sing N N 255 
TRP CA  HA   sing N N 256 
TRP C   O    doub N N 257 
TRP C   OXT  sing N N 258 
TRP CB  CG   sing N N 259 
TRP CB  HB2  sing N N 260 
TRP CB  HB3  sing N N 261 
TRP CG  CD1  doub Y N 262 
TRP CG  CD2  sing Y N 263 
TRP CD1 NE1  sing Y N 264 
TRP CD1 HD1  sing N N 265 
TRP CD2 CE2  doub Y N 266 
TRP CD2 CE3  sing Y N 267 
TRP NE1 CE2  sing Y N 268 
TRP NE1 HE1  sing N N 269 
TRP CE2 CZ2  sing Y N 270 
TRP CE3 CZ3  doub Y N 271 
TRP CE3 HE3  sing N N 272 
TRP CZ2 CH2  doub Y N 273 
TRP CZ2 HZ2  sing N N 274 
TRP CZ3 CH2  sing Y N 275 
TRP CZ3 HZ3  sing N N 276 
TRP CH2 HH2  sing N N 277 
TRP OXT HXT  sing N N 278 
TYR N   CA   sing N N 279 
TYR N   H    sing N N 280 
TYR N   H2   sing N N 281 
TYR CA  C    sing N N 282 
TYR CA  CB   sing N N 283 
TYR CA  HA   sing N N 284 
TYR C   O    doub N N 285 
TYR C   OXT  sing N N 286 
TYR CB  CG   sing N N 287 
TYR CB  HB2  sing N N 288 
TYR CB  HB3  sing N N 289 
TYR CG  CD1  doub Y N 290 
TYR CG  CD2  sing Y N 291 
TYR CD1 CE1  sing Y N 292 
TYR CD1 HD1  sing N N 293 
TYR CD2 CE2  doub Y N 294 
TYR CD2 HD2  sing N N 295 
TYR CE1 CZ   doub Y N 296 
TYR CE1 HE1  sing N N 297 
TYR CE2 CZ   sing Y N 298 
TYR CE2 HE2  sing N N 299 
TYR CZ  OH   sing N N 300 
TYR OH  HH   sing N N 301 
TYR OXT HXT  sing N N 302 
VAL N   CA   sing N N 303 
VAL N   H    sing N N 304 
VAL N   H2   sing N N 305 
VAL CA  C    sing N N 306 
VAL CA  CB   sing N N 307 
VAL CA  HA   sing N N 308 
VAL C   O    doub N N 309 
VAL C   OXT  sing N N 310 
VAL CB  CG1  sing N N 311 
VAL CB  CG2  sing N N 312 
VAL CB  HB   sing N N 313 
VAL CG1 HG11 sing N N 314 
VAL CG1 HG12 sing N N 315 
VAL CG1 HG13 sing N N 316 
VAL CG2 HG21 sing N N 317 
VAL CG2 HG22 sing N N 318 
VAL CG2 HG23 sing N N 319 
VAL OXT HXT  sing N N 320 
# 
_pdbx_initial_refinement_model.id               1 
_pdbx_initial_refinement_model.entity_id_list   ? 
_pdbx_initial_refinement_model.type             'experimental model' 
_pdbx_initial_refinement_model.source_name      PDB 
_pdbx_initial_refinement_model.accession_code   1OSD 
_pdbx_initial_refinement_model.details          'PDB ENTRY 1OSD' 
# 
_atom_sites.entry_id                    3FRY 
_atom_sites.fract_transf_matrix[1][1]   0.00810595 
_atom_sites.fract_transf_matrix[1][2]   0.02306980 
_atom_sites.fract_transf_matrix[1][3]   0.00817854 
_atom_sites.fract_transf_matrix[2][1]   -0.01880151 
_atom_sites.fract_transf_matrix[2][2]   0.01238043 
_atom_sites.fract_transf_matrix[2][3]   -0.01628772 
_atom_sites.fract_transf_matrix[3][1]   -0.01135730 
_atom_sites.fract_transf_matrix[3][2]   0.00404918 
_atom_sites.fract_transf_matrix[3][3]   0.01618796 
_atom_sites.fract_transf_vector[1]      0.233817 
_atom_sites.fract_transf_vector[2]      0.350858 
_atom_sites.fract_transf_vector[3]      -0.000296 
# 
loop_
_atom_type.symbol 
C 
N 
O 
S 
# 
loop_
_atom_site.group_PDB 
_atom_site.id 
_atom_site.type_symbol 
_atom_site.label_atom_id 
_atom_site.label_alt_id 
_atom_site.label_comp_id 
_atom_site.label_asym_id 
_atom_site.label_entity_id 
_atom_site.label_seq_id 
_atom_site.pdbx_PDB_ins_code 
_atom_site.Cartn_x 
_atom_site.Cartn_y 
_atom_site.Cartn_z 
_atom_site.occupancy 
_atom_site.B_iso_or_equiv 
_atom_site.pdbx_formal_charge 
_atom_site.auth_seq_id 
_atom_site.auth_comp_id 
_atom_site.auth_asym_id 
_atom_site.auth_atom_id 
_atom_site.pdbx_PDB_model_num 
ATOM   1    N N   . GLY A 1 1  ? -34.826 8.965   6.368   1.00 39.39 ? 1    GLY A N   1 
ATOM   2    C CA  . GLY A 1 1  ? -35.145 8.955   4.970   1.00 39.28 ? 1    GLY A CA  1 
ATOM   3    C C   . GLY A 1 1  ? -34.279 9.786   3.895   1.00 40.87 ? 1    GLY A C   1 
ATOM   4    O O   . GLY A 1 1  ? -34.714 10.066  2.818   1.00 39.96 ? 1    GLY A O   1 
ATOM   5    N N   . ASP A 1 2  ? -33.012 10.088  4.289   1.00 40.14 ? 2    ASP A N   1 
ATOM   6    C CA  . ASP A 1 2  ? -32.047 10.805  3.476   1.00 39.98 ? 2    ASP A CA  1 
ATOM   7    C C   . ASP A 1 2  ? -31.688 9.941   2.259   1.00 38.33 ? 2    ASP A C   1 
ATOM   8    O O   . ASP A 1 2  ? -32.170 8.904   2.215   1.00 37.34 ? 2    ASP A O   1 
ATOM   9    C CB  . ASP A 1 2  ? -30.787 11.171  4.298   1.00 42.17 ? 2    ASP A CB  1 
ATOM   10   C CG  . ASP A 1 2  ? -30.997 12.370  5.282   1.00 45.76 ? 2    ASP A CG  1 
ATOM   11   O OD1 . ASP A 1 2  ? -31.672 13.240  4.941   1.00 46.97 ? 2    ASP A OD1 1 
ATOM   12   O OD2 . ASP A 1 2  ? -30.509 12.425  6.399   1.00 47.17 ? 2    ASP A OD2 1 
ATOM   13   N N   . SER A 1 3  ? -30.854 10.383  1.358   1.00 35.88 ? 3    SER A N   1 
ATOM   14   C CA  . SER A 1 3  ? -30.499 9.616   0.258   1.00 35.18 ? 3    SER A CA  1 
ATOM   15   C C   . SER A 1 3  ? -29.056 9.047   0.100   1.00 34.34 ? 3    SER A C   1 
ATOM   16   O O   . SER A 1 3  ? -28.237 9.732   0.307   1.00 35.24 ? 3    SER A O   1 
ATOM   17   C CB  . SER A 1 3  ? -30.920 10.484  -0.849  1.00 36.89 ? 3    SER A CB  1 
ATOM   18   O OG  . SER A 1 3  ? -30.550 9.968   -1.983  1.00 40.99 ? 3    SER A OG  1 
ATOM   19   N N   . VAL A 1 4  ? -28.853 7.651   -0.219  1.00 32.01 ? 4    VAL A N   1 
ATOM   20   C CA  . VAL A 1 4  ? -27.555 6.978   -0.261  1.00 29.35 ? 4    VAL A CA  1 
ATOM   21   C C   . VAL A 1 4  ? -26.977 7.011   -1.659  1.00 28.82 ? 4    VAL A C   1 
ATOM   22   O O   . VAL A 1 4  ? -27.614 6.533   -2.567  1.00 26.95 ? 4    VAL A O   1 
ATOM   23   C CB  . VAL A 1 4  ? -27.651 5.487   0.178   1.00 28.98 ? 4    VAL A CB  1 
ATOM   24   C CG1 . VAL A 1 4  ? -26.489 4.909   0.119   1.00 27.25 ? 4    VAL A CG1 1 
ATOM   25   C CG2 . VAL A 1 4  ? -28.189 5.459   1.440   1.00 28.57 ? 4    VAL A CG2 1 
ATOM   26   N N   . GLU A 1 5  ? -25.729 7.462   -1.777  1.00 27.97 ? 5    GLU A N   1 
ATOM   27   C CA  . GLU A 1 5  ? -25.058 7.470   -3.075  1.00 28.19 ? 5    GLU A CA  1 
ATOM   28   C C   . GLU A 1 5  ? -23.614 7.018   -2.956  1.00 27.31 ? 5    GLU A C   1 
ATOM   29   O O   . GLU A 1 5  ? -23.042 6.998   -1.863  1.00 26.22 ? 5    GLU A O   1 
ATOM   30   C CB  . GLU A 1 5  ? -25.073 8.872   -3.685  1.00 31.87 ? 5    GLU A CB  1 
ATOM   31   C CG  . GLU A 1 5  ? -26.451 9.463   -3.891  1.00 39.02 ? 5    GLU A CG  1 
ATOM   32   C CD  . GLU A 1 5  ? -26.423 10.668  -4.810  1.00 43.84 ? 5    GLU A CD  1 
ATOM   33   O OE1 . GLU A 1 5  ? -26.402 10.474  -6.047  1.00 44.95 ? 5    GLU A OE1 1 
ATOM   34   O OE2 . GLU A 1 5  ? -26.408 11.808  -4.294  1.00 46.38 ? 5    GLU A OE2 1 
ATOM   35   N N   . LYS A 1 6  ? -23.025 6.655   -4.090  1.00 26.03 ? 6    LYS A N   1 
ATOM   36   C CA  . LYS A 1 6  ? -21.638 6.225   -4.109  1.00 26.76 ? 6    LYS A CA  1 
ATOM   37   C C   . LYS A 1 6  ? -20.768 7.474   -4.059  1.00 26.70 ? 6    LYS A C   1 
ATOM   38   O O   . LYS A 1 6  ? -20.894 8.377   -4.893  1.00 25.82 ? 6    LYS A O   1 
ATOM   39   C CB  . LYS A 1 6  ? -21.331 5.425   -5.376  1.00 28.16 ? 6    LYS A CB  1 
ATOM   40   C CG  . LYS A 1 6  ? -19.872 4.992   -5.475  1.00 31.32 ? 6    LYS A CG  1 
ATOM   41   C CD  . LYS A 1 6  ? -19.578 4.259   -6.774  1.00 33.02 ? 6    LYS A CD  1 
ATOM   42   C CE  . LYS A 1 6  ? -20.303 2.926   -6.836  1.00 35.95 ? 6    LYS A CE  1 
ATOM   43   N NZ  . LYS A 1 6  ? -20.012 2.187   -8.101  1.00 38.39 ? 6    LYS A NZ  1 
ATOM   44   N N   . ILE A 1 7  ? -19.895 7.516   -3.060  1.00 25.17 ? 7    ILE A N   1 
ATOM   45   C CA  . ILE A 1 7  ? -18.991 8.637   -2.852  1.00 24.60 ? 7    ILE A CA  1 
ATOM   46   C C   . ILE A 1 7  ? -17.560 8.109   -2.919  1.00 22.92 ? 7    ILE A C   1 
ATOM   47   O O   . ILE A 1 7  ? -17.220 7.150   -2.228  1.00 20.28 ? 7    ILE A O   1 
ATOM   48   C CB  . ILE A 1 7  ? -19.247 9.284   -1.464  1.00 26.78 ? 7    ILE A CB  1 
ATOM   49   C CG1 . ILE A 1 7  ? -20.647 9.914   -1.444  1.00 27.45 ? 7    ILE A CG1 1 
ATOM   50   C CG2 . ILE A 1 7  ? -18.174 10.326  -1.154  1.00 25.51 ? 7    ILE A CG2 1 
ATOM   51   C CD1 . ILE A 1 7  ? -21.117 10.335  -0.064  1.00 27.25 ? 7    ILE A CD1 1 
ATOM   52   N N   . VAL A 1 8  ? -16.731 8.730   -3.753  1.00 22.51 ? 8    VAL A N   1 
ATOM   53   C CA  . VAL A 1 8  ? -15.343 8.299   -3.908  1.00 24.20 ? 8    VAL A CA  1 
ATOM   54   C C   . VAL A 1 8  ? -14.367 9.337   -3.370  1.00 24.05 ? 8    VAL A C   1 
ATOM   55   O O   . VAL A 1 8  ? -14.416 10.509  -3.753  1.00 24.57 ? 8    VAL A O   1 
ATOM   56   C CB  . VAL A 1 8  ? -14.998 8.031   -5.395  1.00 24.20 ? 8    VAL A CB  1 
ATOM   57   C CG1 . VAL A 1 8  ? -13.546 7.571   -5.525  1.00 23.01 ? 8    VAL A CG1 1 
ATOM   58   C CG2 . VAL A 1 8  ? -15.938 6.979   -5.964  1.00 26.25 ? 8    VAL A CG2 1 
ATOM   59   N N   . LEU A 1 9  ? -13.482 8.900   -2.480  1.00 23.50 ? 9    LEU A N   1 
ATOM   60   C CA  . LEU A 1 9  ? -12.489 9.797   -1.900  1.00 24.24 ? 9    LEU A CA  1 
ATOM   61   C C   . LEU A 1 9  ? -11.089 9.327   -2.274  1.00 23.83 ? 9    LEU A C   1 
ATOM   62   O O   . LEU A 1 9  ? -10.773 8.148   -2.140  1.00 23.82 ? 9    LEU A O   1 
ATOM   63   C CB  . LEU A 1 9  ? -12.592 9.810   -0.372  1.00 24.72 ? 9    LEU A CB  1 
ATOM   64   C CG  . LEU A 1 9  ? -13.922 10.054  0.340   1.00 25.02 ? 9    LEU A CG  1 
ATOM   65   C CD1 . LEU A 1 9  ? -13.675 10.003  1.840   1.00 24.71 ? 9    LEU A CD1 1 
ATOM   66   C CD2 . LEU A 1 9  ? -14.512 11.403  -0.061  1.00 24.28 ? 9    LEU A CD2 1 
ATOM   67   N N   . GLU A 1 10 ? -10.249 10.242  -2.744  1.00 24.54 ? 10   GLU A N   1 
ATOM   68   C CA  . GLU A 1 10 ? -8.876  9.879   -3.073  1.00 26.43 ? 10   GLU A CA  1 
ATOM   69   C C   . GLU A 1 10 ? -8.095  9.946   -1.767  1.00 24.29 ? 10   GLU A C   1 
ATOM   70   O O   . GLU A 1 10 ? -8.209  10.917  -1.022  1.00 23.12 ? 10   GLU A O   1 
ATOM   71   C CB  . GLU A 1 10 ? -8.287  10.849  -4.099  1.00 30.18 ? 10   GLU A CB  1 
ATOM   72   C CG  . GLU A 1 10 ? -8.952  10.737  -5.460  1.00 36.80 ? 10   GLU A CG  1 
ATOM   73   C CD  . GLU A 1 10 ? -9.009  9.299   -5.950  1.00 40.75 ? 10   GLU A CD  1 
ATOM   74   O OE1 . GLU A 1 10 ? -7.949  8.737   -6.307  1.00 43.42 ? 10   GLU A OE1 1 
ATOM   75   O OE2 . GLU A 1 10 ? -10.118 8.726   -5.964  1.00 44.41 ? 10   GLU A OE2 1 
ATOM   76   N N   . LEU A 1 11 ? -7.319  8.905   -1.482  1.00 23.76 ? 11   LEU A N   1 
ATOM   77   C CA  . LEU A 1 11 ? -6.543  8.858   -0.245  1.00 23.33 ? 11   LEU A CA  1 
ATOM   78   C C   . LEU A 1 11 ? -5.042  9.024   -0.470  1.00 22.43 ? 11   LEU A C   1 
ATOM   79   O O   . LEU A 1 11 ? -4.538  8.773   -1.560  1.00 21.19 ? 11   LEU A O   1 
ATOM   80   C CB  . LEU A 1 11 ? -6.774  7.523   0.471   1.00 24.65 ? 11   LEU A CB  1 
ATOM   81   C CG  . LEU A 1 11 ? -8.210  7.059   0.743   1.00 25.15 ? 11   LEU A CG  1 
ATOM   82   C CD1 . LEU A 1 11 ? -8.174  5.695   1.414   1.00 23.51 ? 11   LEU A CD1 1 
ATOM   83   C CD2 . LEU A 1 11 ? -8.930  8.068   1.628   1.00 25.54 ? 11   LEU A CD2 1 
ATOM   84   N N   . SER A 1 12 ? -4.344  9.457   0.577   1.00 23.22 ? 12   SER A N   1 
ATOM   85   C CA  . SER A 1 12 ? -2.891  9.605   0.555   1.00 23.56 ? 12   SER A CA  1 
ATOM   86   C C   . SER A 1 12 ? -2.406  9.435   1.994   1.00 22.95 ? 12   SER A C   1 
ATOM   87   O O   . SER A 1 12 ? -3.160  9.677   2.946   1.00 22.09 ? 12   SER A O   1 
ATOM   88   C CB  . SER A 1 12 ? -2.471  10.973  0.004   1.00 23.93 ? 12   SER A CB  1 
ATOM   89   O OG  . SER A 1 12 ? -2.893  12.022  0.847   1.00 28.59 ? 12   SER A OG  1 
ATOM   90   N N   . GLY A 1 13 ? -1.157  9.005   2.151   1.00 21.30 ? 13   GLY A N   1 
ATOM   91   C CA  . GLY A 1 13 ? -0.614  8.794   3.479   1.00 17.88 ? 13   GLY A CA  1 
ATOM   92   C C   . GLY A 1 13 ? -0.541  7.316   3.819   1.00 19.48 ? 13   GLY A C   1 
ATOM   93   O O   . GLY A 1 13 ? -0.275  6.946   4.968   1.00 18.32 ? 13   GLY A O   1 
ATOM   94   N N   . LEU A 1 14 ? -0.767  6.463   2.823   1.00 17.47 ? 14   LEU A N   1 
ATOM   95   C CA  . LEU A 1 14 ? -0.745  5.016   3.049   1.00 20.81 ? 14   LEU A CA  1 
ATOM   96   C C   . LEU A 1 14 ? 0.359   4.293   2.276   1.00 18.93 ? 14   LEU A C   1 
ATOM   97   O O   . LEU A 1 14 ? 0.551   3.087   2.433   1.00 18.26 ? 14   LEU A O   1 
ATOM   98   C CB  . LEU A 1 14 ? -2.094  4.391   2.659   1.00 22.19 ? 14   LEU A CB  1 
ATOM   99   C CG  . LEU A 1 14 ? -3.403  4.828   3.336   1.00 25.16 ? 14   LEU A CG  1 
ATOM   100  C CD1 . LEU A 1 14 ? -3.334  4.518   4.806   1.00 30.55 ? 14   LEU A CD1 1 
ATOM   101  C CD2 . LEU A 1 14 ? -3.647  6.307   3.124   1.00 25.71 ? 14   LEU A CD2 1 
ATOM   102  N N   . SER A 1 15 ? 1.087   5.025   1.444   1.00 20.29 ? 15   SER A N   1 
ATOM   103  C CA  . SER A 1 15 ? 2.129   4.400   0.648   1.00 20.93 ? 15   SER A CA  1 
ATOM   104  C C   . SER A 1 15 ? 3.427   5.179   0.610   1.00 20.77 ? 15   SER A C   1 
ATOM   105  O O   . SER A 1 15 ? 3.469   6.381   0.902   1.00 20.73 ? 15   SER A O   1 
ATOM   106  C CB  . SER A 1 15 ? 1.615   4.192   -0.774  1.00 23.22 ? 15   SER A CB  1 
ATOM   107  O OG  . SER A 1 15 ? 1.024   5.385   -1.250  1.00 25.61 ? 15   SER A OG  1 
ATOM   108  N N   . CYS A 1 16 ? 4.495   4.477   0.248   1.00 19.51 ? 16   CYS A N   1 
ATOM   109  C CA  . CYS A 1 16 ? 5.795   5.096   0.157   1.00 20.12 ? 16   CYS A CA  1 
ATOM   110  C C   . CYS A 1 16 ? 6.531   4.714   -1.116  1.00 20.51 ? 16   CYS A C   1 
ATOM   111  O O   . CYS A 1 16 ? 7.429   3.868   -1.099  1.00 20.23 ? 16   CYS A O   1 
ATOM   112  C CB  . CYS A 1 16 ? 6.661   4.737   1.369   1.00 20.45 ? 16   CYS A CB  1 
ATOM   113  S SG  . CYS A 1 16 ? 8.182   5.724   1.309   1.00 21.47 ? 16   CYS A SG  1 
ATOM   114  N N   . HIS A 1 17 ? 6.149   5.337   -2.227  1.00 19.95 ? 17   HIS A N   1 
ATOM   115  C CA  . HIS A 1 17 ? 6.818   5.060   -3.485  1.00 19.50 ? 17   HIS A CA  1 
ATOM   116  C C   . HIS A 1 17 ? 8.240   5.604   -3.469  1.00 19.59 ? 17   HIS A C   1 
ATOM   117  O O   . HIS A 1 17 ? 9.116   5.055   -4.136  1.00 21.16 ? 17   HIS A O   1 
ATOM   118  C CB  . HIS A 1 17 ? 6.046   5.669   -4.663  1.00 20.78 ? 17   HIS A CB  1 
ATOM   119  C CG  . HIS A 1 17 ? 4.920   4.811   -5.149  1.00 22.35 ? 17   HIS A CG  1 
ATOM   120  N ND1 . HIS A 1 17 ? 3.610   5.009   -4.767  1.00 22.18 ? 17   HIS A ND1 1 
ATOM   121  C CD2 . HIS A 1 17 ? 4.916   3.719   -5.950  1.00 22.26 ? 17   HIS A CD2 1 
ATOM   122  C CE1 . HIS A 1 17 ? 2.849   4.076   -5.308  1.00 23.02 ? 17   HIS A CE1 1 
ATOM   123  N NE2 . HIS A 1 17 ? 3.616   3.281   -6.031  1.00 22.74 ? 17   HIS A NE2 1 
ATOM   124  N N   . HIS A 1 18 ? 8.477   6.668   -2.700  1.00 19.78 ? 18   HIS A N   1 
ATOM   125  C CA  . HIS A 1 18 ? 9.813   7.261   -2.642  1.00 20.26 ? 18   HIS A CA  1 
ATOM   126  C C   . HIS A 1 18 ? 10.803  6.337   -1.950  1.00 19.77 ? 18   HIS A C   1 
ATOM   127  O O   . HIS A 1 18 ? 12.015  6.535   -2.032  1.00 19.97 ? 18   HIS A O   1 
ATOM   128  C CB  . HIS A 1 18 ? 9.783   8.662   -1.973  1.00 19.54 ? 18   HIS A CB  1 
ATOM   129  C CG  . HIS A 1 18 ? 9.495   8.662   -0.497  1.00 19.34 ? 18   HIS A CG  1 
ATOM   130  N ND1 . HIS A 1 18 ? 10.401  8.220   0.444   1.00 21.91 ? 18   HIS A ND1 1 
ATOM   131  C CD2 . HIS A 1 18 ? 8.435   9.133   0.203   1.00 16.50 ? 18   HIS A CD2 1 
ATOM   132  C CE1 . HIS A 1 18 ? 9.916   8.423   1.656   1.00 19.26 ? 18   HIS A CE1 1 
ATOM   133  N NE2 . HIS A 1 18 ? 8.723   8.978   1.537   1.00 20.96 ? 18   HIS A NE2 1 
ATOM   134  N N   . CYS A 1 19 ? 10.270  5.308   -1.298  1.00 20.23 ? 19   CYS A N   1 
ATOM   135  C CA  . CYS A 1 19 ? 11.075  4.318   -0.585  1.00 20.59 ? 19   CYS A CA  1 
ATOM   136  C C   . CYS A 1 19 ? 11.673  3.265   -1.529  1.00 20.65 ? 19   CYS A C   1 
ATOM   137  O O   . CYS A 1 19 ? 12.663  2.608   -1.205  1.00 18.80 ? 19   CYS A O   1 
ATOM   138  C CB  . CYS A 1 19 ? 10.203  3.584   0.449   1.00 19.29 ? 19   CYS A CB  1 
ATOM   139  S SG  . CYS A 1 19 ? 9.676   4.501   1.939   1.00 22.16 ? 19   CYS A SG  1 
ATOM   140  N N   . VAL A 1 20 ? 11.058  3.106   -2.694  1.00 20.27 ? 20   VAL A N   1 
ATOM   141  C CA  . VAL A 1 20 ? 11.482  2.099   -3.663  1.00 20.81 ? 20   VAL A CA  1 
ATOM   142  C C   . VAL A 1 20 ? 12.928  2.146   -4.152  1.00 21.61 ? 20   VAL A C   1 
ATOM   143  O O   . VAL A 1 20 ? 13.575  1.102   -4.281  1.00 20.72 ? 20   VAL A O   1 
ATOM   144  C CB  . VAL A 1 20 ? 10.548  2.121   -4.899  1.00 20.54 ? 20   VAL A CB  1 
ATOM   145  C CG1 . VAL A 1 20 ? 11.033  1.142   -5.956  1.00 19.05 ? 20   VAL A CG1 1 
ATOM   146  C CG2 . VAL A 1 20 ? 9.144   1.766   -4.471  1.00 20.26 ? 20   VAL A CG2 1 
ATOM   147  N N   . ALA A 1 21 ? 13.433  3.342   -4.429  1.00 20.56 ? 21   ALA A N   1 
ATOM   148  C CA  . ALA A 1 21 ? 14.789  3.484   -4.941  1.00 20.73 ? 21   ALA A CA  1 
ATOM   149  C C   . ALA A 1 21 ? 15.862  2.867   -4.052  1.00 21.07 ? 21   ALA A C   1 
ATOM   150  O O   . ALA A 1 21 ? 16.743  2.156   -4.549  1.00 19.74 ? 21   ALA A O   1 
ATOM   151  C CB  . ALA A 1 21 ? 15.100  4.965   -5.198  1.00 22.78 ? 21   ALA A CB  1 
ATOM   152  N N   . ARG A 1 22 ? 15.803  3.135   -2.747  1.00 19.30 ? 22   ARG A N   1 
ATOM   153  C CA  . ARG A 1 22 ? 16.794  2.581   -1.828  1.00 21.43 ? 22   ARG A CA  1 
ATOM   154  C C   . ARG A 1 22 ? 16.734  1.067   -1.787  1.00 20.11 ? 22   ARG A C   1 
ATOM   155  O O   . ARG A 1 22 ? 17.761  0.413   -1.633  1.00 19.31 ? 22   ARG A O   1 
ATOM   156  C CB  . ARG A 1 22 ? 16.610  3.108   -0.400  1.00 22.89 ? 22   ARG A CB  1 
ATOM   157  C CG  . ARG A 1 22 ? 17.469  4.310   -0.054  1.00 27.12 ? 22   ARG A CG  1 
ATOM   158  C CD  . ARG A 1 22 ? 17.584  4.500   1.466   1.00 28.38 ? 22   ARG A CD  1 
ATOM   159  N NE  . ARG A 1 22 ? 18.537  3.573   2.078   1.00 31.12 ? 22   ARG A NE  1 
ATOM   160  C CZ  . ARG A 1 22 ? 18.774  3.488   3.386   1.00 33.40 ? 22   ARG A CZ  1 
ATOM   161  N NH1 . ARG A 1 22 ? 18.128  4.270   4.245   1.00 33.41 ? 22   ARG A NH1 1 
ATOM   162  N NH2 . ARG A 1 22 ? 19.670  2.623   3.838   1.00 34.76 ? 22   ARG A NH2 1 
ATOM   163  N N   . VAL A 1 23 ? 15.533  0.512   -1.912  1.00 19.67 ? 23   VAL A N   1 
ATOM   164  C CA  . VAL A 1 23 ? 15.383  -0.938  -1.890  1.00 18.55 ? 23   VAL A CA  1 
ATOM   165  C C   . VAL A 1 23 ? 16.092  -1.519  -3.108  1.00 18.17 ? 23   VAL A C   1 
ATOM   166  O O   . VAL A 1 23 ? 16.844  -2.490  -2.998  1.00 16.82 ? 23   VAL A O   1 
ATOM   167  C CB  . VAL A 1 23 ? 13.889  -1.350  -1.886  1.00 17.71 ? 23   VAL A CB  1 
ATOM   168  C CG1 . VAL A 1 23 ? 13.752  -2.869  -2.038  1.00 16.01 ? 23   VAL A CG1 1 
ATOM   169  C CG2 . VAL A 1 23 ? 13.245  -0.911  -0.569  1.00 17.03 ? 23   VAL A CG2 1 
ATOM   170  N N   . LYS A 1 24 ? 15.860  -0.911  -4.266  1.00 18.16 ? 24   LYS A N   1 
ATOM   171  C CA  . LYS A 1 24 ? 16.500  -1.368  -5.494  1.00 18.96 ? 24   LYS A CA  1 
ATOM   172  C C   . LYS A 1 24 ? 18.017  -1.339  -5.338  1.00 17.12 ? 24   LYS A C   1 
ATOM   173  O O   . LYS A 1 24 ? 18.696  -2.318  -5.651  1.00 17.15 ? 24   LYS A O   1 
ATOM   174  C CB  . LYS A 1 24 ? 16.093  -0.486  -6.678  1.00 19.34 ? 24   LYS A CB  1 
ATOM   175  C CG  . LYS A 1 24 ? 16.678  -0.955  -8.002  1.00 22.68 ? 24   LYS A CG  1 
ATOM   176  C CD  . LYS A 1 24 ? 16.122  -0.178  -9.194  1.00 26.00 ? 24   LYS A CD  1 
ATOM   177  C CE  . LYS A 1 24 ? 16.612  -0.789  -10.503 1.00 30.09 ? 24   LYS A CE  1 
ATOM   178  N NZ  . LYS A 1 24 ? 15.967  -0.188  -11.708 1.00 32.36 ? 24   LYS A NZ  1 
ATOM   179  N N   . LYS A 1 25 ? 18.534  -0.216  -4.837  1.00 17.49 ? 25   LYS A N   1 
ATOM   180  C CA  . LYS A 1 25 ? 19.971  -0.031  -4.635  1.00 20.16 ? 25   LYS A CA  1 
ATOM   181  C C   . LYS A 1 25 ? 20.552  -1.031  -3.648  1.00 18.89 ? 25   LYS A C   1 
ATOM   182  O O   . LYS A 1 25 ? 21.607  -1.612  -3.890  1.00 18.15 ? 25   LYS A O   1 
ATOM   183  C CB  . LYS A 1 25 ? 20.268  1.388   -4.128  1.00 22.38 ? 25   LYS A CB  1 
ATOM   184  C CG  . LYS A 1 25 ? 20.045  2.487   -5.144  1.00 31.92 ? 25   LYS A CG  1 
ATOM   185  C CD  . LYS A 1 25 ? 20.436  3.845   -4.561  1.00 35.14 ? 25   LYS A CD  1 
ATOM   186  C CE  . LYS A 1 25 ? 20.459  4.930   -5.629  1.00 36.74 ? 25   LYS A CE  1 
ATOM   187  N NZ  . LYS A 1 25 ? 19.132  5.098   -6.282  1.00 39.52 ? 25   LYS A NZ  1 
ATOM   188  N N   . ALA A 1 26 ? 19.874  -1.207  -2.520  1.00 18.52 ? 26   ALA A N   1 
ATOM   189  C CA  . ALA A 1 26 ? 20.340  -2.148  -1.504  1.00 18.55 ? 26   ALA A CA  1 
ATOM   190  C C   . ALA A 1 26 ? 20.434  -3.560  -2.100  1.00 18.50 ? 26   ALA A C   1 
ATOM   191  O O   . ALA A 1 26 ? 21.398  -4.288  -1.847  1.00 18.80 ? 26   ALA A O   1 
ATOM   192  C CB  . ALA A 1 26 ? 19.389  -2.132  -0.306  1.00 19.13 ? 26   ALA A CB  1 
ATOM   193  N N   . LEU A 1 27 ? 19.431  -3.945  -2.888  1.00 16.79 ? 27   LEU A N   1 
ATOM   194  C CA  . LEU A 1 27 ? 19.439  -5.258  -3.520  1.00 15.35 ? 27   LEU A CA  1 
ATOM   195  C C   . LEU A 1 27 ? 20.606  -5.381  -4.498  1.00 15.00 ? 27   LEU A C   1 
ATOM   196  O O   . LEU A 1 27 ? 21.271  -6.412  -4.546  1.00 14.95 ? 27   LEU A O   1 
ATOM   197  C CB  . LEU A 1 27 ? 18.115  -5.516  -4.252  1.00 13.96 ? 27   LEU A CB  1 
ATOM   198  C CG  . LEU A 1 27 ? 16.923  -5.877  -3.360  1.00 13.03 ? 27   LEU A CG  1 
ATOM   199  C CD1 . LEU A 1 27 ? 15.625  -5.793  -4.155  1.00 9.46  ? 27   LEU A CD1 1 
ATOM   200  C CD2 . LEU A 1 27 ? 17.128  -7.277  -2.799  1.00 13.26 ? 27   LEU A CD2 1 
ATOM   201  N N   . GLU A 1 28 ? 20.857  -4.337  -5.282  1.00 16.30 ? 28   GLU A N   1 
ATOM   202  C CA  . GLU A 1 28 ? 21.968  -4.372  -6.233  1.00 19.27 ? 28   GLU A CA  1 
ATOM   203  C C   . GLU A 1 28 ? 23.282  -4.443  -5.465  1.00 20.93 ? 28   GLU A C   1 
ATOM   204  O O   . GLU A 1 28 ? 24.212  -5.146  -5.870  1.00 18.65 ? 28   GLU A O   1 
ATOM   205  C CB  . GLU A 1 28 ? 21.948  -3.133  -7.133  1.00 21.38 ? 28   GLU A CB  1 
ATOM   206  C CG  . GLU A 1 28 ? 20.665  -3.001  -7.936  1.00 24.76 ? 28   GLU A CG  1 
ATOM   207  C CD  . GLU A 1 28 ? 20.560  -1.678  -8.663  1.00 29.20 ? 28   GLU A CD  1 
ATOM   208  O OE1 . GLU A 1 28 ? 20.866  -0.631  -8.045  1.00 31.98 ? 28   GLU A OE1 1 
ATOM   209  O OE2 . GLU A 1 28 ? 20.159  -1.683  -9.844  1.00 29.53 ? 28   GLU A OE2 1 
ATOM   210  N N   . GLU A 1 29 ? 23.353  -3.723  -4.350  1.00 20.55 ? 29   GLU A N   1 
ATOM   211  C CA  . GLU A 1 29 ? 24.557  -3.735  -3.527  1.00 23.74 ? 29   GLU A CA  1 
ATOM   212  C C   . GLU A 1 29 ? 24.789  -5.117  -2.929  1.00 22.52 ? 29   GLU A C   1 
ATOM   213  O O   . GLU A 1 29 ? 25.928  -5.505  -2.676  1.00 24.34 ? 29   GLU A O   1 
ATOM   214  C CB  . GLU A 1 29 ? 24.460  -2.701  -2.403  1.00 27.20 ? 29   GLU A CB  1 
ATOM   215  C CG  . GLU A 1 29 ? 24.607  -1.257  -2.858  1.00 34.01 ? 29   GLU A CG  1 
ATOM   216  C CD  . GLU A 1 29 ? 25.911  -1.008  -3.597  1.00 40.00 ? 29   GLU A CD  1 
ATOM   217  O OE1 . GLU A 1 29 ? 26.933  -1.637  -3.238  1.00 42.63 ? 29   GLU A OE1 1 
ATOM   218  O OE2 . GLU A 1 29 ? 25.917  -0.174  -4.532  1.00 42.60 ? 29   GLU A OE2 1 
ATOM   219  N N   . ALA A 1 30 ? 23.708  -5.857  -2.700  1.00 21.08 ? 30   ALA A N   1 
ATOM   220  C CA  . ALA A 1 30 ? 23.816  -7.201  -2.142  1.00 18.56 ? 30   ALA A CA  1 
ATOM   221  C C   . ALA A 1 30 ? 24.155  -8.223  -3.233  1.00 18.04 ? 30   ALA A C   1 
ATOM   222  O O   . ALA A 1 30 ? 24.347  -9.408  -2.950  1.00 19.52 ? 30   ALA A O   1 
ATOM   223  C CB  . ALA A 1 30 ? 22.524  -7.582  -1.442  1.00 16.86 ? 30   ALA A CB  1 
ATOM   224  N N   . GLY A 1 31 ? 24.204  -7.769  -4.479  1.00 16.67 ? 31   GLY A N   1 
ATOM   225  C CA  . GLY A 1 31 ? 24.565  -8.666  -5.568  1.00 18.16 ? 31   GLY A CA  1 
ATOM   226  C C   . GLY A 1 31 ? 23.481  -9.144  -6.516  1.00 17.05 ? 31   GLY A C   1 
ATOM   227  O O   . GLY A 1 31 ? 23.757  -9.913  -7.440  1.00 17.94 ? 31   GLY A O   1 
ATOM   228  N N   . ALA A 1 32 ? 22.250  -8.707  -6.304  1.00 16.35 ? 32   ALA A N   1 
ATOM   229  C CA  . ALA A 1 32 ? 21.157  -9.128  -7.171  1.00 15.72 ? 32   ALA A CA  1 
ATOM   230  C C   . ALA A 1 32 ? 20.983  -8.169  -8.349  1.00 17.05 ? 32   ALA A C   1 
ATOM   231  O O   . ALA A 1 32 ? 21.339  -6.995  -8.264  1.00 17.10 ? 32   ALA A O   1 
ATOM   232  C CB  . ALA A 1 32 ? 19.863  -9.205  -6.368  1.00 14.58 ? 32   ALA A CB  1 
ATOM   233  N N   . LYS A 1 33 ? 20.440  -8.682  -9.449  1.00 16.81 ? 33   LYS A N   1 
ATOM   234  C CA  . LYS A 1 33 ? 20.180  -7.863  -10.628 1.00 15.60 ? 33   LYS A CA  1 
ATOM   235  C C   . LYS A 1 33 ? 18.673  -7.635  -10.565 1.00 17.12 ? 33   LYS A C   1 
ATOM   236  O O   . LYS A 1 33 ? 17.887  -8.564  -10.739 1.00 15.73 ? 33   LYS A O   1 
ATOM   237  C CB  . LYS A 1 33 ? 20.561  -8.619  -11.906 1.00 17.46 ? 33   LYS A CB  1 
ATOM   238  C CG  . LYS A 1 33 ? 20.473  -7.782  -13.175 1.00 18.74 ? 33   LYS A CG  1 
ATOM   239  C CD  . LYS A 1 33 ? 21.094  -8.511  -14.361 1.00 21.21 ? 33   LYS A CD  1 
ATOM   240  C CE  . LYS A 1 33 ? 20.965  -7.705  -15.645 1.00 20.74 ? 33   LYS A CE  1 
ATOM   241  N NZ  . LYS A 1 33 ? 19.549  -7.438  -15.998 1.00 22.97 ? 33   LYS A NZ  1 
ATOM   242  N N   . VAL A 1 34 ? 18.276  -6.398  -10.299 1.00 14.93 ? 34   VAL A N   1 
ATOM   243  C CA  . VAL A 1 34 ? 16.867  -6.076  -10.155 1.00 16.99 ? 34   VAL A CA  1 
ATOM   244  C C   . VAL A 1 34 ? 16.138  -5.953  -11.479 1.00 18.66 ? 34   VAL A C   1 
ATOM   245  O O   . VAL A 1 34 ? 16.556  -5.199  -12.358 1.00 19.69 ? 34   VAL A O   1 
ATOM   246  C CB  . VAL A 1 34 ? 16.704  -4.775  -9.358  1.00 18.70 ? 34   VAL A CB  1 
ATOM   247  C CG1 . VAL A 1 34 ? 15.234  -4.506  -9.089  1.00 18.62 ? 34   VAL A CG1 1 
ATOM   248  C CG2 . VAL A 1 34 ? 17.482  -4.878  -8.047  1.00 17.60 ? 34   VAL A CG2 1 
ATOM   249  N N   . GLU A 1 35 ? 15.055  -6.709  -11.616 1.00 18.84 ? 35   GLU A N   1 
ATOM   250  C CA  . GLU A 1 35 ? 14.247  -6.693  -12.833 1.00 23.19 ? 35   GLU A CA  1 
ATOM   251  C C   . GLU A 1 35 ? 13.063  -5.766  -12.592 1.00 23.39 ? 35   GLU A C   1 
ATOM   252  O O   . GLU A 1 35 ? 12.654  -5.014  -13.470 1.00 24.60 ? 35   GLU A O   1 
ATOM   253  C CB  . GLU A 1 35 ? 13.707  -8.091  -13.142 1.00 23.90 ? 35   GLU A CB  1 
ATOM   254  C CG  . GLU A 1 35 ? 14.670  -9.241  -12.887 1.00 31.02 ? 35   GLU A CG  1 
ATOM   255  C CD  . GLU A 1 35 ? 15.512  -9.609  -14.091 1.00 34.90 ? 35   GLU A CD  1 
ATOM   256  O OE1 . GLU A 1 35 ? 16.302  -8.756  -14.556 1.00 37.54 ? 35   GLU A OE1 1 
ATOM   257  O OE2 . GLU A 1 35 ? 15.382  -10.760 -14.573 1.00 33.82 ? 35   GLU A OE2 1 
ATOM   258  N N   . LYS A 1 36 ? 12.515  -5.829  -11.386 1.00 23.06 ? 36   LYS A N   1 
ATOM   259  C CA  . LYS A 1 36 ? 11.367  -5.007  -11.047 1.00 25.76 ? 36   LYS A CA  1 
ATOM   260  C C   . LYS A 1 36 ? 11.170  -4.886  -9.545  1.00 24.90 ? 36   LYS A C   1 
ATOM   261  O O   . LYS A 1 36 ? 11.397  -5.837  -8.790  1.00 23.74 ? 36   LYS A O   1 
ATOM   262  C CB  . LYS A 1 36 ? 10.106  -5.609  -11.681 1.00 28.19 ? 36   LYS A CB  1 
ATOM   263  C CG  . LYS A 1 36 ? 8.804   -4.941  -11.276 1.00 32.40 ? 36   LYS A CG  1 
ATOM   264  C CD  . LYS A 1 36 ? 7.624   -5.641  -11.927 1.00 36.02 ? 36   LYS A CD  1 
ATOM   265  C CE  . LYS A 1 36 ? 6.300   -5.089  -11.422 1.00 38.68 ? 36   LYS A CE  1 
ATOM   266  N NZ  . LYS A 1 36 ? 5.139   -5.723  -12.109 1.00 40.56 ? 36   LYS A NZ  1 
ATOM   267  N N   . VAL A 1 37 ? 10.759  -3.700  -9.116  1.00 24.98 ? 37   VAL A N   1 
ATOM   268  C CA  . VAL A 1 37 ? 10.483  -3.451  -7.712  1.00 24.12 ? 37   VAL A CA  1 
ATOM   269  C C   . VAL A 1 37 ? 9.331   -2.462  -7.615  1.00 24.36 ? 37   VAL A C   1 
ATOM   270  O O   . VAL A 1 37 ? 9.311   -1.451  -8.318  1.00 22.50 ? 37   VAL A O   1 
ATOM   271  C CB  . VAL A 1 37 ? 11.712  -2.872  -6.967  1.00 26.43 ? 37   VAL A CB  1 
ATOM   272  C CG1 . VAL A 1 37 ? 12.146  -1.561  -7.610  1.00 28.45 ? 37   VAL A CG1 1 
ATOM   273  C CG2 . VAL A 1 37 ? 11.370  -2.653  -5.492  1.00 25.52 ? 37   VAL A CG2 1 
ATOM   274  N N   . ASP A 1 38 ? 8.354   -2.790  -6.774  1.00 23.75 ? 38   ASP A N   1 
ATOM   275  C CA  . ASP A 1 38 ? 7.206   -1.925  -6.521  1.00 24.08 ? 38   ASP A CA  1 
ATOM   276  C C   . ASP A 1 38 ? 6.904   -2.009  -5.029  1.00 22.61 ? 38   ASP A C   1 
ATOM   277  O O   . ASP A 1 38 ? 7.714   -2.544  -4.264  1.00 22.72 ? 38   ASP A O   1 
ATOM   278  C CB  . ASP A 1 38 ? 5.971   -2.322  -7.355  1.00 25.23 ? 38   ASP A CB  1 
ATOM   279  C CG  . ASP A 1 38 ? 5.585   -3.787  -7.205  1.00 27.87 ? 38   ASP A CG  1 
ATOM   280  O OD1 . ASP A 1 38 ? 5.676   -4.341  -6.088  1.00 26.52 ? 38   ASP A OD1 1 
ATOM   281  O OD2 . ASP A 1 38 ? 5.169   -4.381  -8.222  1.00 33.04 ? 38   ASP A OD2 1 
ATOM   282  N N   . LEU A 1 39 ? 5.752   -1.502  -4.606  1.00 19.95 ? 39   LEU A N   1 
ATOM   283  C CA  . LEU A 1 39 ? 5.411   -1.508  -3.182  1.00 19.63 ? 39   LEU A CA  1 
ATOM   284  C C   . LEU A 1 39 ? 5.343   -2.880  -2.507  1.00 19.93 ? 39   LEU A C   1 
ATOM   285  O O   . LEU A 1 39 ? 5.676   -3.016  -1.324  1.00 17.46 ? 39   LEU A O   1 
ATOM   286  C CB  . LEU A 1 39 ? 4.076   -0.796  -2.953  1.00 20.11 ? 39   LEU A CB  1 
ATOM   287  C CG  . LEU A 1 39 ? 3.946   0.666   -3.396  1.00 21.19 ? 39   LEU A CG  1 
ATOM   288  C CD1 . LEU A 1 39 ? 2.565   1.182   -3.004  1.00 22.32 ? 39   LEU A CD1 1 
ATOM   289  C CD2 . LEU A 1 39 ? 5.035   1.509   -2.746  1.00 21.16 ? 39   LEU A CD2 1 
ATOM   290  N N   . ASN A 1 40 ? 4.920   -3.892  -3.255  1.00 19.92 ? 40   ASN A N   1 
ATOM   291  C CA  . ASN A 1 40 ? 4.748   -5.223  -2.691  1.00 23.22 ? 40   ASN A CA  1 
ATOM   292  C C   . ASN A 1 40 ? 5.781   -6.281  -3.017  1.00 21.25 ? 40   ASN A C   1 
ATOM   293  O O   . ASN A 1 40 ? 5.826   -7.313  -2.352  1.00 21.74 ? 40   ASN A O   1 
ATOM   294  C CB  . ASN A 1 40 ? 3.377   -5.764  -3.090  1.00 25.85 ? 40   ASN A CB  1 
ATOM   295  C CG  . ASN A 1 40 ? 2.269   -4.806  -2.755  1.00 27.41 ? 40   ASN A CG  1 
ATOM   296  O OD1 . ASN A 1 40 ? 2.154   -4.357  -1.615  1.00 31.89 ? 40   ASN A OD1 1 
ATOM   297  N ND2 . ASN A 1 40 ? 1.445   -4.479  -3.745  1.00 28.49 ? 40   ASN A ND2 1 
ATOM   298  N N   . GLU A 1 41 ? 6.606   -6.049  -4.028  1.00 20.72 ? 41   GLU A N   1 
ATOM   299  C CA  . GLU A 1 41 ? 7.577   -7.067  -4.389  1.00 21.56 ? 41   GLU A CA  1 
ATOM   300  C C   . GLU A 1 41 ? 8.804   -6.571  -5.116  1.00 21.04 ? 41   GLU A C   1 
ATOM   301  O O   . GLU A 1 41 ? 8.814   -5.495  -5.714  1.00 20.95 ? 41   GLU A O   1 
ATOM   302  C CB  . GLU A 1 41 ? 6.912   -8.138  -5.266  1.00 24.44 ? 41   GLU A CB  1 
ATOM   303  C CG  . GLU A 1 41 ? 6.237   -7.568  -6.512  1.00 31.60 ? 41   GLU A CG  1 
ATOM   304  C CD  . GLU A 1 41 ? 5.941   -8.613  -7.584  1.00 33.27 ? 41   GLU A CD  1 
ATOM   305  O OE1 . GLU A 1 41 ? 5.561   -9.753  -7.238  1.00 35.82 ? 41   GLU A OE1 1 
ATOM   306  O OE2 . GLU A 1 41 ? 6.074   -8.284  -8.782  1.00 33.68 ? 41   GLU A OE2 1 
ATOM   307  N N   . ALA A 1 42 ? 9.838   -7.395  -5.057  1.00 16.81 ? 42   ALA A N   1 
ATOM   308  C CA  . ALA A 1 42 ? 11.080  -7.129  -5.745  1.00 17.84 ? 42   ALA A CA  1 
ATOM   309  C C   . ALA A 1 42 ? 11.349  -8.409  -6.529  1.00 18.45 ? 42   ALA A C   1 
ATOM   310  O O   . ALA A 1 42 ? 11.349  -9.507  -5.965  1.00 15.98 ? 42   ALA A O   1 
ATOM   311  C CB  . ALA A 1 42 ? 12.197  -6.868  -4.756  1.00 15.90 ? 42   ALA A CB  1 
ATOM   312  N N   . VAL A 1 43 ? 11.526  -8.271  -7.836  1.00 16.48 ? 43   VAL A N   1 
ATOM   313  C CA  . VAL A 1 43 ? 11.812  -9.416  -8.681  1.00 17.76 ? 43   VAL A CA  1 
ATOM   314  C C   . VAL A 1 43 ? 13.239  -9.201  -9.140  1.00 17.24 ? 43   VAL A C   1 
ATOM   315  O O   . VAL A 1 43 ? 13.564  -8.151  -9.695  1.00 19.45 ? 43   VAL A O   1 
ATOM   316  C CB  . VAL A 1 43 ? 10.849  -9.470  -9.892  1.00 18.64 ? 43   VAL A CB  1 
ATOM   317  C CG1 . VAL A 1 43 ? 11.161  -10.683 -10.766 1.00 18.42 ? 43   VAL A CG1 1 
ATOM   318  C CG2 . VAL A 1 43 ? 9.406   -9.543  -9.389  1.00 20.21 ? 43   VAL A CG2 1 
ATOM   319  N N   . VAL A 1 44 ? 14.098  -10.177 -8.875  1.00 16.80 ? 44   VAL A N   1 
ATOM   320  C CA  . VAL A 1 44 ? 15.497  -10.058 -9.259  1.00 17.38 ? 44   VAL A CA  1 
ATOM   321  C C   . VAL A 1 44 ? 16.044  -11.312 -9.897  1.00 18.12 ? 44   VAL A C   1 
ATOM   322  O O   . VAL A 1 44 ? 15.437  -12.384 -9.831  1.00 20.35 ? 44   VAL A O   1 
ATOM   323  C CB  . VAL A 1 44 ? 16.417  -9.767  -8.037  1.00 18.11 ? 44   VAL A CB  1 
ATOM   324  C CG1 . VAL A 1 44 ? 15.877  -8.595  -7.222  1.00 16.80 ? 44   VAL A CG1 1 
ATOM   325  C CG2 . VAL A 1 44 ? 16.543  -11.021 -7.169  1.00 17.69 ? 44   VAL A CG2 1 
ATOM   326  N N   . ALA A 1 45 ? 17.197  -11.155 -10.534 1.00 18.13 ? 45   ALA A N   1 
ATOM   327  C CA  . ALA A 1 45 ? 17.911  -12.279 -11.113 1.00 18.01 ? 45   ALA A CA  1 
ATOM   328  C C   . ALA A 1 45 ? 18.969  -12.440 -10.030 1.00 17.59 ? 45   ALA A C   1 
ATOM   329  O O   . ALA A 1 45 ? 19.740  -11.514 -9.775  1.00 17.73 ? 45   ALA A O   1 
ATOM   330  C CB  . ALA A 1 45 ? 18.560  -11.895 -12.441 1.00 16.11 ? 45   ALA A CB  1 
ATOM   331  N N   . GLY A 1 46 ? 18.989  -13.592 -9.367  1.00 16.63 ? 46   GLY A N   1 
ATOM   332  C CA  . GLY A 1 46 ? 19.962  -13.790 -8.311  1.00 18.36 ? 46   GLY A CA  1 
ATOM   333  C C   . GLY A 1 46 ? 20.326  -15.234 -8.044  1.00 18.17 ? 46   GLY A C   1 
ATOM   334  O O   . GLY A 1 46 ? 19.840  -16.151 -8.710  1.00 18.29 ? 46   GLY A O   1 
ATOM   335  N N   . ASN A 1 47 ? 21.199  -15.429 -7.064  1.00 20.36 ? 47   ASN A N   1 
ATOM   336  C CA  . ASN A 1 47 ? 21.649  -16.761 -6.668  1.00 21.68 ? 47   ASN A CA  1 
ATOM   337  C C   . ASN A 1 47 ? 20.896  -17.166 -5.404  1.00 22.37 ? 47   ASN A C   1 
ATOM   338  O O   . ASN A 1 47 ? 20.914  -16.433 -4.419  1.00 21.57 ? 47   ASN A O   1 
ATOM   339  C CB  . ASN A 1 47 ? 23.154  -16.735 -6.392  1.00 21.10 ? 47   ASN A CB  1 
ATOM   340  C CG  . ASN A 1 47 ? 23.962  -16.307 -7.607  1.00 25.60 ? 47   ASN A CG  1 
ATOM   341  O OD1 . ASN A 1 47 ? 23.956  -16.981 -8.642  1.00 25.82 ? 47   ASN A OD1 1 
ATOM   342  N ND2 . ASN A 1 47 ? 24.664  -15.187 -7.487  1.00 24.13 ? 47   ASN A ND2 1 
ATOM   343  N N   . LYS A 1 48 ? 20.241  -18.324 -5.414  1.00 26.37 ? 48   LYS A N   1 
ATOM   344  C CA  . LYS A 1 48 ? 19.493  -18.735 -4.227  1.00 29.63 ? 48   LYS A CA  1 
ATOM   345  C C   . LYS A 1 48 ? 20.396  -18.847 -3.011  1.00 28.90 ? 48   LYS A C   1 
ATOM   346  O O   . LYS A 1 48 ? 19.931  -18.780 -1.871  1.00 27.61 ? 48   LYS A O   1 
ATOM   347  C CB  . LYS A 1 48 ? 18.740  -20.054 -4.458  1.00 32.54 ? 48   LYS A CB  1 
ATOM   348  C CG  . LYS A 1 48 ? 19.586  -21.266 -4.757  1.00 35.35 ? 48   LYS A CG  1 
ATOM   349  C CD  . LYS A 1 48 ? 18.704  -22.509 -4.758  1.00 36.87 ? 48   LYS A CD  1 
ATOM   350  C CE  . LYS A 1 48 ? 19.325  -23.642 -5.549  1.00 37.67 ? 48   LYS A CE  1 
ATOM   351  N NZ  . LYS A 1 48 ? 19.365  -23.352 -7.006  1.00 39.00 ? 48   LYS A NZ  1 
ATOM   352  N N   . GLU A 1 49 ? 21.694  -19.005 -3.255  1.00 29.95 ? 49   GLU A N   1 
ATOM   353  C CA  . GLU A 1 49 ? 22.654  -19.094 -2.168  1.00 29.99 ? 49   GLU A CA  1 
ATOM   354  C C   . GLU A 1 49 ? 22.719  -17.752 -1.442  1.00 28.26 ? 49   GLU A C   1 
ATOM   355  O O   . GLU A 1 49 ? 22.976  -17.703 -0.241  1.00 28.33 ? 49   GLU A O   1 
ATOM   356  C CB  . GLU A 1 49 ? 24.052  -19.457 -2.696  1.00 33.63 ? 49   GLU A CB  1 
ATOM   357  C CG  . GLU A 1 49 ? 24.168  -20.864 -3.283  1.00 39.94 ? 49   GLU A CG  1 
ATOM   358  C CD  . GLU A 1 49 ? 23.917  -20.922 -4.785  1.00 42.54 ? 49   GLU A CD  1 
ATOM   359  O OE1 . GLU A 1 49 ? 22.929  -20.326 -5.267  1.00 43.04 ? 49   GLU A OE1 1 
ATOM   360  O OE2 . GLU A 1 49 ? 24.713  -21.582 -5.488  1.00 46.51 ? 49   GLU A OE2 1 
ATOM   361  N N   . ASP A 1 50 ? 22.465  -16.665 -2.169  1.00 26.93 ? 50   ASP A N   1 
ATOM   362  C CA  . ASP A 1 50 ? 22.529  -15.324 -1.586  1.00 25.61 ? 50   ASP A CA  1 
ATOM   363  C C   . ASP A 1 50 ? 21.183  -14.703 -1.226  1.00 25.85 ? 50   ASP A C   1 
ATOM   364  O O   . ASP A 1 50 ? 21.115  -13.510 -0.921  1.00 25.82 ? 50   ASP A O   1 
ATOM   365  C CB  . ASP A 1 50 ? 23.266  -14.370 -2.532  1.00 23.62 ? 50   ASP A CB  1 
ATOM   366  C CG  . ASP A 1 50 ? 24.671  -14.842 -2.859  1.00 25.17 ? 50   ASP A CG  1 
ATOM   367  O OD1 . ASP A 1 50 ? 25.367  -15.324 -1.937  1.00 22.82 ? 50   ASP A OD1 1 
ATOM   368  O OD2 . ASP A 1 50 ? 25.083  -14.718 -4.031  1.00 22.85 ? 50   ASP A OD2 1 
ATOM   369  N N   . VAL A 1 51 ? 20.118  -15.496 -1.259  1.00 26.72 ? 51   VAL A N   1 
ATOM   370  C CA  . VAL A 1 51 ? 18.794  -14.978 -0.929  1.00 27.59 ? 51   VAL A CA  1 
ATOM   371  C C   . VAL A 1 51 ? 18.750  -14.324 0.449   1.00 28.06 ? 51   VAL A C   1 
ATOM   372  O O   . VAL A 1 51 ? 18.115  -13.280 0.620   1.00 27.39 ? 51   VAL A O   1 
ATOM   373  C CB  . VAL A 1 51 ? 17.732  -16.090 -1.005  1.00 29.94 ? 51   VAL A CB  1 
ATOM   374  C CG1 . VAL A 1 51 ? 16.386  -15.574 -0.486  1.00 30.58 ? 51   VAL A CG1 1 
ATOM   375  C CG2 . VAL A 1 51 ? 17.589  -16.548 -2.443  1.00 28.78 ? 51   VAL A CG2 1 
ATOM   376  N N   . ASP A 1 52 ? 19.421  -14.931 1.428   1.00 26.91 ? 52   ASP A N   1 
ATOM   377  C CA  . ASP A 1 52 ? 19.461  -14.372 2.780   1.00 28.67 ? 52   ASP A CA  1 
ATOM   378  C C   . ASP A 1 52 ? 20.171  -13.028 2.780   1.00 27.50 ? 52   ASP A C   1 
ATOM   379  O O   . ASP A 1 52 ? 19.824  -12.125 3.543   1.00 26.42 ? 52   ASP A O   1 
ATOM   380  C CB  . ASP A 1 52 ? 20.195  -15.305 3.746   1.00 31.68 ? 52   ASP A CB  1 
ATOM   381  C CG  . ASP A 1 52 ? 19.369  -16.499 4.138   1.00 35.29 ? 52   ASP A CG  1 
ATOM   382  O OD1 . ASP A 1 52 ? 18.133  -16.428 3.979   1.00 38.97 ? 52   ASP A OD1 1 
ATOM   383  O OD2 . ASP A 1 52 ? 19.950  -17.499 4.616   1.00 38.18 ? 52   ASP A OD2 1 
ATOM   384  N N   . LYS A 1 53 ? 21.183  -12.913 1.929   1.00 24.82 ? 53   LYS A N   1 
ATOM   385  C CA  . LYS A 1 53 ? 21.942  -11.683 1.817   1.00 24.35 ? 53   LYS A CA  1 
ATOM   386  C C   . LYS A 1 53 ? 21.032  -10.596 1.243   1.00 22.78 ? 53   LYS A C   1 
ATOM   387  O O   . LYS A 1 53 ? 21.038  -9.457  1.711   1.00 21.78 ? 53   LYS A O   1 
ATOM   388  C CB  . LYS A 1 53 ? 23.153  -11.915 0.910   1.00 28.13 ? 53   LYS A CB  1 
ATOM   389  C CG  . LYS A 1 53 ? 24.081  -10.739 0.740   1.00 31.69 ? 53   LYS A CG  1 
ATOM   390  C CD  . LYS A 1 53 ? 25.270  -11.138 -0.127  1.00 37.71 ? 53   LYS A CD  1 
ATOM   391  C CE  . LYS A 1 53 ? 26.245  -9.987  -0.328  1.00 40.08 ? 53   LYS A CE  1 
ATOM   392  N NZ  . LYS A 1 53 ? 27.445  -10.418 -1.112  1.00 43.80 ? 53   LYS A NZ  1 
ATOM   393  N N   . TYR A 1 54 ? 20.237  -10.952 0.238   1.00 21.25 ? 54   TYR A N   1 
ATOM   394  C CA  . TYR A 1 54 ? 19.332  -9.983  -0.372  1.00 20.06 ? 54   TYR A CA  1 
ATOM   395  C C   . TYR A 1 54 ? 18.282  -9.530  0.636   1.00 19.77 ? 54   TYR A C   1 
ATOM   396  O O   . TYR A 1 54 ? 17.926  -8.357  0.689   1.00 17.55 ? 54   TYR A O   1 
ATOM   397  C CB  . TYR A 1 54 ? 18.603  -10.578 -1.579  1.00 18.58 ? 54   TYR A CB  1 
ATOM   398  C CG  . TYR A 1 54 ? 19.477  -11.194 -2.643  1.00 17.25 ? 54   TYR A CG  1 
ATOM   399  C CD1 . TYR A 1 54 ? 20.807  -10.796 -2.821  1.00 15.68 ? 54   TYR A CD1 1 
ATOM   400  C CD2 . TYR A 1 54 ? 18.962  -12.179 -3.488  1.00 15.27 ? 54   TYR A CD2 1 
ATOM   401  C CE1 . TYR A 1 54 ? 21.601  -11.376 -3.825  1.00 15.38 ? 54   TYR A CE1 1 
ATOM   402  C CE2 . TYR A 1 54 ? 19.735  -12.759 -4.480  1.00 15.02 ? 54   TYR A CE2 1 
ATOM   403  C CZ  . TYR A 1 54 ? 21.048  -12.360 -4.649  1.00 15.34 ? 54   TYR A CZ  1 
ATOM   404  O OH  . TYR A 1 54 ? 21.779  -12.949 -5.653  1.00 13.27 ? 54   TYR A OH  1 
ATOM   405  N N   . ILE A 1 55 ? 17.780  -10.474 1.426   1.00 19.32 ? 55   ILE A N   1 
ATOM   406  C CA  . ILE A 1 55 ? 16.758  -10.164 2.412   1.00 23.19 ? 55   ILE A CA  1 
ATOM   407  C C   . ILE A 1 55 ? 17.286  -9.250  3.501   1.00 24.75 ? 55   ILE A C   1 
ATOM   408  O O   . ILE A 1 55 ? 16.601  -8.312  3.910   1.00 25.44 ? 55   ILE A O   1 
ATOM   409  C CB  . ILE A 1 55 ? 16.172  -11.461 3.038   1.00 24.01 ? 55   ILE A CB  1 
ATOM   410  C CG1 . ILE A 1 55 ? 15.271  -12.154 2.009   1.00 23.91 ? 55   ILE A CG1 1 
ATOM   411  C CG2 . ILE A 1 55 ? 15.379  -11.133 4.307   1.00 25.27 ? 55   ILE A CG2 1 
ATOM   412  C CD1 . ILE A 1 55 ? 14.699  -13.494 2.469   1.00 24.56 ? 55   ILE A CD1 1 
ATOM   413  N N   . LYS A 1 56 ? 18.508  -9.510  3.960   1.00 24.19 ? 56   LYS A N   1 
ATOM   414  C CA  . LYS A 1 56 ? 19.102  -8.680  5.002   1.00 25.30 ? 56   LYS A CA  1 
ATOM   415  C C   . LYS A 1 56 ? 19.378  -7.264  4.509   1.00 23.17 ? 56   LYS A C   1 
ATOM   416  O O   . LYS A 1 56 ? 19.353  -6.317  5.288   1.00 21.01 ? 56   LYS A O   1 
ATOM   417  C CB  . LYS A 1 56 ? 20.400  -9.312  5.524   1.00 28.40 ? 56   LYS A CB  1 
ATOM   418  C CG  . LYS A 1 56 ? 20.169  -10.559 6.363   1.00 32.89 ? 56   LYS A CG  1 
ATOM   419  C CD  . LYS A 1 56 ? 21.447  -11.023 7.050   1.00 37.55 ? 56   LYS A CD  1 
ATOM   420  C CE  . LYS A 1 56 ? 21.201  -12.277 7.885   1.00 39.56 ? 56   LYS A CE  1 
ATOM   421  N NZ  . LYS A 1 56 ? 20.166  -12.067 8.948   1.00 41.96 ? 56   LYS A NZ  1 
ATOM   422  N N   . ALA A 1 57 ? 19.653  -7.123  3.215   1.00 22.68 ? 57   ALA A N   1 
ATOM   423  C CA  . ALA A 1 57 ? 19.915  -5.804  2.645   1.00 19.04 ? 57   ALA A CA  1 
ATOM   424  C C   . ALA A 1 57 ? 18.616  -4.996  2.644   1.00 17.75 ? 57   ALA A C   1 
ATOM   425  O O   . ALA A 1 57 ? 18.621  -3.793  2.893   1.00 18.06 ? 57   ALA A O   1 
ATOM   426  C CB  . ALA A 1 57 ? 20.456  -5.938  1.226   1.00 19.23 ? 57   ALA A CB  1 
ATOM   427  N N   . VAL A 1 58 ? 17.499  -5.658  2.361   1.00 17.08 ? 58   VAL A N   1 
ATOM   428  C CA  . VAL A 1 58 ? 16.218  -4.961  2.361   1.00 18.87 ? 58   VAL A CA  1 
ATOM   429  C C   . VAL A 1 58 ? 15.858  -4.541  3.785   1.00 20.59 ? 58   VAL A C   1 
ATOM   430  O O   . VAL A 1 58 ? 15.341  -3.447  4.011   1.00 19.95 ? 58   VAL A O   1 
ATOM   431  C CB  . VAL A 1 58 ? 15.085  -5.848  1.795   1.00 19.17 ? 58   VAL A CB  1 
ATOM   432  C CG1 . VAL A 1 58 ? 13.760  -5.108  1.888   1.00 15.73 ? 58   VAL A CG1 1 
ATOM   433  C CG2 . VAL A 1 58 ? 15.382  -6.211  0.333   1.00 17.98 ? 58   VAL A CG2 1 
ATOM   434  N N   . GLU A 1 59 ? 16.133  -5.414  4.747   1.00 21.70 ? 59   GLU A N   1 
ATOM   435  C CA  . GLU A 1 59 ? 15.838  -5.102  6.143   1.00 24.43 ? 59   GLU A CA  1 
ATOM   436  C C   . GLU A 1 59 ? 16.704  -3.931  6.607   1.00 24.27 ? 59   GLU A C   1 
ATOM   437  O O   . GLU A 1 59 ? 16.221  -3.026  7.280   1.00 24.27 ? 59   GLU A O   1 
ATOM   438  C CB  . GLU A 1 59 ? 16.088  -6.326  7.025   1.00 27.07 ? 59   GLU A CB  1 
ATOM   439  C CG  . GLU A 1 59 ? 15.324  -7.565  6.578   1.00 31.62 ? 59   GLU A CG  1 
ATOM   440  C CD  . GLU A 1 59 ? 15.542  -8.758  7.495   1.00 35.94 ? 59   GLU A CD  1 
ATOM   441  O OE1 . GLU A 1 59 ? 16.706  -9.037  7.857   1.00 35.61 ? 59   GLU A OE1 1 
ATOM   442  O OE2 . GLU A 1 59 ? 14.546  -9.425  7.848   1.00 39.38 ? 59   GLU A OE2 1 
ATOM   443  N N   . ALA A 1 60 ? 17.981  -3.949  6.234   1.00 25.56 ? 60   ALA A N   1 
ATOM   444  C CA  . ALA A 1 60 ? 18.906  -2.884  6.608   1.00 25.30 ? 60   ALA A CA  1 
ATOM   445  C C   . ALA A 1 60 ? 18.475  -1.540  6.017   1.00 26.21 ? 60   ALA A C   1 
ATOM   446  O O   . ALA A 1 60 ? 18.749  -0.482  6.595   1.00 25.98 ? 60   ALA A O   1 
ATOM   447  C CB  . ALA A 1 60 ? 20.317  -3.230  6.147   1.00 25.71 ? 60   ALA A CB  1 
ATOM   448  N N   . ALA A 1 61 ? 17.813  -1.579  4.863   1.00 24.94 ? 61   ALA A N   1 
ATOM   449  C CA  . ALA A 1 61 ? 17.337  -0.354  4.223   1.00 24.55 ? 61   ALA A CA  1 
ATOM   450  C C   . ALA A 1 61 ? 16.120  0.151   4.977   1.00 23.14 ? 61   ALA A C   1 
ATOM   451  O O   . ALA A 1 61 ? 15.623  1.247   4.712   1.00 24.98 ? 61   ALA A O   1 
ATOM   452  C CB  . ALA A 1 61 ? 16.974  -0.613  2.759   1.00 25.58 ? 61   ALA A CB  1 
ATOM   453  N N   . GLY A 1 62 ? 15.623  -0.668  5.899   1.00 23.66 ? 62   GLY A N   1 
ATOM   454  C CA  . GLY A 1 62 ? 14.478  -0.276  6.700   1.00 22.29 ? 62   GLY A CA  1 
ATOM   455  C C   . GLY A 1 62 ? 13.155  -0.966  6.412   1.00 22.15 ? 62   GLY A C   1 
ATOM   456  O O   . GLY A 1 62 ? 12.113  -0.513  6.883   1.00 20.63 ? 62   GLY A O   1 
ATOM   457  N N   . TYR A 1 63 ? 13.176  -2.064  5.661   1.00 21.22 ? 63   TYR A N   1 
ATOM   458  C CA  . TYR A 1 63 ? 11.929  -2.758  5.347   1.00 21.89 ? 63   TYR A CA  1 
ATOM   459  C C   . TYR A 1 63 ? 11.991  -4.248  5.644   1.00 22.96 ? 63   TYR A C   1 
ATOM   460  O O   . TYR A 1 63 ? 12.909  -4.722  6.309   1.00 23.28 ? 63   TYR A O   1 
ATOM   461  C CB  . TYR A 1 63 ? 11.568  -2.520  3.874   1.00 21.65 ? 63   TYR A CB  1 
ATOM   462  C CG  . TYR A 1 63 ? 11.680  -1.059  3.502   1.00 22.36 ? 63   TYR A CG  1 
ATOM   463  C CD1 . TYR A 1 63 ? 12.876  -0.542  3.005   1.00 17.71 ? 63   TYR A CD1 1 
ATOM   464  C CD2 . TYR A 1 63 ? 10.623  -0.171  3.745   1.00 22.52 ? 63   TYR A CD2 1 
ATOM   465  C CE1 . TYR A 1 63 ? 13.028  0.819   2.764   1.00 20.34 ? 63   TYR A CE1 1 
ATOM   466  C CE2 . TYR A 1 63 ? 10.766  1.205   3.507   1.00 20.84 ? 63   TYR A CE2 1 
ATOM   467  C CZ  . TYR A 1 63 ? 11.976  1.691   3.016   1.00 21.74 ? 63   TYR A CZ  1 
ATOM   468  O OH  . TYR A 1 63 ? 12.148  3.046   2.793   1.00 19.85 ? 63   TYR A OH  1 
ATOM   469  N N   . GLN A 1 64 ? 10.996  -4.983  5.171   1.00 25.20 ? 64   GLN A N   1 
ATOM   470  C CA  . GLN A 1 64 ? 10.972  -6.421  5.381   1.00 25.84 ? 64   GLN A CA  1 
ATOM   471  C C   . GLN A 1 64 ? 10.792  -7.119  4.049   1.00 25.48 ? 64   GLN A C   1 
ATOM   472  O O   . GLN A 1 64 ? 10.053  -6.651  3.184   1.00 22.88 ? 64   GLN A O   1 
ATOM   473  C CB  . GLN A 1 64 ? 9.841   -6.818  6.328   1.00 30.85 ? 64   GLN A CB  1 
ATOM   474  C CG  . GLN A 1 64 ? 9.870   -8.286  6.714   1.00 35.94 ? 64   GLN A CG  1 
ATOM   475  C CD  . GLN A 1 64 ? 11.222  -8.720  7.266   1.00 41.56 ? 64   GLN A CD  1 
ATOM   476  O OE1 . GLN A 1 64 ? 12.226  -8.759  6.542   1.00 40.97 ? 64   GLN A OE1 1 
ATOM   477  N NE2 . GLN A 1 64 ? 11.255  -9.047  8.556   1.00 43.92 ? 64   GLN A NE2 1 
ATOM   478  N N   . ALA A 1 65 ? 11.492  -8.235  3.884   1.00 23.86 ? 65   ALA A N   1 
ATOM   479  C CA  . ALA A 1 65 ? 11.413  -9.010  2.659   1.00 25.23 ? 65   ALA A CA  1 
ATOM   480  C C   . ALA A 1 65 ? 11.290  -10.477 3.024   1.00 25.01 ? 65   ALA A C   1 
ATOM   481  O O   . ALA A 1 65 ? 11.876  -10.936 4.005   1.00 25.55 ? 65   ALA A O   1 
ATOM   482  C CB  . ALA A 1 65 ? 12.656  -8.784  1.802   1.00 24.23 ? 65   ALA A CB  1 
ATOM   483  N N   . LYS A 1 66 ? 10.531  -11.205 2.221   1.00 24.79 ? 66   LYS A N   1 
ATOM   484  C CA  . LYS A 1 66 ? 10.313  -12.618 2.454   1.00 26.14 ? 66   LYS A CA  1 
ATOM   485  C C   . LYS A 1 66 ? 10.300  -13.315 1.104   1.00 23.17 ? 66   LYS A C   1 
ATOM   486  O O   . LYS A 1 66 ? 9.753   -12.786 0.141   1.00 21.03 ? 66   LYS A O   1 
ATOM   487  C CB  . LYS A 1 66 ? 8.967   -12.807 3.153   1.00 29.92 ? 66   LYS A CB  1 
ATOM   488  C CG  . LYS A 1 66 ? 8.764   -14.142 3.839   1.00 37.31 ? 66   LYS A CG  1 
ATOM   489  C CD  . LYS A 1 66 ? 7.499   -14.101 4.710   1.00 40.23 ? 66   LYS A CD  1 
ATOM   490  C CE  . LYS A 1 66 ? 7.589   -13.003 5.771   1.00 39.93 ? 66   LYS A CE  1 
ATOM   491  N NZ  . LYS A 1 66 ? 6.337   -12.853 6.566   1.00 41.50 ? 66   LYS A NZ  1 
ATOM   492  N N   . LEU A 1 67 ? 10.914  -14.491 1.030   1.00 22.02 ? 67   LEU A N   1 
ATOM   493  C CA  . LEU A 1 67 ? 10.922  -15.243 -0.216  1.00 22.58 ? 67   LEU A CA  1 
ATOM   494  C C   . LEU A 1 67 ? 9.489   -15.692 -0.483  1.00 24.80 ? 67   LEU A C   1 
ATOM   495  O O   . LEU A 1 67 ? 8.773   -16.106 0.435   1.00 24.45 ? 67   LEU A O   1 
ATOM   496  C CB  . LEU A 1 67 ? 11.842  -16.463 -0.104  1.00 22.94 ? 67   LEU A CB  1 
ATOM   497  C CG  . LEU A 1 67 ? 11.961  -17.360 -1.343  1.00 25.00 ? 67   LEU A CG  1 
ATOM   498  C CD1 . LEU A 1 67 ? 12.617  -16.588 -2.494  1.00 21.94 ? 67   LEU A CD1 1 
ATOM   499  C CD2 . LEU A 1 67 ? 12.787  -18.599 -0.988  1.00 24.75 ? 67   LEU A CD2 1 
ATOM   500  N N   . ARG A 1 68 ? 9.061   -15.597 -1.736  1.00 26.04 ? 68   ARG A N   1 
ATOM   501  C CA  . ARG A 1 68 ? 7.710   -15.992 -2.104  1.00 29.07 ? 68   ARG A CA  1 
ATOM   502  C C   . ARG A 1 68 ? 7.478   -17.473 -1.794  1.00 32.38 ? 68   ARG A C   1 
ATOM   503  O O   . ARG A 1 68 ? 8.278   -18.334 -2.164  1.00 28.87 ? 68   ARG A O   1 
ATOM   504  C CB  . ARG A 1 68 ? 7.475   -15.722 -3.592  1.00 31.49 ? 68   ARG A CB  1 
ATOM   505  C CG  . ARG A 1 68 ? 6.042   -15.950 -4.060  1.00 36.05 ? 68   ARG A CG  1 
ATOM   506  C CD  . ARG A 1 68 ? 5.919   -15.696 -5.556  1.00 40.41 ? 68   ARG A CD  1 
ATOM   507  N NE  . ARG A 1 68 ? 6.945   -16.428 -6.301  1.00 47.21 ? 68   ARG A NE  1 
ATOM   508  C CZ  . ARG A 1 68 ? 7.068   -16.421 -7.626  1.00 48.35 ? 68   ARG A CZ  1 
ATOM   509  N NH1 . ARG A 1 68 ? 6.228   -15.717 -8.376  1.00 49.77 ? 68   ARG A NH1 1 
ATOM   510  N NH2 . ARG A 1 68 ? 8.040   -17.117 -8.205  1.00 48.70 ? 68   ARG A NH2 1 
ATOM   511  N N   . SER A 1 69 ? 6.377   -17.756 -1.106  1.00 34.31 ? 69   SER A N   1 
ATOM   512  C CA  . SER A 1 69 ? 6.028   -19.118 -0.732  1.00 38.39 ? 69   SER A CA  1 
ATOM   513  C C   . SER A 1 69 ? 5.189   -19.813 -1.793  1.00 40.89 ? 69   SER A C   1 
ATOM   514  O O   . SER A 1 69 ? 4.347   -19.192 -2.446  1.00 41.10 ? 69   SER A O   1 
ATOM   515  C CB  . SER A 1 69 ? 5.259   -19.119 0.592   1.00 38.86 ? 69   SER A CB  1 
ATOM   516  O OG  . SER A 1 69 ? 4.613   -20.364 0.806   1.00 39.11 ? 69   SER A OG  1 
ATOM   517  N N   . SER A 1 70 ? 5.572   -21.030 -1.987  1.00 42.52 ? 70   SER A N   1 
ATOM   518  C CA  . SER A 1 70 ? 4.828   -21.921 -2.806  1.00 44.64 ? 70   SER A CA  1 
ATOM   519  C C   . SER A 1 70 ? 3.720   -22.773 -2.069  1.00 44.57 ? 70   SER A C   1 
ATOM   520  O O   . SER A 1 70 ? 2.769   -23.194 -2.521  1.00 45.31 ? 70   SER A O   1 
ATOM   521  C CB  . SER A 1 70 ? 5.852   -22.648 -3.486  1.00 44.86 ? 70   SER A CB  1 
ATOM   522  O OG  . SER A 1 70 ? 6.667   -23.218 -2.630  1.00 45.54 ? 70   SER A OG  1 
ATOM   523  N N   . ALA A 1 71 ? 3.926   -22.841 -0.826  1.00 45.26 ? 71   ALA A N   1 
ATOM   524  C CA  . ALA A 1 71 ? 3.110   -23.658 0.062   1.00 46.00 ? 71   ALA A CA  1 
ATOM   525  C C   . ALA A 1 71 ? 1.693   -23.136 0.286   1.00 45.83 ? 71   ALA A C   1 
ATOM   526  O O   . ALA A 1 71 ? 0.716   -23.824 -0.019  1.00 44.51 ? 71   ALA A O   1 
ATOM   527  C CB  . ALA A 1 71 ? 3.819   -23.821 1.410   1.00 45.93 ? 71   ALA A CB  1 
ATOM   528  N N   . TRP A 1 72 ? 1.581   -21.922 0.817   1.00 46.31 ? 72   TRP A N   1 
ATOM   529  C CA  . TRP A 1 72 ? 0.267   -21.366 1.108   1.00 47.31 ? 72   TRP A CA  1 
ATOM   530  C C   . TRP A 1 72 ? -0.115  -20.097 0.357   1.00 47.36 ? 72   TRP A C   1 
ATOM   531  O O   . TRP A 1 72 ? 0.738   -19.291 -0.014  1.00 47.49 ? 72   TRP A O   1 
ATOM   532  C CB  . TRP A 1 72 ? 0.134   -21.144 2.617   1.00 48.28 ? 72   TRP A CB  1 
ATOM   533  C CG  . TRP A 1 72 ? 0.485   -22.370 3.403   1.00 48.77 ? 72   TRP A CG  1 
ATOM   534  C CD1 . TRP A 1 72 ? 1.727   -22.739 3.835   1.00 49.51 ? 72   TRP A CD1 1 
ATOM   535  C CD2 . TRP A 1 72 ? -0.403  -23.429 3.781   1.00 48.87 ? 72   TRP A CD2 1 
ATOM   536  N NE1 . TRP A 1 72 ? 1.669   -23.965 4.456   1.00 49.96 ? 72   TRP A NE1 1 
ATOM   537  C CE2 . TRP A 1 72 ? 0.374   -24.412 4.438   1.00 48.67 ? 72   TRP A CE2 1 
ATOM   538  C CE3 . TRP A 1 72 ? -1.778  -23.646 3.627   1.00 47.49 ? 72   TRP A CE3 1 
ATOM   539  C CZ2 . TRP A 1 72 ? -0.180  -25.593 4.940   1.00 48.45 ? 72   TRP A CZ2 1 
ATOM   540  C CZ3 . TRP A 1 72 ? -2.328  -24.823 4.127   1.00 48.16 ? 72   TRP A CZ3 1 
ATOM   541  C CH2 . TRP A 1 72 ? -1.529  -25.781 4.775   1.00 48.08 ? 72   TRP A CH2 1 
ATOM   542  N N   . SER A 1 73 ? -1.422  -19.949 0.159   1.00 47.44 ? 73   SER A N   1 
ATOM   543  C CA  . SER A 1 73 ? -2.040  -18.828 -0.545  1.00 47.27 ? 73   SER A CA  1 
ATOM   544  C C   . SER A 1 73 ? -1.113  -18.085 -1.495  1.00 46.93 ? 73   SER A C   1 
ATOM   545  O O   . SER A 1 73 ? -1.276  -18.283 -2.713  1.00 46.90 ? 73   SER A O   1 
ATOM   546  C CB  . SER A 1 73 ? -2.651  -17.852 0.465   1.00 46.17 ? 73   SER A CB  1 
ATOM   547  O OG  . SER A 1 73 ? -3.681  -18.486 1.208   1.00 41.23 ? 73   SER A OG  1 
ATOM   548  O OXT . SER A 1 73 ? -0.239  -17.331 -1.019  1.00 47.86 ? 73   SER A OXT 1 
ATOM   549  N N   . ASP B 1 2  ? 25.289  -19.929 -7.525  1.00 44.80 ? 2    ASP B N   1 
ATOM   550  C CA  . ASP B 1 2  ? 25.887  -20.651 -8.684  1.00 43.07 ? 2    ASP B CA  1 
ATOM   551  C C   . ASP B 1 2  ? 24.969  -20.552 -9.896  1.00 40.62 ? 2    ASP B C   1 
ATOM   552  O O   . ASP B 1 2  ? 25.415  -20.229 -10.995 1.00 42.07 ? 2    ASP B O   1 
ATOM   553  C CB  . ASP B 1 2  ? 26.114  -22.120 -8.330  1.00 45.26 ? 2    ASP B CB  1 
ATOM   554  C CG  . ASP B 1 2  ? 26.892  -22.856 -9.395  1.00 47.65 ? 2    ASP B CG  1 
ATOM   555  O OD1 . ASP B 1 2  ? 28.071  -22.509 -9.617  1.00 49.55 ? 2    ASP B OD1 1 
ATOM   556  O OD2 . ASP B 1 2  ? 26.321  -23.780 -10.014 1.00 49.78 ? 2    ASP B OD2 1 
ATOM   557  N N   . SER B 1 3  ? 23.750  -20.864 -9.725  1.00 36.04 ? 3    SER B N   1 
ATOM   558  C CA  . SER B 1 3  ? 22.764  -20.671 -10.709 1.00 32.32 ? 3    SER B CA  1 
ATOM   559  C C   . SER B 1 3  ? 21.950  -19.399 -10.633 1.00 28.82 ? 3    SER B C   1 
ATOM   560  O O   . SER B 1 3  ? 21.386  -19.210 -9.751  1.00 26.00 ? 3    SER B O   1 
ATOM   561  C CB  . SER B 1 3  ? 21.701  -21.774 -10.690 1.00 33.96 ? 3    SER B CB  1 
ATOM   562  O OG  . SER B 1 3  ? 22.125  -23.027 -10.414 1.00 38.42 ? 3    SER B OG  1 
ATOM   563  N N   . VAL B 1 4  ? 21.911  -18.642 -11.685 1.00 23.75 ? 4    VAL B N   1 
ATOM   564  C CA  . VAL B 1 4  ? 21.181  -17.385 -11.646 1.00 21.49 ? 4    VAL B CA  1 
ATOM   565  C C   . VAL B 1 4  ? 19.730  -17.696 -11.981 1.00 22.25 ? 4    VAL B C   1 
ATOM   566  O O   . VAL B 1 4  ? 19.433  -18.223 -13.052 1.00 20.23 ? 4    VAL B O   1 
ATOM   567  C CB  . VAL B 1 4  ? 21.743  -16.370 -12.655 1.00 21.25 ? 4    VAL B CB  1 
ATOM   568  C CG1 . VAL B 1 4  ? 20.910  -15.088 -12.621 1.00 17.02 ? 4    VAL B CG1 1 
ATOM   569  C CG2 . VAL B 1 4  ? 23.203  -16.068 -12.321 1.00 21.43 ? 4    VAL B CG2 1 
ATOM   570  N N   . GLU B 1 5  ? 18.832  -17.374 -11.054 1.00 21.83 ? 5    GLU B N   1 
ATOM   571  C CA  . GLU B 1 5  ? 17.410  -17.651 -11.238 1.00 21.42 ? 5    GLU B CA  1 
ATOM   572  C C   . GLU B 1 5  ? 16.512  -16.472 -10.877 1.00 21.10 ? 5    GLU B C   1 
ATOM   573  O O   . GLU B 1 5  ? 16.939  -15.501 -10.243 1.00 18.75 ? 5    GLU B O   1 
ATOM   574  C CB  . GLU B 1 5  ? 17.004  -18.840 -10.367 1.00 23.07 ? 5    GLU B CB  1 
ATOM   575  C CG  . GLU B 1 5  ? 17.822  -20.097 -10.597 1.00 28.21 ? 5    GLU B CG  1 
ATOM   576  C CD  . GLU B 1 5  ? 17.362  -21.239 -9.714  1.00 31.72 ? 5    GLU B CD  1 
ATOM   577  O OE1 . GLU B 1 5  ? 16.167  -21.592 -9.782  1.00 33.29 ? 5    GLU B OE1 1 
ATOM   578  O OE2 . GLU B 1 5  ? 18.191  -21.783 -8.952  1.00 36.24 ? 5    GLU B OE2 1 
ATOM   579  N N   . LYS B 1 6  ? 15.255  -16.570 -11.287 1.00 19.92 ? 6    LYS B N   1 
ATOM   580  C CA  . LYS B 1 6  ? 14.293  -15.535 -10.970 1.00 20.38 ? 6    LYS B CA  1 
ATOM   581  C C   . LYS B 1 6  ? 13.943  -15.741 -9.507  1.00 20.98 ? 6    LYS B C   1 
ATOM   582  O O   . LYS B 1 6  ? 13.640  -16.853 -9.082  1.00 21.89 ? 6    LYS B O   1 
ATOM   583  C CB  . LYS B 1 6  ? 13.037  -15.676 -11.826 1.00 22.13 ? 6    LYS B CB  1 
ATOM   584  C CG  . LYS B 1 6  ? 12.001  -14.597 -11.553 1.00 26.54 ? 6    LYS B CG  1 
ATOM   585  C CD  . LYS B 1 6  ? 10.720  -14.815 -12.354 1.00 27.83 ? 6    LYS B CD  1 
ATOM   586  C CE  . LYS B 1 6  ? 9.709   -13.715 -12.062 1.00 30.32 ? 6    LYS B CE  1 
ATOM   587  N NZ  . LYS B 1 6  ? 8.415   -13.925 -12.766 1.00 32.16 ? 6    LYS B NZ  1 
ATOM   588  N N   . ILE B 1 7  ? 14.012  -14.669 -8.735  1.00 21.24 ? 7    ILE B N   1 
ATOM   589  C CA  . ILE B 1 7  ? 13.697  -14.724 -7.321  1.00 20.49 ? 7    ILE B CA  1 
ATOM   590  C C   . ILE B 1 7  ? 12.759  -13.566 -7.024  1.00 20.37 ? 7    ILE B C   1 
ATOM   591  O O   . ILE B 1 7  ? 13.070  -12.418 -7.336  1.00 18.27 ? 7    ILE B O   1 
ATOM   592  C CB  . ILE B 1 7  ? 14.981  -14.590 -6.457  1.00 19.49 ? 7    ILE B CB  1 
ATOM   593  C CG1 . ILE B 1 7  ? 15.916  -15.773 -6.724  1.00 17.95 ? 7    ILE B CG1 1 
ATOM   594  C CG2 . ILE B 1 7  ? 14.622  -14.534 -4.981  1.00 20.00 ? 7    ILE B CG2 1 
ATOM   595  C CD1 . ILE B 1 7  ? 17.269  -15.646 -6.052  1.00 18.98 ? 7    ILE B CD1 1 
ATOM   596  N N   . VAL B 1 8  ? 11.600  -13.882 -6.454  1.00 20.96 ? 8    VAL B N   1 
ATOM   597  C CA  . VAL B 1 8  ? 10.619  -12.868 -6.093  1.00 19.95 ? 8    VAL B CA  1 
ATOM   598  C C   . VAL B 1 8  ? 10.590  -12.699 -4.582  1.00 20.14 ? 8    VAL B C   1 
ATOM   599  O O   . VAL B 1 8  ? 10.422  -13.672 -3.834  1.00 18.62 ? 8    VAL B O   1 
ATOM   600  C CB  . VAL B 1 8  ? 9.195   -13.252 -6.541  1.00 22.17 ? 8    VAL B CB  1 
ATOM   601  C CG1 . VAL B 1 8  ? 8.215   -12.163 -6.117  1.00 22.14 ? 8    VAL B CG1 1 
ATOM   602  C CG2 . VAL B 1 8  ? 9.145   -13.443 -8.044  1.00 22.93 ? 8    VAL B CG2 1 
ATOM   603  N N   . LEU B 1 9  ? 10.772  -11.471 -4.124  1.00 16.56 ? 9    LEU B N   1 
ATOM   604  C CA  . LEU B 1 9  ? 10.720  -11.201 -2.696  1.00 19.29 ? 9    LEU B CA  1 
ATOM   605  C C   . LEU B 1 9  ? 9.489   -10.356 -2.405  1.00 19.97 ? 9    LEU B C   1 
ATOM   606  O O   . LEU B 1 9  ? 9.267   -9.327  -3.053  1.00 20.59 ? 9    LEU B O   1 
ATOM   607  C CB  . LEU B 1 9  ? 11.966  -10.451 -2.234  1.00 18.11 ? 9    LEU B CB  1 
ATOM   608  C CG  . LEU B 1 9  ? 13.316  -11.136 -2.477  1.00 19.14 ? 9    LEU B CG  1 
ATOM   609  C CD1 . LEU B 1 9  ? 14.428  -10.181 -2.054  1.00 19.20 ? 9    LEU B CD1 1 
ATOM   610  C CD2 . LEU B 1 9  ? 13.396  -12.441 -1.690  1.00 18.64 ? 9    LEU B CD2 1 
ATOM   611  N N   . GLU B 1 10 ? 8.689   -10.812 -1.448  1.00 19.22 ? 10   GLU B N   1 
ATOM   612  C CA  . GLU B 1 10 ? 7.482   -10.110 -1.027  1.00 21.37 ? 10   GLU B CA  1 
ATOM   613  C C   . GLU B 1 10 ? 7.933   -9.040  -0.043  1.00 19.94 ? 10   GLU B C   1 
ATOM   614  O O   . GLU B 1 10 ? 8.575   -9.351  0.961   1.00 20.39 ? 10   GLU B O   1 
ATOM   615  C CB  . GLU B 1 10 ? 6.522   -11.077 -0.327  1.00 23.59 ? 10   GLU B CB  1 
ATOM   616  C CG  . GLU B 1 10 ? 6.020   -12.203 -1.205  1.00 29.65 ? 10   GLU B CG  1 
ATOM   617  C CD  . GLU B 1 10 ? 5.362   -11.696 -2.465  1.00 35.00 ? 10   GLU B CD  1 
ATOM   618  O OE1 . GLU B 1 10 ? 4.509   -10.785 -2.367  1.00 40.68 ? 10   GLU B OE1 1 
ATOM   619  O OE2 . GLU B 1 10 ? 5.691   -12.208 -3.557  1.00 39.74 ? 10   GLU B OE2 1 
ATOM   620  N N   . LEU B 1 11 ? 7.589   -7.786  -0.324  1.00 19.56 ? 11   LEU B N   1 
ATOM   621  C CA  . LEU B 1 11 ? 8.004   -6.680  0.529   1.00 18.15 ? 11   LEU B CA  1 
ATOM   622  C C   . LEU B 1 11 ? 6.925   -6.178  1.483   1.00 20.44 ? 11   LEU B C   1 
ATOM   623  O O   . LEU B 1 11 ? 5.729   -6.272  1.201   1.00 19.71 ? 11   LEU B O   1 
ATOM   624  C CB  . LEU B 1 11 ? 8.477   -5.512  -0.344  1.00 18.38 ? 11   LEU B CB  1 
ATOM   625  C CG  . LEU B 1 11 ? 9.514   -5.843  -1.425  1.00 16.19 ? 11   LEU B CG  1 
ATOM   626  C CD1 . LEU B 1 11 ? 9.786   -4.621  -2.277  1.00 14.50 ? 11   LEU B CD1 1 
ATOM   627  C CD2 . LEU B 1 11 ? 10.795  -6.333  -0.758  1.00 16.75 ? 11   LEU B CD2 1 
ATOM   628  N N   . SER B 1 12 ? 7.374   -5.637  2.612   1.00 20.59 ? 12   SER B N   1 
ATOM   629  C CA  . SER B 1 12 ? 6.488   -5.062  3.621   1.00 23.10 ? 12   SER B CA  1 
ATOM   630  C C   . SER B 1 12 ? 7.150   -3.774  4.106   1.00 21.39 ? 12   SER B C   1 
ATOM   631  O O   . SER B 1 12 ? 8.374   -3.689  4.170   1.00 21.35 ? 12   SER B O   1 
ATOM   632  C CB  . SER B 1 12 ? 6.311   -6.024  4.803   1.00 24.46 ? 12   SER B CB  1 
ATOM   633  O OG  . SER B 1 12 ? 5.683   -7.227  4.398   1.00 29.42 ? 12   SER B OG  1 
ATOM   634  N N   . GLY B 1 13 ? 6.349   -2.769  4.437   1.00 22.11 ? 13   GLY B N   1 
ATOM   635  C CA  . GLY B 1 13 ? 6.929   -1.526  4.915   1.00 19.35 ? 13   GLY B CA  1 
ATOM   636  C C   . GLY B 1 13 ? 6.972   -0.378  3.919   1.00 18.59 ? 13   GLY B C   1 
ATOM   637  O O   . GLY B 1 13 ? 7.346   0.736   4.291   1.00 18.78 ? 13   GLY B O   1 
ATOM   638  N N   . LEU B 1 14 ? 6.629   -0.632  2.658   1.00 18.16 ? 14   LEU B N   1 
ATOM   639  C CA  . LEU B 1 14 ? 6.609   0.442   1.660   1.00 18.29 ? 14   LEU B CA  1 
ATOM   640  C C   . LEU B 1 14 ? 5.186   0.952   1.469   1.00 20.39 ? 14   LEU B C   1 
ATOM   641  O O   . LEU B 1 14 ? 4.941   1.908   0.733   1.00 21.30 ? 14   LEU B O   1 
ATOM   642  C CB  . LEU B 1 14 ? 7.167   -0.023  0.316   1.00 17.13 ? 14   LEU B CB  1 
ATOM   643  C CG  . LEU B 1 14 ? 8.684   -0.213  0.254   1.00 19.58 ? 14   LEU B CG  1 
ATOM   644  C CD1 . LEU B 1 14 ? 9.057   -1.587  0.824   1.00 20.27 ? 14   LEU B CD1 1 
ATOM   645  C CD2 . LEU B 1 14 ? 9.148   -0.101  -1.199  1.00 17.74 ? 14   LEU B CD2 1 
ATOM   646  N N   . SER B 1 15 ? 4.250   0.294   2.138   1.00 22.31 ? 15   SER B N   1 
ATOM   647  C CA  . SER B 1 15 ? 2.843   0.671   2.098   1.00 24.11 ? 15   SER B CA  1 
ATOM   648  C C   . SER B 1 15 ? 2.264   0.133   3.396   1.00 25.19 ? 15   SER B C   1 
ATOM   649  O O   . SER B 1 15 ? 2.808   -0.810  3.977   1.00 25.58 ? 15   SER B O   1 
ATOM   650  C CB  . SER B 1 15 ? 2.139   0.039   0.894   1.00 22.99 ? 15   SER B CB  1 
ATOM   651  O OG  . SER B 1 15 ? 2.028   -1.357  1.048   1.00 28.72 ? 15   SER B OG  1 
ATOM   652  N N   . CYS B 1 16 ? 1.167   0.723   3.858   1.00 25.14 ? 16   CYS B N   1 
ATOM   653  C CA  . CYS B 1 16 ? 0.570   0.293   5.112   1.00 26.65 ? 16   CYS B CA  1 
ATOM   654  C C   . CYS B 1 16 ? -0.848  -0.239  4.936   1.00 28.20 ? 16   CYS B C   1 
ATOM   655  O O   . CYS B 1 16 ? -1.810  0.529   4.882   1.00 25.06 ? 16   CYS B O   1 
ATOM   656  C CB  . CYS B 1 16 ? 0.590   1.458   6.111   1.00 27.00 ? 16   CYS B CB  1 
ATOM   657  S SG  . CYS B 1 16 ? -0.196  1.087   7.710   1.00 29.52 ? 16   CYS B SG  1 
ATOM   658  N N   . HIS B 1 17 ? -0.972  -1.561  4.850   1.00 30.22 ? 17   HIS B N   1 
ATOM   659  C CA  . HIS B 1 17 ? -2.279  -2.173  4.679   1.00 31.64 ? 17   HIS B CA  1 
ATOM   660  C C   . HIS B 1 17 ? -3.109  -2.163  5.959   1.00 31.69 ? 17   HIS B C   1 
ATOM   661  O O   . HIS B 1 17 ? -4.334  -2.217  5.892   1.00 31.23 ? 17   HIS B O   1 
ATOM   662  C CB  . HIS B 1 17 ? -2.145  -3.602  4.131   1.00 35.46 ? 17   HIS B CB  1 
ATOM   663  C CG  . HIS B 1 17 ? -1.695  -3.655  2.702   1.00 38.61 ? 17   HIS B CG  1 
ATOM   664  N ND1 . HIS B 1 17 ? -0.372  -3.543  2.331   1.00 40.70 ? 17   HIS B ND1 1 
ATOM   665  C CD2 . HIS B 1 17 ? -2.402  -3.738  1.549   1.00 39.29 ? 17   HIS B CD2 1 
ATOM   666  C CE1 . HIS B 1 17 ? -0.283  -3.551  1.012   1.00 39.22 ? 17   HIS B CE1 1 
ATOM   667  N NE2 . HIS B 1 17 ? -1.500  -3.668  0.514   1.00 40.05 ? 17   HIS B NE2 1 
ATOM   668  N N   . HIS B 1 18 ? -2.462  -2.079  7.123   1.00 30.36 ? 18   HIS B N   1 
ATOM   669  C CA  . HIS B 1 18 ? -3.224  -2.043  8.372   1.00 31.29 ? 18   HIS B CA  1 
ATOM   670  C C   . HIS B 1 18 ? -3.886  -0.673  8.502   1.00 30.08 ? 18   HIS B C   1 
ATOM   671  O O   . HIS B 1 18 ? -4.925  -0.526  9.153   1.00 29.78 ? 18   HIS B O   1 
ATOM   672  C CB  . HIS B 1 18 ? -2.335  -2.358  9.597   1.00 34.04 ? 18   HIS B CB  1 
ATOM   673  C CG  . HIS B 1 18 ? -1.617  -1.174  10.180  1.00 38.20 ? 18   HIS B CG  1 
ATOM   674  N ND1 . HIS B 1 18 ? -0.265  -0.960  10.007  1.00 39.81 ? 18   HIS B ND1 1 
ATOM   675  C CD2 . HIS B 1 18 ? -2.053  -0.176  10.986  1.00 38.98 ? 18   HIS B CD2 1 
ATOM   676  C CE1 . HIS B 1 18 ? 0.102   0.115   10.682  1.00 38.84 ? 18   HIS B CE1 1 
ATOM   677  N NE2 . HIS B 1 18 ? -0.965  0.610   11.285  1.00 40.68 ? 18   HIS B NE2 1 
ATOM   678  N N   . CYS B 1 19 ? -3.284  0.325   7.860   1.00 26.89 ? 19   CYS B N   1 
ATOM   679  C CA  . CYS B 1 19 ? -3.825  1.678   7.866   1.00 26.56 ? 19   CYS B CA  1 
ATOM   680  C C   . CYS B 1 19 ? -5.116  1.702   7.025   1.00 25.79 ? 19   CYS B C   1 
ATOM   681  O O   . CYS B 1 19 ? -5.983  2.563   7.207   1.00 23.99 ? 19   CYS B O   1 
ATOM   682  C CB  . CYS B 1 19 ? -2.806  2.648   7.272   1.00 27.34 ? 19   CYS B CB  1 
ATOM   683  S SG  . CYS B 1 19 ? -1.214  2.799   8.162   1.00 30.80 ? 19   CYS B SG  1 
ATOM   684  N N   . VAL B 1 20 ? -5.231  0.758   6.095   1.00 24.14 ? 20   VAL B N   1 
ATOM   685  C CA  . VAL B 1 20 ? -6.425  0.681   5.263   1.00 24.82 ? 20   VAL B CA  1 
ATOM   686  C C   . VAL B 1 20 ? -7.621  0.327   6.140   1.00 25.46 ? 20   VAL B C   1 
ATOM   687  O O   . VAL B 1 20 ? -8.692  0.918   6.010   1.00 26.07 ? 20   VAL B O   1 
ATOM   688  C CB  . VAL B 1 20 ? -6.270  -0.376  4.153   1.00 24.62 ? 20   VAL B CB  1 
ATOM   689  C CG1 . VAL B 1 20 ? -7.612  -0.614  3.458   1.00 23.19 ? 20   VAL B CG1 1 
ATOM   690  C CG2 . VAL B 1 20 ? -5.233  0.099   3.141   1.00 25.92 ? 20   VAL B CG2 1 
ATOM   691  N N   . ALA B 1 21 ? -7.429  -0.633  7.042   1.00 25.87 ? 21   ALA B N   1 
ATOM   692  C CA  . ALA B 1 21 ? -8.497  -1.048  7.944   1.00 26.53 ? 21   ALA B CA  1 
ATOM   693  C C   . ALA B 1 21 ? -8.851  0.114   8.859   1.00 26.46 ? 21   ALA B C   1 
ATOM   694  O O   . ALA B 1 21 ? -10.005 0.287   9.236   1.00 26.82 ? 21   ALA B O   1 
ATOM   695  C CB  . ALA B 1 21 ? -8.055  -2.255  8.766   1.00 27.13 ? 21   ALA B CB  1 
ATOM   696  N N   . ARG B 1 22 ? -7.847  0.916   9.207   1.00 27.08 ? 22   ARG B N   1 
ATOM   697  C CA  . ARG B 1 22 ? -8.049  2.075   10.068  1.00 25.72 ? 22   ARG B CA  1 
ATOM   698  C C   . ARG B 1 22 ? -8.939  3.112   9.383   1.00 24.23 ? 22   ARG B C   1 
ATOM   699  O O   . ARG B 1 22 ? -9.838  3.681   10.002  1.00 22.82 ? 22   ARG B O   1 
ATOM   700  C CB  . ARG B 1 22 ? -6.696  2.698   10.435  1.00 27.55 ? 22   ARG B CB  1 
ATOM   701  C CG  . ARG B 1 22 ? -6.792  3.867   11.398  1.00 31.76 ? 22   ARG B CG  1 
ATOM   702  C CD  . ARG B 1 22 ? -5.416  4.337   11.862  1.00 35.24 ? 22   ARG B CD  1 
ATOM   703  N NE  . ARG B 1 22 ? -4.711  3.317   12.636  1.00 39.05 ? 22   ARG B NE  1 
ATOM   704  C CZ  . ARG B 1 22 ? -3.481  3.465   13.123  1.00 42.63 ? 22   ARG B CZ  1 
ATOM   705  N NH1 . ARG B 1 22 ? -2.812  4.594   12.917  1.00 42.55 ? 22   ARG B NH1 1 
ATOM   706  N NH2 . ARG B 1 22 ? -2.915  2.486   13.818  1.00 42.61 ? 22   ARG B NH2 1 
ATOM   707  N N   . VAL B 1 23 ? -8.685  3.359   8.103   1.00 23.06 ? 23   VAL B N   1 
ATOM   708  C CA  . VAL B 1 23 ? -9.486  4.313   7.343   1.00 21.32 ? 23   VAL B CA  1 
ATOM   709  C C   . VAL B 1 23 ? -10.907 3.766   7.209   1.00 22.63 ? 23   VAL B C   1 
ATOM   710  O O   . VAL B 1 23 ? -11.885 4.514   7.254   1.00 20.89 ? 23   VAL B O   1 
ATOM   711  C CB  . VAL B 1 23 ? -8.895  4.537   5.930   1.00 21.21 ? 23   VAL B CB  1 
ATOM   712  C CG1 . VAL B 1 23 ? -9.895  5.284   5.054   1.00 20.83 ? 23   VAL B CG1 1 
ATOM   713  C CG2 . VAL B 1 23 ? -7.596  5.330   6.030   1.00 21.17 ? 23   VAL B CG2 1 
ATOM   714  N N   . LYS B 1 24 ? -11.015 2.454   7.042   1.00 24.05 ? 24   LYS B N   1 
ATOM   715  C CA  . LYS B 1 24 ? -12.318 1.813   6.911   1.00 28.06 ? 24   LYS B CA  1 
ATOM   716  C C   . LYS B 1 24 ? -13.149 2.069   8.174   1.00 28.59 ? 24   LYS B C   1 
ATOM   717  O O   . LYS B 1 24 ? -14.265 2.586   8.098   1.00 29.37 ? 24   LYS B O   1 
ATOM   718  C CB  . LYS B 1 24 ? -12.134 0.307   6.683   1.00 28.54 ? 24   LYS B CB  1 
ATOM   719  C CG  . LYS B 1 24 ? -13.420 -0.479  6.481   1.00 32.16 ? 24   LYS B CG  1 
ATOM   720  C CD  . LYS B 1 24 ? -13.110 -1.944  6.177   1.00 35.34 ? 24   LYS B CD  1 
ATOM   721  C CE  . LYS B 1 24 ? -14.362 -2.732  5.802   1.00 38.53 ? 24   LYS B CE  1 
ATOM   722  N NZ  . LYS B 1 24 ? -15.362 -2.786  6.907   1.00 39.16 ? 24   LYS B NZ  1 
ATOM   723  N N   . LYS B 1 25 ? -12.596 1.725   9.333   1.00 29.22 ? 25   LYS B N   1 
ATOM   724  C CA  . LYS B 1 25 ? -13.309 1.919   10.593  1.00 30.74 ? 25   LYS B CA  1 
ATOM   725  C C   . LYS B 1 25 ? -13.701 3.377   10.800  1.00 30.13 ? 25   LYS B C   1 
ATOM   726  O O   . LYS B 1 25 ? -14.848 3.682   11.144  1.00 30.18 ? 25   LYS B O   1 
ATOM   727  C CB  . LYS B 1 25 ? -12.451 1.440   11.769  1.00 34.19 ? 25   LYS B CB  1 
ATOM   728  C CG  . LYS B 1 25 ? -12.105 -0.040  11.708  1.00 39.56 ? 25   LYS B CG  1 
ATOM   729  C CD  . LYS B 1 25 ? -11.325 -0.485  12.939  1.00 42.53 ? 25   LYS B CD  1 
ATOM   730  C CE  . LYS B 1 25 ? -10.973 -1.968  12.863  1.00 44.78 ? 25   LYS B CE  1 
ATOM   731  N NZ  . LYS B 1 25 ? -12.190 -2.826  12.793  1.00 46.07 ? 25   LYS B NZ  1 
ATOM   732  N N   . ALA B 1 26 ? -12.748 4.277   10.583  1.00 28.51 ? 26   ALA B N   1 
ATOM   733  C CA  . ALA B 1 26 ? -12.999 5.703   10.740  1.00 27.39 ? 26   ALA B CA  1 
ATOM   734  C C   . ALA B 1 26 ? -14.196 6.153   9.894   1.00 26.24 ? 26   ALA B C   1 
ATOM   735  O O   . ALA B 1 26 ? -15.052 6.901   10.361  1.00 25.38 ? 26   ALA B O   1 
ATOM   736  C CB  . ALA B 1 26 ? -11.752 6.491   10.354  1.00 28.60 ? 26   ALA B CB  1 
ATOM   737  N N   . LEU B 1 27 ? -14.256 5.695   8.650   1.00 25.01 ? 27   LEU B N   1 
ATOM   738  C CA  . LEU B 1 27 ? -15.357 6.062   7.762   1.00 24.91 ? 27   LEU B CA  1 
ATOM   739  C C   . LEU B 1 27 ? -16.684 5.483   8.271   1.00 26.91 ? 27   LEU B C   1 
ATOM   740  O O   . LEU B 1 27 ? -17.709 6.161   8.261   1.00 23.83 ? 27   LEU B O   1 
ATOM   741  C CB  . LEU B 1 27 ? -15.072 5.563   6.338   1.00 22.02 ? 27   LEU B CB  1 
ATOM   742  C CG  . LEU B 1 27 ? -13.987 6.322   5.567   1.00 21.46 ? 27   LEU B CG  1 
ATOM   743  C CD1 . LEU B 1 27 ? -13.641 5.597   4.267   1.00 17.69 ? 27   LEU B CD1 1 
ATOM   744  C CD2 . LEU B 1 27 ? -14.485 7.734   5.283   1.00 20.14 ? 27   LEU B CD2 1 
ATOM   745  N N   . GLU B 1 28 ? -16.651 4.232   8.723   1.00 28.06 ? 28   GLU B N   1 
ATOM   746  C CA  . GLU B 1 28 ? -17.846 3.574   9.240   1.00 32.18 ? 28   GLU B CA  1 
ATOM   747  C C   . GLU B 1 28 ? -18.351 4.296   10.487  1.00 32.74 ? 28   GLU B C   1 
ATOM   748  O O   . GLU B 1 28 ? -19.550 4.540   10.630  1.00 32.96 ? 28   GLU B O   1 
ATOM   749  C CB  . GLU B 1 28 ? -17.542 2.109   9.563   1.00 33.08 ? 28   GLU B CB  1 
ATOM   750  C CG  . GLU B 1 28 ? -16.980 1.342   8.380   1.00 38.91 ? 28   GLU B CG  1 
ATOM   751  C CD  . GLU B 1 28 ? -16.637 -0.096  8.712   1.00 41.09 ? 28   GLU B CD  1 
ATOM   752  O OE1 . GLU B 1 28 ? -15.962 -0.328  9.741   1.00 42.11 ? 28   GLU B OE1 1 
ATOM   753  O OE2 . GLU B 1 28 ? -17.029 -0.993  7.937   1.00 42.48 ? 28   GLU B OE2 1 
ATOM   754  N N   . GLU B 1 29 ? -17.435 4.645   11.384  1.00 34.41 ? 29   GLU B N   1 
ATOM   755  C CA  . GLU B 1 29 ? -17.802 5.360   12.600  1.00 35.07 ? 29   GLU B CA  1 
ATOM   756  C C   . GLU B 1 29 ? -18.401 6.709   12.221  1.00 33.56 ? 29   GLU B C   1 
ATOM   757  O O   . GLU B 1 29 ? -19.210 7.264   12.959  1.00 34.08 ? 29   GLU B O   1 
ATOM   758  C CB  . GLU B 1 29 ? -16.577 5.570   13.492  1.00 38.22 ? 29   GLU B CB  1 
ATOM   759  C CG  . GLU B 1 29 ? -16.004 4.290   14.075  1.00 41.92 ? 29   GLU B CG  1 
ATOM   760  C CD  . GLU B 1 29 ? -14.738 4.528   14.884  1.00 46.78 ? 29   GLU B CD  1 
ATOM   761  O OE1 . GLU B 1 29 ? -14.192 3.547   15.435  1.00 48.57 ? 29   GLU B OE1 1 
ATOM   762  O OE2 . GLU B 1 29 ? -14.284 5.691   14.967  1.00 48.33 ? 29   GLU B OE2 1 
ATOM   763  N N   . ALA B 1 30 ? -18.000 7.229   11.065  1.00 32.13 ? 30   ALA B N   1 
ATOM   764  C CA  . ALA B 1 30 ? -18.506 8.508   10.581  1.00 30.28 ? 30   ALA B CA  1 
ATOM   765  C C   . ALA B 1 30 ? -19.870 8.319   9.918   1.00 30.99 ? 30   ALA B C   1 
ATOM   766  O O   . ALA B 1 30 ? -20.475 9.272   9.429   1.00 30.80 ? 30   ALA B O   1 
ATOM   767  C CB  . ALA B 1 30 ? -17.529 9.121   9.599   1.00 29.42 ? 30   ALA B CB  1 
ATOM   768  N N   . GLY B 1 31 ? -20.339 7.076   9.890   1.00 31.47 ? 31   GLY B N   1 
ATOM   769  C CA  . GLY B 1 31 ? -21.639 6.796   9.310   1.00 32.05 ? 31   GLY B CA  1 
ATOM   770  C C   . GLY B 1 31 ? -21.654 6.295   7.883   1.00 32.18 ? 31   GLY B C   1 
ATOM   771  O O   . GLY B 1 31 ? -22.723 6.123   7.303   1.00 33.05 ? 31   GLY B O   1 
ATOM   772  N N   . ALA B 1 32 ? -20.487 6.051   7.304   1.00 31.04 ? 32   ALA B N   1 
ATOM   773  C CA  . ALA B 1 32 ? -20.445 5.574   5.930   1.00 30.27 ? 32   ALA B CA  1 
ATOM   774  C C   . ALA B 1 32 ? -20.371 4.059   5.843   1.00 30.22 ? 32   ALA B C   1 
ATOM   775  O O   . ALA B 1 32 ? -19.923 3.386   6.772   1.00 29.86 ? 32   ALA B O   1 
ATOM   776  C CB  . ALA B 1 32 ? -19.263 6.193   5.188   1.00 29.37 ? 32   ALA B CB  1 
ATOM   777  N N   . LYS B 1 33 ? -20.841 3.536   4.716   1.00 29.00 ? 33   LYS B N   1 
ATOM   778  C CA  . LYS B 1 33 ? -20.804 2.108   4.447   1.00 27.21 ? 33   LYS B CA  1 
ATOM   779  C C   . LYS B 1 33 ? -19.679 1.944   3.428   1.00 26.34 ? 33   LYS B C   1 
ATOM   780  O O   . LYS B 1 33 ? -19.800 2.373   2.284   1.00 25.14 ? 33   LYS B O   1 
ATOM   781  C CB  . LYS B 1 33 ? -22.148 1.649   3.857   1.00 28.35 ? 33   LYS B CB  1 
ATOM   782  C CG  . LYS B 1 33 ? -22.093 0.337   3.090   1.00 29.37 ? 33   LYS B CG  1 
ATOM   783  C CD  . LYS B 1 33 ? -21.572 -0.808  3.940   1.00 28.84 ? 33   LYS B CD  1 
ATOM   784  C CE  . LYS B 1 33 ? -21.335 -2.040  3.075   1.00 30.98 ? 33   LYS B CE  1 
ATOM   785  N NZ  . LYS B 1 33 ? -20.759 -3.177  3.844   1.00 33.10 ? 33   LYS B NZ  1 
ATOM   786  N N   . VAL B 1 34 ? -18.575 1.344   3.853   1.00 26.11 ? 34   VAL B N   1 
ATOM   787  C CA  . VAL B 1 34 ? -17.426 1.156   2.973   1.00 28.23 ? 34   VAL B CA  1 
ATOM   788  C C   . VAL B 1 34 ? -17.645 0.026   1.972   1.00 27.90 ? 34   VAL B C   1 
ATOM   789  O O   . VAL B 1 34 ? -17.877 -1.115  2.357   1.00 27.50 ? 34   VAL B O   1 
ATOM   790  C CB  . VAL B 1 34 ? -16.151 0.864   3.793   1.00 28.08 ? 34   VAL B CB  1 
ATOM   791  C CG1 . VAL B 1 34 ? -14.949 0.763   2.868   1.00 28.10 ? 34   VAL B CG1 1 
ATOM   792  C CG2 . VAL B 1 34 ? -15.940 1.964   4.824   1.00 28.63 ? 34   VAL B CG2 1 
ATOM   793  N N   . GLU B 1 35 ? -17.566 0.355   0.687   1.00 30.17 ? 35   GLU B N   1 
ATOM   794  C CA  . GLU B 1 35 ? -17.752 -0.638  -0.367  1.00 31.52 ? 35   GLU B CA  1 
ATOM   795  C C   . GLU B 1 35 ? -16.405 -1.135  -0.862  1.00 32.72 ? 35   GLU B C   1 
ATOM   796  O O   . GLU B 1 35 ? -16.280 -2.262  -1.344  1.00 31.92 ? 35   GLU B O   1 
ATOM   797  C CB  . GLU B 1 35 ? -18.547 -0.038  -1.530  1.00 33.50 ? 35   GLU B CB  1 
ATOM   798  C CG  . GLU B 1 35 ? -19.936 0.441   -1.129  1.00 36.67 ? 35   GLU B CG  1 
ATOM   799  C CD  . GLU B 1 35 ? -20.737 -0.629  -0.401  1.00 38.91 ? 35   GLU B CD  1 
ATOM   800  O OE1 . GLU B 1 35 ? -21.851 -0.325  0.075   1.00 41.85 ? 35   GLU B OE1 1 
ATOM   801  O OE2 . GLU B 1 35 ? -20.259 -1.777  -0.301  1.00 41.26 ? 35   GLU B OE2 1 
ATOM   802  N N   . LYS B 1 36 ? -15.396 -0.280  -0.732  1.00 32.25 ? 36   LYS B N   1 
ATOM   803  C CA  . LYS B 1 36 ? -14.043 -0.616  -1.145  1.00 31.81 ? 36   LYS B CA  1 
ATOM   804  C C   . LYS B 1 36 ? -13.072 0.420   -0.610  1.00 30.75 ? 36   LYS B C   1 
ATOM   805  O O   . LYS B 1 36 ? -13.394 1.603   -0.512  1.00 28.21 ? 36   LYS B O   1 
ATOM   806  C CB  . LYS B 1 36 ? -13.937 -0.666  -2.673  1.00 34.95 ? 36   LYS B CB  1 
ATOM   807  C CG  . LYS B 1 36 ? -12.507 -0.796  -3.188  1.00 35.20 ? 36   LYS B CG  1 
ATOM   808  C CD  . LYS B 1 36 ? -12.468 -0.901  -4.705  1.00 38.52 ? 36   LYS B CD  1 
ATOM   809  C CE  . LYS B 1 36 ? -11.034 -0.878  -5.227  1.00 39.47 ? 36   LYS B CE  1 
ATOM   810  N NZ  . LYS B 1 36 ? -10.206 -1.967  -4.632  1.00 39.78 ? 36   LYS B NZ  1 
ATOM   811  N N   . VAL B 1 37 ? -11.876 -0.031  -0.271  1.00 30.44 ? 37   VAL B N   1 
ATOM   812  C CA  . VAL B 1 37 ? -10.861 0.864   0.241   1.00 30.66 ? 37   VAL B CA  1 
ATOM   813  C C   . VAL B 1 37 ? -9.486  0.230   0.099   1.00 30.35 ? 37   VAL B C   1 
ATOM   814  O O   . VAL B 1 37 ? -9.253  -0.886  0.556   1.00 31.35 ? 37   VAL B O   1 
ATOM   815  C CB  . VAL B 1 37 ? -11.128 1.216   1.728   1.00 30.24 ? 37   VAL B CB  1 
ATOM   816  C CG1 . VAL B 1 37 ? -11.213 -0.057  2.561   1.00 32.12 ? 37   VAL B CG1 1 
ATOM   817  C CG2 . VAL B 1 37 ? -10.029 2.139   2.253   1.00 31.79 ? 37   VAL B CG2 1 
ATOM   818  N N   . ASP B 1 38 ? -8.584  0.941   -0.566  1.00 29.41 ? 38   ASP B N   1 
ATOM   819  C CA  . ASP B 1 38 ? -7.226  0.460   -0.748  1.00 28.52 ? 38   ASP B CA  1 
ATOM   820  C C   . ASP B 1 38 ? -6.275  1.587   -0.383  1.00 27.39 ? 38   ASP B C   1 
ATOM   821  O O   . ASP B 1 38 ? -6.663  2.529   0.306   1.00 25.75 ? 38   ASP B O   1 
ATOM   822  C CB  . ASP B 1 38 ? -6.985  0.004   -2.191  1.00 28.29 ? 38   ASP B CB  1 
ATOM   823  C CG  . ASP B 1 38 ? -7.336  1.066   -3.217  1.00 31.12 ? 38   ASP B CG  1 
ATOM   824  O OD1 . ASP B 1 38 ? -7.031  2.257   -2.995  1.00 29.71 ? 38   ASP B OD1 1 
ATOM   825  O OD2 . ASP B 1 38 ? -7.907  0.698   -4.267  1.00 34.53 ? 38   ASP B OD2 1 
ATOM   826  N N   . LEU B 1 39 ? -5.038  1.499   -0.857  1.00 25.12 ? 39   LEU B N   1 
ATOM   827  C CA  . LEU B 1 39 ? -4.039  2.516   -0.554  1.00 25.40 ? 39   LEU B CA  1 
ATOM   828  C C   . LEU B 1 39 ? -4.358  3.885   -1.138  1.00 23.68 ? 39   LEU B C   1 
ATOM   829  O O   . LEU B 1 39 ? -4.032  4.906   -0.539  1.00 23.70 ? 39   LEU B O   1 
ATOM   830  C CB  . LEU B 1 39 ? -2.664  2.087   -1.080  1.00 24.03 ? 39   LEU B CB  1 
ATOM   831  C CG  . LEU B 1 39 ? -2.081  0.752   -0.624  1.00 22.24 ? 39   LEU B CG  1 
ATOM   832  C CD1 . LEU B 1 39 ? -0.750  0.542   -1.334  1.00 22.15 ? 39   LEU B CD1 1 
ATOM   833  C CD2 . LEU B 1 39 ? -1.896  0.741   0.889   1.00 22.11 ? 39   LEU B CD2 1 
ATOM   834  N N   . ASN B 1 40 ? -5.006  3.910   -2.297  1.00 22.51 ? 40   ASN B N   1 
ATOM   835  C CA  . ASN B 1 40 ? -5.285  5.178   -2.962  1.00 24.10 ? 40   ASN B CA  1 
ATOM   836  C C   . ASN B 1 40 ? -6.699  5.738   -2.969  1.00 22.00 ? 40   ASN B C   1 
ATOM   837  O O   . ASN B 1 40 ? -6.900  6.878   -3.377  1.00 20.17 ? 40   ASN B O   1 
ATOM   838  C CB  . ASN B 1 40 ? -4.783  5.096   -4.398  1.00 27.13 ? 40   ASN B CB  1 
ATOM   839  C CG  . ASN B 1 40 ? -3.325  4.687   -4.468  1.00 32.34 ? 40   ASN B CG  1 
ATOM   840  O OD1 . ASN B 1 40 ? -2.453  5.372   -3.927  1.00 32.70 ? 40   ASN B OD1 1 
ATOM   841  N ND2 . ASN B 1 40 ? -3.053  3.562   -5.123  1.00 31.79 ? 40   ASN B ND2 1 
ATOM   842  N N   . GLU B 1 41 ? -7.678  4.957   -2.538  1.00 21.84 ? 41   GLU B N   1 
ATOM   843  C CA  . GLU B 1 41 ? -9.045  5.454   -2.532  1.00 22.95 ? 41   GLU B CA  1 
ATOM   844  C C   . GLU B 1 41 ? -9.979  4.691   -1.608  1.00 22.52 ? 41   GLU B C   1 
ATOM   845  O O   . GLU B 1 41 ? -9.688  3.577   -1.167  1.00 22.09 ? 41   GLU B O   1 
ATOM   846  C CB  . GLU B 1 41 ? -9.634  5.432   -3.952  1.00 27.04 ? 41   GLU B CB  1 
ATOM   847  C CG  . GLU B 1 41 ? -9.543  4.086   -4.645  1.00 31.29 ? 41   GLU B CG  1 
ATOM   848  C CD  . GLU B 1 41 ? -10.472 3.966   -5.851  1.00 35.72 ? 41   GLU B CD  1 
ATOM   849  O OE1 . GLU B 1 41 ? -10.615 4.955   -6.605  1.00 34.25 ? 41   GLU B OE1 1 
ATOM   850  O OE2 . GLU B 1 41 ? -11.047 2.868   -6.048  1.00 35.76 ? 41   GLU B OE2 1 
ATOM   851  N N   . ALA B 1 42 ? -11.107 5.323   -1.320  1.00 20.77 ? 42   ALA B N   1 
ATOM   852  C CA  . ALA B 1 42 ? -12.139 4.740   -0.485  1.00 22.00 ? 42   ALA B CA  1 
ATOM   853  C C   . ALA B 1 42 ? -13.441 5.027   -1.216  1.00 23.02 ? 42   ALA B C   1 
ATOM   854  O O   . ALA B 1 42 ? -13.713 6.169   -1.586  1.00 22.83 ? 42   ALA B O   1 
ATOM   855  C CB  . ALA B 1 42 ? -12.150 5.397   0.892   1.00 22.51 ? 42   ALA B CB  1 
ATOM   856  N N   . VAL B 1 43 ? -14.218 3.979   -1.459  1.00 22.70 ? 43   VAL B N   1 
ATOM   857  C CA  . VAL B 1 43 ? -15.496 4.108   -2.140  1.00 22.21 ? 43   VAL B CA  1 
ATOM   858  C C   . VAL B 1 43 ? -16.533 3.754   -1.088  1.00 21.62 ? 43   VAL B C   1 
ATOM   859  O O   . VAL B 1 43 ? -16.504 2.661   -0.523  1.00 22.66 ? 43   VAL B O   1 
ATOM   860  C CB  . VAL B 1 43 ? -15.604 3.119   -3.323  1.00 25.00 ? 43   VAL B CB  1 
ATOM   861  C CG1 . VAL B 1 43 ? -16.997 3.209   -3.958  1.00 22.92 ? 43   VAL B CG1 1 
ATOM   862  C CG2 . VAL B 1 43 ? -14.525 3.426   -4.356  1.00 24.23 ? 43   VAL B CG2 1 
ATOM   863  N N   . VAL B 1 44 ? -17.428 4.687   -0.803  1.00 18.62 ? 44   VAL B N   1 
ATOM   864  C CA  . VAL B 1 44 ? -18.448 4.442   0.202   1.00 21.10 ? 44   VAL B CA  1 
ATOM   865  C C   . VAL B 1 44 ? -19.861 4.732   -0.282  1.00 21.27 ? 44   VAL B C   1 
ATOM   866  O O   . VAL B 1 44 ? -20.073 5.449   -1.262  1.00 21.54 ? 44   VAL B O   1 
ATOM   867  C CB  . VAL B 1 44 ? -18.222 5.310   1.469   1.00 21.63 ? 44   VAL B CB  1 
ATOM   868  C CG1 . VAL B 1 44 ? -16.807 5.113   2.006   1.00 22.93 ? 44   VAL B CG1 1 
ATOM   869  C CG2 . VAL B 1 44 ? -18.462 6.775   1.145   1.00 19.63 ? 44   VAL B CG2 1 
ATOM   870  N N   . ALA B 1 45 ? -20.820 4.148   0.422   1.00 22.85 ? 45   ALA B N   1 
ATOM   871  C CA  . ALA B 1 45 ? -22.231 4.359   0.147   1.00 24.04 ? 45   ALA B CA  1 
ATOM   872  C C   . ALA B 1 45 ? -22.611 5.262   1.306   1.00 24.39 ? 45   ALA B C   1 
ATOM   873  O O   . ALA B 1 45 ? -22.608 4.834   2.458   1.00 25.22 ? 45   ALA B O   1 
ATOM   874  C CB  . ALA B 1 45 ? -22.996 3.038   0.224   1.00 23.65 ? 45   ALA B CB  1 
ATOM   875  N N   . GLY B 1 46 ? -22.903 6.519   1.017   1.00 25.33 ? 46   GLY B N   1 
ATOM   876  C CA  . GLY B 1 46 ? -23.250 7.417   2.095   1.00 29.78 ? 46   GLY B CA  1 
ATOM   877  C C   . GLY B 1 46 ? -24.090 8.595   1.671   1.00 31.30 ? 46   GLY B C   1 
ATOM   878  O O   . GLY B 1 46 ? -24.690 8.599   0.596   1.00 30.77 ? 46   GLY B O   1 
ATOM   879  N N   . ASN B 1 47 ? -24.122 9.605   2.532   1.00 33.93 ? 47   ASN B N   1 
ATOM   880  C CA  . ASN B 1 47 ? -24.890 10.810  2.271   1.00 36.54 ? 47   ASN B CA  1 
ATOM   881  C C   . ASN B 1 47 ? -23.988 11.890  1.686   1.00 37.65 ? 47   ASN B C   1 
ATOM   882  O O   . ASN B 1 47 ? -22.956 12.239  2.266   1.00 35.69 ? 47   ASN B O   1 
ATOM   883  C CB  . ASN B 1 47 ? -25.531 11.285  3.571   1.00 38.17 ? 47   ASN B CB  1 
ATOM   884  C CG  . ASN B 1 47 ? -26.276 10.173  4.283   1.00 41.12 ? 47   ASN B CG  1 
ATOM   885  O OD1 . ASN B 1 47 ? -27.190 9.562   3.722   1.00 42.11 ? 47   ASN B OD1 1 
ATOM   886  N ND2 . ASN B 1 47 ? -25.884 9.896   5.518   1.00 42.61 ? 47   ASN B ND2 1 
ATOM   887  N N   . LYS B 1 48 ? -24.385 12.412  0.530   1.00 38.91 ? 48   LYS B N   1 
ATOM   888  C CA  . LYS B 1 48 ? -23.621 13.443  -0.153  1.00 41.62 ? 48   LYS B CA  1 
ATOM   889  C C   . LYS B 1 48 ? -23.324 14.619  0.771   1.00 42.08 ? 48   LYS B C   1 
ATOM   890  O O   . LYS B 1 48 ? -22.283 15.269  0.643   1.00 41.91 ? 48   LYS B O   1 
ATOM   891  C CB  . LYS B 1 48 ? -24.385 13.922  -1.396  1.00 43.88 ? 48   LYS B CB  1 
ATOM   892  C CG  . LYS B 1 48 ? -23.590 14.856  -2.305  1.00 47.69 ? 48   LYS B CG  1 
ATOM   893  C CD  . LYS B 1 48 ? -24.276 15.052  -3.658  1.00 49.20 ? 48   LYS B CD  1 
ATOM   894  C CE  . LYS B 1 48 ? -25.557 15.867  -3.546  1.00 50.80 ? 48   LYS B CE  1 
ATOM   895  N NZ  . LYS B 1 48 ? -25.286 17.296  -3.209  1.00 52.30 ? 48   LYS B NZ  1 
ATOM   896  N N   . GLU B 1 49 ? -24.227 14.884  1.711   1.00 41.77 ? 49   GLU B N   1 
ATOM   897  C CA  . GLU B 1 49 ? -24.037 15.991  2.641   1.00 41.39 ? 49   GLU B CA  1 
ATOM   898  C C   . GLU B 1 49 ? -23.026 15.683  3.742   1.00 39.64 ? 49   GLU B C   1 
ATOM   899  O O   . GLU B 1 49 ? -22.580 16.589  4.443   1.00 38.42 ? 49   GLU B O   1 
ATOM   900  C CB  . GLU B 1 49 ? -25.374 16.412  3.274   1.00 43.46 ? 49   GLU B CB  1 
ATOM   901  C CG  . GLU B 1 49 ? -25.939 15.462  4.323   1.00 46.38 ? 49   GLU B CG  1 
ATOM   902  C CD  . GLU B 1 49 ? -26.589 14.227  3.729   1.00 48.71 ? 49   GLU B CD  1 
ATOM   903  O OE1 . GLU B 1 49 ? -27.207 13.462  4.501   1.00 51.30 ? 49   GLU B OE1 1 
ATOM   904  O OE2 . GLU B 1 49 ? -26.488 14.016  2.500   1.00 49.13 ? 49   GLU B OE2 1 
ATOM   905  N N   . ASP B 1 50 ? -22.667 14.411  3.894   1.00 38.24 ? 50   ASP B N   1 
ATOM   906  C CA  . ASP B 1 50 ? -21.697 14.014  4.914   1.00 36.01 ? 50   ASP B CA  1 
ATOM   907  C C   . ASP B 1 50 ? -20.282 13.866  4.353   1.00 35.42 ? 50   ASP B C   1 
ATOM   908  O O   . ASP B 1 50 ? -19.390 13.364  5.037   1.00 34.71 ? 50   ASP B O   1 
ATOM   909  C CB  . ASP B 1 50 ? -22.109 12.698  5.577   1.00 36.15 ? 50   ASP B CB  1 
ATOM   910  C CG  . ASP B 1 50 ? -23.286 12.859  6.519   1.00 38.28 ? 50   ASP B CG  1 
ATOM   911  O OD1 . ASP B 1 50 ? -23.442 13.958  7.092   1.00 39.34 ? 50   ASP B OD1 1 
ATOM   912  O OD2 . ASP B 1 50 ? -24.045 11.882  6.699   1.00 38.53 ? 50   ASP B OD2 1 
ATOM   913  N N   . VAL B 1 51 ? -20.082 14.301  3.113   1.00 33.95 ? 51   VAL B N   1 
ATOM   914  C CA  . VAL B 1 51 ? -18.773 14.211  2.477   1.00 33.25 ? 51   VAL B CA  1 
ATOM   915  C C   . VAL B 1 51 ? -17.675 14.843  3.326   1.00 33.40 ? 51   VAL B C   1 
ATOM   916  O O   . VAL B 1 51 ? -16.686 14.187  3.661   1.00 32.95 ? 51   VAL B O   1 
ATOM   917  C CB  . VAL B 1 51 ? -18.796 14.865  1.075   1.00 34.85 ? 51   VAL B CB  1 
ATOM   918  C CG1 . VAL B 1 51 ? -17.377 15.137  0.583   1.00 32.21 ? 51   VAL B CG1 1 
ATOM   919  C CG2 . VAL B 1 51 ? -19.507 13.940  0.098   1.00 31.85 ? 51   VAL B CG2 1 
ATOM   920  N N   . ASP B 1 52 ? -17.848 16.110  3.688   1.00 32.70 ? 52   ASP B N   1 
ATOM   921  C CA  . ASP B 1 52 ? -16.843 16.788  4.504   1.00 34.63 ? 52   ASP B CA  1 
ATOM   922  C C   . ASP B 1 52 ? -16.630 16.033  5.818   1.00 31.84 ? 52   ASP B C   1 
ATOM   923  O O   . ASP B 1 52 ? -15.513 15.948  6.326   1.00 32.07 ? 52   ASP B O   1 
ATOM   924  C CB  . ASP B 1 52 ? -17.269 18.231  4.779   1.00 37.61 ? 52   ASP B CB  1 
ATOM   925  C CG  . ASP B 1 52 ? -16.186 19.032  5.468   1.00 42.75 ? 52   ASP B CG  1 
ATOM   926  O OD1 . ASP B 1 52 ? -15.918 18.773  6.664   1.00 46.97 ? 52   ASP B OD1 1 
ATOM   927  O OD2 . ASP B 1 52 ? -15.594 19.915  4.813   1.00 46.63 ? 52   ASP B OD2 1 
ATOM   928  N N   . LYS B 1 53 ? -17.712 15.481  6.356   1.00 29.50 ? 53   LYS B N   1 
ATOM   929  C CA  . LYS B 1 53 ? -17.664 14.711  7.596   1.00 28.21 ? 53   LYS B CA  1 
ATOM   930  C C   . LYS B 1 53 ? -16.775 13.483  7.428   1.00 26.51 ? 53   LYS B C   1 
ATOM   931  O O   . LYS B 1 53 ? -15.967 13.164  8.302   1.00 24.95 ? 53   LYS B O   1 
ATOM   932  C CB  . LYS B 1 53 ? -19.081 14.284  7.980   1.00 30.11 ? 53   LYS B CB  1 
ATOM   933  C CG  . LYS B 1 53 ? -19.199 13.303  9.141   1.00 33.04 ? 53   LYS B CG  1 
ATOM   934  C CD  . LYS B 1 53 ? -20.678 13.089  9.477   1.00 36.09 ? 53   LYS B CD  1 
ATOM   935  C CE  . LYS B 1 53 ? -20.906 11.956  10.467  1.00 35.92 ? 53   LYS B CE  1 
ATOM   936  N NZ  . LYS B 1 53 ? -20.218 12.189  11.758  1.00 38.43 ? 53   LYS B NZ  1 
ATOM   937  N N   . TYR B 1 54 ? -16.924 12.788  6.306   1.00 25.62 ? 54   TYR B N   1 
ATOM   938  C CA  . TYR B 1 54 ? -16.114 11.600  6.059   1.00 25.22 ? 54   TYR B CA  1 
ATOM   939  C C   . TYR B 1 54 ? -14.648 11.992  5.883   1.00 23.40 ? 54   TYR B C   1 
ATOM   940  O O   . TYR B 1 54 ? -13.753 11.306  6.370   1.00 22.69 ? 54   TYR B O   1 
ATOM   941  C CB  . TYR B 1 54 ? -16.598 10.857  4.808   1.00 26.14 ? 54   TYR B CB  1 
ATOM   942  C CG  . TYR B 1 54 ? -18.063 10.467  4.817   1.00 27.79 ? 54   TYR B CG  1 
ATOM   943  C CD1 . TYR B 1 54 ? -18.701 10.073  5.994   1.00 29.30 ? 54   TYR B CD1 1 
ATOM   944  C CD2 . TYR B 1 54 ? -18.805 10.458  3.632   1.00 29.39 ? 54   TYR B CD2 1 
ATOM   945  C CE1 . TYR B 1 54 ? -20.039 9.679   5.990   1.00 29.85 ? 54   TYR B CE1 1 
ATOM   946  C CE2 . TYR B 1 54 ? -20.138 10.066  3.619   1.00 28.89 ? 54   TYR B CE2 1 
ATOM   947  C CZ  . TYR B 1 54 ? -20.749 9.679   4.798   1.00 30.32 ? 54   TYR B CZ  1 
ATOM   948  O OH  . TYR B 1 54 ? -22.074 9.304   4.783   1.00 30.16 ? 54   TYR B OH  1 
ATOM   949  N N   . ILE B 1 55 ? -14.404 13.100  5.191   1.00 24.12 ? 55   ILE B N   1 
ATOM   950  C CA  . ILE B 1 55 ? -13.032 13.554  4.979   1.00 25.67 ? 55   ILE B CA  1 
ATOM   951  C C   . ILE B 1 55 ? -12.364 13.863  6.311   1.00 26.56 ? 55   ILE B C   1 
ATOM   952  O O   . ILE B 1 55 ? -11.206 13.508  6.524   1.00 27.30 ? 55   ILE B O   1 
ATOM   953  C CB  . ILE B 1 55 ? -12.974 14.820  4.092   1.00 27.21 ? 55   ILE B CB  1 
ATOM   954  C CG1 . ILE B 1 55 ? -13.405 14.474  2.665   1.00 27.41 ? 55   ILE B CG1 1 
ATOM   955  C CG2 . ILE B 1 55 ? -11.555 15.399  4.094   1.00 24.16 ? 55   ILE B CG2 1 
ATOM   956  C CD1 . ILE B 1 55 ? -13.516 15.678  1.759   1.00 29.11 ? 55   ILE B CD1 1 
ATOM   957  N N   . LYS B 1 56 ? -13.098 14.522  7.205   1.00 27.30 ? 56   LYS B N   1 
ATOM   958  C CA  . LYS B 1 56 ? -12.569 14.873  8.518   1.00 26.84 ? 56   LYS B CA  1 
ATOM   959  C C   . LYS B 1 56 ? -12.226 13.643  9.340   1.00 26.12 ? 56   LYS B C   1 
ATOM   960  O O   . LYS B 1 56 ? -11.241 13.639  10.083  1.00 26.04 ? 56   LYS B O   1 
ATOM   961  C CB  . LYS B 1 56 ? -13.570 15.737  9.292   1.00 29.53 ? 56   LYS B CB  1 
ATOM   962  C CG  . LYS B 1 56 ? -13.777 17.116  8.694   1.00 34.25 ? 56   LYS B CG  1 
ATOM   963  C CD  . LYS B 1 56 ? -12.467 17.885  8.605   1.00 37.09 ? 56   LYS B CD  1 
ATOM   964  C CE  . LYS B 1 56 ? -12.684 19.278  8.017   1.00 40.64 ? 56   LYS B CE  1 
ATOM   965  N NZ  . LYS B 1 56 ? -11.398 20.004  7.792   1.00 43.13 ? 56   LYS B NZ  1 
ATOM   966  N N   . ALA B 1 57 ? -13.049 12.607  9.223   1.00 23.85 ? 57   ALA B N   1 
ATOM   967  C CA  . ALA B 1 57 ? -12.816 11.368  9.949   1.00 22.64 ? 57   ALA B CA  1 
ATOM   968  C C   . ALA B 1 57 ? -11.510 10.699  9.492   1.00 22.15 ? 57   ALA B C   1 
ATOM   969  O O   . ALA B 1 57 ? -10.773 10.133  10.307  1.00 22.45 ? 57   ALA B O   1 
ATOM   970  C CB  . ALA B 1 57 ? -13.991 10.422  9.747   1.00 23.13 ? 57   ALA B CB  1 
ATOM   971  N N   . VAL B 1 58 ? -11.233 10.755  8.191   1.00 19.80 ? 58   VAL B N   1 
ATOM   972  C CA  . VAL B 1 58 ? -10.014 10.161  7.646   1.00 19.56 ? 58   VAL B CA  1 
ATOM   973  C C   . VAL B 1 58 ? -8.803  10.942  8.147   1.00 19.72 ? 58   VAL B C   1 
ATOM   974  O O   . VAL B 1 58 ? -7.790  10.362  8.540   1.00 18.62 ? 58   VAL B O   1 
ATOM   975  C CB  . VAL B 1 58 ? -10.019 10.188  6.097   1.00 18.90 ? 58   VAL B CB  1 
ATOM   976  C CG1 . VAL B 1 58 ? -8.671  9.691   5.556   1.00 18.74 ? 58   VAL B CG1 1 
ATOM   977  C CG2 . VAL B 1 58 ? -11.147 9.309   5.571   1.00 19.62 ? 58   VAL B CG2 1 
ATOM   978  N N   . GLU B 1 59 ? -8.916  12.264  8.128   1.00 19.65 ? 59   GLU B N   1 
ATOM   979  C CA  . GLU B 1 59 ? -7.830  13.118  8.587   1.00 24.65 ? 59   GLU B CA  1 
ATOM   980  C C   . GLU B 1 59 ? -7.589  12.890  10.075  1.00 25.13 ? 59   GLU B C   1 
ATOM   981  O O   . GLU B 1 59 ? -6.443  12.773  10.514  1.00 25.45 ? 59   GLU B O   1 
ATOM   982  C CB  . GLU B 1 59 ? -8.163  14.588  8.309   1.00 24.24 ? 59   GLU B CB  1 
ATOM   983  C CG  . GLU B 1 59 ? -8.378  14.871  6.835   1.00 28.36 ? 59   GLU B CG  1 
ATOM   984  C CD  . GLU B 1 59 ? -8.825  16.290  6.553   1.00 29.28 ? 59   GLU B CD  1 
ATOM   985  O OE1 . GLU B 1 59 ? -9.682  16.806  7.297   1.00 32.35 ? 59   GLU B OE1 1 
ATOM   986  O OE2 . GLU B 1 59 ? -8.338  16.884  5.569   1.00 32.61 ? 59   GLU B OE2 1 
ATOM   987  N N   . ALA B 1 60 ? -8.672  12.811  10.846  1.00 25.10 ? 60   ALA B N   1 
ATOM   988  C CA  . ALA B 1 60 ? -8.562  12.591  12.283  1.00 24.69 ? 60   ALA B CA  1 
ATOM   989  C C   . ALA B 1 60 ? -7.895  11.245  12.540  1.00 25.81 ? 60   ALA B C   1 
ATOM   990  O O   . ALA B 1 60 ? -7.227  11.061  13.557  1.00 25.25 ? 60   ALA B O   1 
ATOM   991  C CB  . ALA B 1 60 ? -9.952  12.626  12.937  1.00 26.06 ? 60   ALA B CB  1 
ATOM   992  N N   . ALA B 1 61 ? -8.077  10.309  11.612  1.00 25.22 ? 61   ALA B N   1 
ATOM   993  C CA  . ALA B 1 61 ? -7.488  8.979   11.743  1.00 25.17 ? 61   ALA B CA  1 
ATOM   994  C C   . ALA B 1 61 ? -5.994  8.999   11.433  1.00 25.33 ? 61   ALA B C   1 
ATOM   995  O O   . ALA B 1 61 ? -5.290  8.030   11.705  1.00 27.09 ? 61   ALA B O   1 
ATOM   996  C CB  . ALA B 1 61 ? -8.199  7.988   10.822  1.00 25.12 ? 61   ALA B CB  1 
ATOM   997  N N   . GLY B 1 62 ? -5.519  10.101  10.854  1.00 24.58 ? 62   GLY B N   1 
ATOM   998  C CA  . GLY B 1 62 ? -4.106  10.223  10.546  1.00 24.40 ? 62   GLY B CA  1 
ATOM   999  C C   . GLY B 1 62 ? -3.730  10.221  9.074   1.00 23.95 ? 62   GLY B C   1 
ATOM   1000 O O   . GLY B 1 62 ? -2.558  10.076  8.731   1.00 23.06 ? 62   GLY B O   1 
ATOM   1001 N N   . TYR B 1 63 ? -4.706  10.390  8.190   1.00 22.71 ? 63   TYR B N   1 
ATOM   1002 C CA  . TYR B 1 63 ? -4.397  10.383  6.768   1.00 22.48 ? 63   TYR B CA  1 
ATOM   1003 C C   . TYR B 1 63 ? -5.000  11.569  6.038   1.00 23.17 ? 63   TYR B C   1 
ATOM   1004 O O   . TYR B 1 63 ? -5.531  12.485  6.659   1.00 24.37 ? 63   TYR B O   1 
ATOM   1005 C CB  . TYR B 1 63 ? -4.878  9.071   6.158   1.00 23.87 ? 63   TYR B CB  1 
ATOM   1006 C CG  . TYR B 1 63 ? -4.478  7.893   7.008   1.00 23.72 ? 63   TYR B CG  1 
ATOM   1007 C CD1 . TYR B 1 63 ? -5.320  7.423   8.013   1.00 23.88 ? 63   TYR B CD1 1 
ATOM   1008 C CD2 . TYR B 1 63 ? -3.220  7.302   6.867   1.00 23.40 ? 63   TYR B CD2 1 
ATOM   1009 C CE1 . TYR B 1 63 ? -4.922  6.399   8.864   1.00 24.64 ? 63   TYR B CE1 1 
ATOM   1010 C CE2 . TYR B 1 63 ? -2.808  6.271   7.717   1.00 23.63 ? 63   TYR B CE2 1 
ATOM   1011 C CZ  . TYR B 1 63 ? -3.666  5.828   8.715   1.00 22.93 ? 63   TYR B CZ  1 
ATOM   1012 O OH  . TYR B 1 63 ? -3.273  4.825   9.569   1.00 23.98 ? 63   TYR B OH  1 
ATOM   1013 N N   . GLN B 1 64 ? -4.918  11.548  4.715   1.00 23.04 ? 64   GLN B N   1 
ATOM   1014 C CA  . GLN B 1 64 ? -5.452  12.635  3.906   1.00 23.98 ? 64   GLN B CA  1 
ATOM   1015 C C   . GLN B 1 64 ? -6.511  12.104  2.953   1.00 22.42 ? 64   GLN B C   1 
ATOM   1016 O O   . GLN B 1 64 ? -6.384  10.995  2.430   1.00 18.93 ? 64   GLN B O   1 
ATOM   1017 C CB  . GLN B 1 64 ? -4.317  13.284  3.118   1.00 26.82 ? 64   GLN B CB  1 
ATOM   1018 C CG  . GLN B 1 64 ? -3.124  13.655  3.996   1.00 32.36 ? 64   GLN B CG  1 
ATOM   1019 C CD  . GLN B 1 64 ? -1.923  14.099  3.189   1.00 35.46 ? 64   GLN B CD  1 
ATOM   1020 O OE1 . GLN B 1 64 ? -1.973  15.108  2.481   1.00 36.67 ? 64   GLN B OE1 1 
ATOM   1021 N NE2 . GLN B 1 64 ? -0.831  13.343  3.288   1.00 34.51 ? 64   GLN B NE2 1 
ATOM   1022 N N   . ALA B 1 65 ? -7.560  12.893  2.744   1.00 21.99 ? 65   ALA B N   1 
ATOM   1023 C CA  . ALA B 1 65 ? -8.641  12.502  1.848   1.00 21.85 ? 65   ALA B CA  1 
ATOM   1024 C C   . ALA B 1 65 ? -9.119  13.703  1.046   1.00 23.33 ? 65   ALA B C   1 
ATOM   1025 O O   . ALA B 1 65 ? -9.122  14.834  1.533   1.00 21.84 ? 65   ALA B O   1 
ATOM   1026 C CB  . ALA B 1 65 ? -9.789  11.907  2.640   1.00 20.39 ? 65   ALA B CB  1 
ATOM   1027 N N   . LYS B 1 66 ? -9.516  13.444  -0.192  1.00 25.27 ? 66   LYS B N   1 
ATOM   1028 C CA  . LYS B 1 66 ? -9.995  14.482  -1.089  1.00 26.37 ? 66   LYS B CA  1 
ATOM   1029 C C   . LYS B 1 66 ? -11.153 13.918  -1.900  1.00 27.06 ? 66   LYS B C   1 
ATOM   1030 O O   . LYS B 1 66 ? -11.075 12.793  -2.400  1.00 25.08 ? 66   LYS B O   1 
ATOM   1031 C CB  . LYS B 1 66 ? -8.866  14.904  -2.031  1.00 30.44 ? 66   LYS B CB  1 
ATOM   1032 C CG  . LYS B 1 66 ? -9.280  15.865  -3.126  1.00 35.60 ? 66   LYS B CG  1 
ATOM   1033 C CD  . LYS B 1 66 ? -8.150  16.082  -4.126  1.00 37.87 ? 66   LYS B CD  1 
ATOM   1034 C CE  . LYS B 1 66 ? -8.587  17.006  -5.258  1.00 40.74 ? 66   LYS B CE  1 
ATOM   1035 N NZ  . LYS B 1 66 ? -7.518  17.178  -6.284  1.00 41.81 ? 66   LYS B NZ  1 
ATOM   1036 N N   . LEU B 1 67 ? -12.229 14.690  -2.028  1.00 26.10 ? 67   LEU B N   1 
ATOM   1037 C CA  . LEU B 1 67 ? -13.373 14.236  -2.808  1.00 26.54 ? 67   LEU B CA  1 
ATOM   1038 C C   . LEU B 1 67 ? -12.994 14.175  -4.283  1.00 25.85 ? 67   LEU B C   1 
ATOM   1039 O O   . LEU B 1 67 ? -12.338 15.073  -4.807  1.00 25.80 ? 67   LEU B O   1 
ATOM   1040 C CB  . LEU B 1 67 ? -14.565 15.187  -2.642  1.00 26.69 ? 67   LEU B CB  1 
ATOM   1041 C CG  . LEU B 1 67 ? -15.764 14.873  -3.552  1.00 26.85 ? 67   LEU B CG  1 
ATOM   1042 C CD1 . LEU B 1 67 ? -16.431 13.576  -3.108  1.00 23.58 ? 67   LEU B CD1 1 
ATOM   1043 C CD2 . LEU B 1 67 ? -16.765 16.021  -3.512  1.00 26.23 ? 67   LEU B CD2 1 
ATOM   1044 N N   . ARG B 1 68 ? -13.397 13.099  -4.944  1.00 26.99 ? 68   ARG B N   1 
ATOM   1045 C CA  . ARG B 1 68 ? -13.139 12.940  -6.370  1.00 28.56 ? 68   ARG B CA  1 
ATOM   1046 C C   . ARG B 1 68 ? -14.477 13.171  -7.072  1.00 27.27 ? 68   ARG B C   1 
ATOM   1047 O O   . ARG B 1 68 ? -15.409 12.389  -6.898  1.00 28.44 ? 68   ARG B O   1 
ATOM   1048 C CB  . ARG B 1 68 ? -12.644 11.522  -6.670  1.00 31.99 ? 68   ARG B CB  1 
ATOM   1049 C CG  . ARG B 1 68 ? -12.341 11.277  -8.138  1.00 38.23 ? 68   ARG B CG  1 
ATOM   1050 C CD  . ARG B 1 68 ? -11.969 9.829   -8.399  1.00 42.79 ? 68   ARG B CD  1 
ATOM   1051 N NE  . ARG B 1 68 ? -11.543 9.618   -9.779  1.00 48.02 ? 68   ARG B NE  1 
ATOM   1052 C CZ  . ARG B 1 68 ? -11.324 8.423   -10.319 1.00 50.68 ? 68   ARG B CZ  1 
ATOM   1053 N NH1 . ARG B 1 68 ? -11.495 7.324   -9.594  1.00 51.46 ? 68   ARG B NH1 1 
ATOM   1054 N NH2 . ARG B 1 68 ? -10.936 8.323   -11.584 1.00 51.48 ? 68   ARG B NH2 1 
ATOM   1055 N N   . SER B 1 69 ? -14.591 14.247  -7.841  1.00 26.18 ? 69   SER B N   1 
ATOM   1056 C CA  . SER B 1 69 ? -15.847 14.514  -8.538  1.00 25.44 ? 69   SER B CA  1 
ATOM   1057 C C   . SER B 1 69 ? -15.690 15.515  -9.676  1.00 23.47 ? 69   SER B C   1 
ATOM   1058 O O   . SER B 1 69 ? -14.649 16.152  -9.818  1.00 22.62 ? 69   SER B O   1 
ATOM   1059 C CB  . SER B 1 69 ? -16.902 15.038  -7.564  1.00 27.98 ? 69   SER B CB  1 
ATOM   1060 O OG  . SER B 1 69 ? -16.721 16.418  -7.324  1.00 30.44 ? 69   SER B OG  1 
ATOM   1061 N N   . SER B 1 70 ? -16.739 15.639  -10.479 1.00 21.68 ? 70   SER B N   1 
ATOM   1062 C CA  . SER B 1 70 ? -16.754 16.564  -11.609 1.00 21.57 ? 70   SER B CA  1 
ATOM   1063 C C   . SER B 1 70 ? -16.882 17.980  -11.060 1.00 21.12 ? 70   SER B C   1 
ATOM   1064 O O   . SER B 1 70 ? -17.005 18.178  -9.849  1.00 18.02 ? 70   SER B O   1 
ATOM   1065 C CB  . SER B 1 70 ? -17.957 16.286  -12.511 1.00 19.25 ? 70   SER B CB  1 
ATOM   1066 O OG  . SER B 1 70 ? -19.142 16.755  -11.887 1.00 19.50 ? 70   SER B OG  1 
ATOM   1067 N N   . ALA B 1 71 ? -16.879 18.957  -11.964 1.00 20.91 ? 71   ALA B N   1 
ATOM   1068 C CA  . ALA B 1 71 ? -16.997 20.360  -11.589 1.00 20.34 ? 71   ALA B CA  1 
ATOM   1069 C C   . ALA B 1 71 ? -18.403 20.719  -11.093 1.00 21.97 ? 71   ALA B C   1 
ATOM   1070 O O   . ALA B 1 71 ? -18.592 21.758  -10.459 1.00 23.43 ? 71   ALA B O   1 
ATOM   1071 C CB  . ALA B 1 71 ? -16.627 21.241  -12.781 1.00 19.05 ? 71   ALA B CB  1 
ATOM   1072 N N   . TRP B 1 72 ? -19.381 19.867  -11.383 1.00 21.35 ? 72   TRP B N   1 
ATOM   1073 C CA  . TRP B 1 72 ? -20.761 20.118  -10.971 1.00 25.22 ? 72   TRP B CA  1 
ATOM   1074 C C   . TRP B 1 72 ? -21.038 19.766  -9.511  1.00 28.10 ? 72   TRP B C   1 
ATOM   1075 O O   . TRP B 1 72 ? -20.532 18.773  -8.998  1.00 28.42 ? 72   TRP B O   1 
ATOM   1076 C CB  . TRP B 1 72 ? -21.728 19.339  -11.873 1.00 23.68 ? 72   TRP B CB  1 
ATOM   1077 C CG  . TRP B 1 72 ? -21.876 19.932  -13.242 1.00 21.81 ? 72   TRP B CG  1 
ATOM   1078 C CD1 . TRP B 1 72 ? -22.718 20.946  -13.612 1.00 22.08 ? 72   TRP B CD1 1 
ATOM   1079 C CD2 . TRP B 1 72 ? -21.127 19.583  -14.413 1.00 21.85 ? 72   TRP B CD2 1 
ATOM   1080 N NE1 . TRP B 1 72 ? -22.538 21.249  -14.944 1.00 20.82 ? 72   TRP B NE1 1 
ATOM   1081 C CE2 . TRP B 1 72 ? -21.566 20.429  -15.459 1.00 20.92 ? 72   TRP B CE2 1 
ATOM   1082 C CE3 . TRP B 1 72 ? -20.126 18.641  -14.682 1.00 21.86 ? 72   TRP B CE3 1 
ATOM   1083 C CZ2 . TRP B 1 72 ? -21.036 20.357  -16.754 1.00 19.99 ? 72   TRP B CZ2 1 
ATOM   1084 C CZ3 . TRP B 1 72 ? -19.599 18.569  -15.969 1.00 19.29 ? 72   TRP B CZ3 1 
ATOM   1085 C CH2 . TRP B 1 72 ? -20.058 19.427  -16.989 1.00 21.98 ? 72   TRP B CH2 1 
ATOM   1086 N N   . SER B 1 73 ? -21.850 20.586  -8.847  1.00 31.78 ? 73   SER B N   1 
ATOM   1087 C CA  . SER B 1 73 ? -22.198 20.331  -7.453  1.00 35.64 ? 73   SER B CA  1 
ATOM   1088 C C   . SER B 1 73 ? -23.432 19.438  -7.393  1.00 36.82 ? 73   SER B C   1 
ATOM   1089 O O   . SER B 1 73 ? -24.130 19.332  -8.426  1.00 38.25 ? 73   SER B O   1 
ATOM   1090 C CB  . SER B 1 73 ? -22.489 21.645  -6.726  1.00 37.23 ? 73   SER B CB  1 
ATOM   1091 O OG  . SER B 1 73 ? -23.621 22.292  -7.283  1.00 37.36 ? 73   SER B OG  1 
ATOM   1092 O OXT . SER B 1 73 ? -23.695 18.867  -6.315  1.00 37.88 ? 73   SER B OXT 1 
HETATM 1093 C C1  . CIT C 2 .  ? 5.725   9.129   -1.948  1.00 33.14 ? 2324 CIT A C1  1 
HETATM 1094 O O1  . CIT C 2 .  ? 5.746   7.983   -1.569  1.00 33.97 ? 2324 CIT A O1  1 
HETATM 1095 O O2  . CIT C 2 .  ? 6.868   9.795   -2.030  1.00 35.69 ? 2324 CIT A O2  1 
HETATM 1096 C C2  . CIT C 2 .  ? 4.422   9.837   -2.332  1.00 32.39 ? 2324 CIT A C2  1 
HETATM 1097 C C3  . CIT C 2 .  ? 3.141   8.968   -2.180  1.00 32.88 ? 2324 CIT A C3  1 
HETATM 1098 O O7  . CIT C 2 .  ? 3.029   8.581   -0.799  1.00 32.78 ? 2324 CIT A O7  1 
HETATM 1099 C C4  . CIT C 2 .  ? 1.926   9.842   -2.603  1.00 33.14 ? 2324 CIT A C4  1 
HETATM 1100 C C5  . CIT C 2 .  ? 0.556   9.169   -2.496  1.00 34.90 ? 2324 CIT A C5  1 
HETATM 1101 O O3  . CIT C 2 .  ? 0.429   8.032   -2.105  1.00 37.08 ? 2324 CIT A O3  1 
HETATM 1102 O O4  . CIT C 2 .  ? -0.536  9.864   -2.841  1.00 36.58 ? 2324 CIT A O4  1 
HETATM 1103 C C6  . CIT C 2 .  ? 3.251   7.711   -3.061  1.00 32.94 ? 2324 CIT A C6  1 
HETATM 1104 O O5  . CIT C 2 .  ? 3.243   6.612   -2.549  1.00 31.29 ? 2324 CIT A O5  1 
HETATM 1105 O O6  . CIT C 2 .  ? 3.360   7.821   -4.398  1.00 31.16 ? 2324 CIT A O6  1 
HETATM 1106 O O   . HOH D 3 .  ? 1.038   8.006   0.850   1.00 27.48 ? 74   HOH A O   1 
HETATM 1107 O O   . HOH D 3 .  ? 5.257   9.194   1.407   0.5  23.09 ? 75   HOH A O   1 
HETATM 1108 O O   . HOH D 3 .  ? 5.562   -2.907  1.221   1.00 28.45 ? 76   HOH A O   1 
HETATM 1109 O O   . HOH D 3 .  ? 10.458  8.622   4.544   1.00 19.26 ? 77   HOH A O   1 
HETATM 1110 O O   . HOH D 3 .  ? 24.211  -12.614 -5.589  1.00 24.22 ? 78   HOH A O   1 
HETATM 1111 O O   . HOH D 3 .  ? 19.309  4.039   7.264   1.00 35.25 ? 79   HOH A O   1 
HETATM 1112 O O   . HOH D 3 .  ? 21.202  -20.446 -7.262  1.00 35.81 ? 80   HOH A O   1 
HETATM 1113 O O   . HOH D 3 .  ? 12.988  8.935   5.761   1.00 24.01 ? 81   HOH A O   1 
HETATM 1114 O O   . HOH D 3 .  ? -17.501 10.978  -5.332  1.00 24.30 ? 82   HOH A O   1 
HETATM 1115 O O   . HOH D 3 .  ? 20.693  0.925   1.877   1.00 30.99 ? 83   HOH A O   1 
HETATM 1116 O O   . HOH D 3 .  ? 10.820  1.827   7.101   1.00 21.57 ? 84   HOH A O   1 
HETATM 1117 O O   . HOH D 3 .  ? 24.346  -6.795  -8.789  1.00 39.30 ? 85   HOH A O   1 
HETATM 1118 O O   . HOH D 3 .  ? 11.595  5.503   -5.167  1.00 19.73 ? 86   HOH A O   1 
HETATM 1119 O O   . HOH D 3 .  ? 11.835  3.988   5.339   1.00 23.57 ? 87   HOH A O   1 
HETATM 1120 O O   . HOH D 3 .  ? 20.063  -4.307  -10.995 1.00 23.84 ? 88   HOH A O   1 
HETATM 1121 O O   . HOH D 3 .  ? -21.842 0.386   -6.840  1.00 30.97 ? 89   HOH A O   1 
HETATM 1122 O O   . HOH D 3 .  ? 13.732  -1.699  -11.670 1.00 41.72 ? 90   HOH A O   1 
HETATM 1123 O O   . HOH D 3 .  ? -1.603  6.405   0.172   1.00 26.43 ? 91   HOH A O   1 
HETATM 1124 O O   . HOH D 3 .  ? 22.531  -15.872 1.750   1.00 32.21 ? 92   HOH A O   1 
HETATM 1125 O O   . HOH D 3 .  ? 17.616  2.892   -7.151  1.00 27.16 ? 93   HOH A O   1 
HETATM 1126 O O   . HOH D 3 .  ? 23.076  -3.794  0.171   1.00 30.66 ? 94   HOH A O   1 
HETATM 1127 O O   . HOH D 3 .  ? 18.074  -5.620  -14.611 1.00 33.44 ? 95   HOH A O   1 
HETATM 1128 O O   . HOH D 3 .  ? -0.986  -22.350 -2.077  1.00 39.44 ? 96   HOH A O   1 
HETATM 1129 O O   . HOH D 3 .  ? 0.692   11.111  -5.605  1.00 40.45 ? 97   HOH A O   1 
HETATM 1130 O O   . HOH D 3 .  ? -9.779  7.120   -7.682  1.00 53.09 ? 98   HOH A O   1 
HETATM 1131 O O   . HOH D 3 .  ? -2.454  7.790   -2.830  1.00 37.02 ? 99   HOH A O   1 
HETATM 1132 O O   . HOH D 3 .  ? 10.167  5.959   5.660   0.5  35.44 ? 100  HOH A O   1 
HETATM 1133 O O   . HOH D 3 .  ? -5.545  12.625  -1.254  1.00 38.87 ? 101  HOH A O   1 
HETATM 1134 O O   . HOH D 3 .  ? -26.786 11.672  -0.429  1.00 34.35 ? 102  HOH A O   1 
HETATM 1135 O O   . HOH D 3 .  ? 2.174   1.339   -7.005  1.00 39.43 ? 103  HOH A O   1 
HETATM 1136 O O   . HOH D 3 .  ? -2.951  -21.628 -0.660  1.00 31.03 ? 104  HOH A O   1 
HETATM 1137 O O   . HOH E 3 .  ? -20.219 23.734  -9.442  1.00 19.64 ? 74   HOH B O   1 
HETATM 1138 O O   . HOH E 3 .  ? 7.302   -9.110  3.520   1.00 23.68 ? 75   HOH B O   1 
HETATM 1139 O O   . HOH E 3 .  ? -16.473 23.684  -9.629  1.00 26.20 ? 76   HOH B O   1 
HETATM 1140 O O   . HOH E 3 .  ? -6.945  15.566  3.923   1.00 24.29 ? 77   HOH B O   1 
HETATM 1141 O O   . HOH E 3 .  ? 10.758  -16.558 -7.240  1.00 30.31 ? 78   HOH B O   1 
HETATM 1142 O O   . HOH E 3 .  ? -0.426  9.184   6.942   1.00 20.97 ? 79   HOH B O   1 
HETATM 1143 O O   . HOH E 3 .  ? -0.063  11.604  5.856   1.00 30.21 ? 80   HOH B O   1 
HETATM 1144 O O   . HOH E 3 .  ? -10.286 16.060  11.326  1.00 31.82 ? 81   HOH B O   1 
HETATM 1145 O O   . HOH E 3 .  ? -18.508 -0.012  5.988   1.00 36.20 ? 82   HOH B O   1 
HETATM 1146 O O   . HOH E 3 .  ? -11.665 9.199   12.646  1.00 31.74 ? 83   HOH B O   1 
HETATM 1147 O O   . HOH E 3 .  ? -16.083 13.360  10.963  1.00 28.26 ? 84   HOH B O   1 
HETATM 1148 O O   . HOH E 3 .  ? -4.284  13.545  8.854   1.00 37.33 ? 85   HOH B O   1 
HETATM 1149 O O   . HOH E 3 .  ? -1.008  13.952  7.387   1.00 37.08 ? 86   HOH B O   1 
# 
